data_4HXS
# 
_entry.id   4HXS 
# 
_audit_conform.dict_name       mmcif_pdbx.dic 
_audit_conform.dict_version    5.387 
_audit_conform.dict_location   http://mmcif.pdb.org/dictionaries/ascii/mmcif_pdbx.dic 
# 
loop_
_database_2.database_id 
_database_2.database_code 
_database_2.pdbx_database_accession 
_database_2.pdbx_DOI 
PDB   4HXS         pdb_00004hxs 10.2210/pdb4hxs/pdb 
RCSB  RCSB076053   ?            ?                   
WWPDB D_1000076053 ?            ?                   
# 
loop_
_pdbx_audit_revision_history.ordinal 
_pdbx_audit_revision_history.data_content_type 
_pdbx_audit_revision_history.major_revision 
_pdbx_audit_revision_history.minor_revision 
_pdbx_audit_revision_history.revision_date 
1 'Structure model' 1 0 2013-04-03 
2 'Structure model' 1 1 2013-04-10 
3 'Structure model' 1 2 2013-06-19 
4 'Structure model' 1 3 2024-02-28 
# 
_pdbx_audit_revision_details.ordinal             1 
_pdbx_audit_revision_details.revision_ordinal    1 
_pdbx_audit_revision_details.data_content_type   'Structure model' 
_pdbx_audit_revision_details.provider            repository 
_pdbx_audit_revision_details.type                'Initial release' 
_pdbx_audit_revision_details.description         ? 
_pdbx_audit_revision_details.details             ? 
# 
loop_
_pdbx_audit_revision_group.ordinal 
_pdbx_audit_revision_group.revision_ordinal 
_pdbx_audit_revision_group.data_content_type 
_pdbx_audit_revision_group.group 
1 2 'Structure model' 'Structure summary'    
2 3 'Structure model' 'Database references'  
3 4 'Structure model' 'Data collection'      
4 4 'Structure model' 'Database references'  
5 4 'Structure model' 'Derived calculations' 
# 
loop_
_pdbx_audit_revision_category.ordinal 
_pdbx_audit_revision_category.revision_ordinal 
_pdbx_audit_revision_category.data_content_type 
_pdbx_audit_revision_category.category 
1 4 'Structure model' chem_comp_atom     
2 4 'Structure model' chem_comp_bond     
3 4 'Structure model' database_2         
4 4 'Structure model' struct_ref_seq_dif 
5 4 'Structure model' struct_site        
# 
loop_
_pdbx_audit_revision_item.ordinal 
_pdbx_audit_revision_item.revision_ordinal 
_pdbx_audit_revision_item.data_content_type 
_pdbx_audit_revision_item.item 
1 4 'Structure model' '_database_2.pdbx_DOI'                
2 4 'Structure model' '_database_2.pdbx_database_accession' 
3 4 'Structure model' '_struct_ref_seq_dif.details'         
4 4 'Structure model' '_struct_site.pdbx_auth_asym_id'      
5 4 'Structure model' '_struct_site.pdbx_auth_comp_id'      
6 4 'Structure model' '_struct_site.pdbx_auth_seq_id'       
# 
_pdbx_database_status.entry_id                        4HXS 
_pdbx_database_status.status_code                     REL 
_pdbx_database_status.deposit_site                    RCSB 
_pdbx_database_status.process_site                    RCSB 
_pdbx_database_status.recvd_initial_deposition_date   2012-11-12 
_pdbx_database_status.status_code_sf                  REL 
_pdbx_database_status.status_code_mr                  ? 
_pdbx_database_status.SG_entry                        ? 
_pdbx_database_status.status_code_cs                  ? 
_pdbx_database_status.methods_development_category    ? 
_pdbx_database_status.pdb_format_compatible           Y 
_pdbx_database_status.status_code_nmr_data            ? 
# 
loop_
_pdbx_database_related.db_name 
_pdbx_database_related.db_id 
_pdbx_database_related.details 
_pdbx_database_related.content_type 
PDB 4HXK . unspecified 
PDB 4HXL . unspecified 
PDB 4HXM . unspecified 
PDB 4HXN . unspecified 
PDB 4HXO . unspecified 
PDB 4HXP . unspecified 
PDB 4HXR . unspecified 
# 
loop_
_audit_author.name 
_audit_author.pdbx_ordinal 
'Chen, T.T.' 1 
'Cao, D.Y.'  2 
'Chen, W.Y.' 3 
'Xiong, B.'  4 
'Shen, J.K.' 5 
'Xu, Y.C.'   6 
# 
_citation.id                        primary 
_citation.title                     
'Fragment-Based Drug Discovery of 2-Thiazolidinones as Inhibitors of the Histone Reader BRD4 Bromodomain.' 
_citation.journal_abbrev            J.Med.Chem. 
_citation.journal_volume            56 
_citation.page_first                3833 
_citation.page_last                 3851 
_citation.year                      2013 
_citation.journal_id_ASTM           JMCMAR 
_citation.country                   US 
_citation.journal_id_ISSN           0022-2623 
_citation.journal_id_CSD            0151 
_citation.book_publisher            ? 
_citation.pdbx_database_id_PubMed   23530754 
_citation.pdbx_database_id_DOI      10.1021/jm301793a 
# 
loop_
_citation_author.citation_id 
_citation_author.name 
_citation_author.ordinal 
_citation_author.identifier_ORCID 
primary 'Zhao, L.'  1  ? 
primary 'Cao, D.'   2  ? 
primary 'Chen, T.'  3  ? 
primary 'Wang, Y.'  4  ? 
primary 'Miao, Z.'  5  ? 
primary 'Xu, Y.'    6  ? 
primary 'Chen, W.'  7  ? 
primary 'Wang, X.'  8  ? 
primary 'Li, Y.'    9  ? 
primary 'Du, Z.'    10 ? 
primary 'Xiong, B.' 11 ? 
primary 'Li, J.'    12 ? 
primary 'Xu, C.'    13 ? 
primary 'Zhang, N.' 14 ? 
primary 'He, J.'    15 ? 
primary 'Shen, J.'  16 ? 
# 
loop_
_entity.id 
_entity.type 
_entity.src_method 
_entity.pdbx_description 
_entity.formula_weight 
_entity.pdbx_number_of_molecules 
_entity.pdbx_ec 
_entity.pdbx_mutation 
_entity.pdbx_fragment 
_entity.details 
1 polymer     man 'Bromodomain-containing protein 4'                                            14754.074 1   ? ? ? ? 
2 non-polymer syn 'N-[3-(2-oxo-2,3-dihydro-1,3-thiazol-4-yl)phenyl]-1-phenylmethanesulfonamide' 346.424   1   ? ? ? ? 
3 water       nat water                                                                         18.015    132 ? ? ? ? 
# 
_entity_name_com.entity_id   1 
_entity_name_com.name        'Protein HUNK1' 
# 
_entity_poly.entity_id                      1 
_entity_poly.type                           'polypeptide(L)' 
_entity_poly.nstd_linkage                   no 
_entity_poly.nstd_monomer                   no 
_entity_poly.pdbx_seq_one_letter_code       
;MNPPPPETSNPNKPKRQTNQLQYLLRVVLKTLWKHQFAWPFQQPVDAVKLNLPDYYKIIKTPMDMGTIKKRLENNYYWNA
QECIQDFNTMFTNCYIYNKPGDDIVLMAEALEKLFLQKINELPT
;
_entity_poly.pdbx_seq_one_letter_code_can   
;MNPPPPETSNPNKPKRQTNQLQYLLRVVLKTLWKHQFAWPFQQPVDAVKLNLPDYYKIIKTPMDMGTIKKRLENNYYWNA
QECIQDFNTMFTNCYIYNKPGDDIVLMAEALEKLFLQKINELPT
;
_entity_poly.pdbx_strand_id                 A 
_entity_poly.pdbx_target_identifier         ? 
# 
loop_
_pdbx_entity_nonpoly.entity_id 
_pdbx_entity_nonpoly.name 
_pdbx_entity_nonpoly.comp_id 
2 'N-[3-(2-oxo-2,3-dihydro-1,3-thiazol-4-yl)phenyl]-1-phenylmethanesulfonamide' 1A3 
3 water                                                                         HOH 
# 
loop_
_entity_poly_seq.entity_id 
_entity_poly_seq.num 
_entity_poly_seq.mon_id 
_entity_poly_seq.hetero 
1 1   MET n 
1 2   ASN n 
1 3   PRO n 
1 4   PRO n 
1 5   PRO n 
1 6   PRO n 
1 7   GLU n 
1 8   THR n 
1 9   SER n 
1 10  ASN n 
1 11  PRO n 
1 12  ASN n 
1 13  LYS n 
1 14  PRO n 
1 15  LYS n 
1 16  ARG n 
1 17  GLN n 
1 18  THR n 
1 19  ASN n 
1 20  GLN n 
1 21  LEU n 
1 22  GLN n 
1 23  TYR n 
1 24  LEU n 
1 25  LEU n 
1 26  ARG n 
1 27  VAL n 
1 28  VAL n 
1 29  LEU n 
1 30  LYS n 
1 31  THR n 
1 32  LEU n 
1 33  TRP n 
1 34  LYS n 
1 35  HIS n 
1 36  GLN n 
1 37  PHE n 
1 38  ALA n 
1 39  TRP n 
1 40  PRO n 
1 41  PHE n 
1 42  GLN n 
1 43  GLN n 
1 44  PRO n 
1 45  VAL n 
1 46  ASP n 
1 47  ALA n 
1 48  VAL n 
1 49  LYS n 
1 50  LEU n 
1 51  ASN n 
1 52  LEU n 
1 53  PRO n 
1 54  ASP n 
1 55  TYR n 
1 56  TYR n 
1 57  LYS n 
1 58  ILE n 
1 59  ILE n 
1 60  LYS n 
1 61  THR n 
1 62  PRO n 
1 63  MET n 
1 64  ASP n 
1 65  MET n 
1 66  GLY n 
1 67  THR n 
1 68  ILE n 
1 69  LYS n 
1 70  LYS n 
1 71  ARG n 
1 72  LEU n 
1 73  GLU n 
1 74  ASN n 
1 75  ASN n 
1 76  TYR n 
1 77  TYR n 
1 78  TRP n 
1 79  ASN n 
1 80  ALA n 
1 81  GLN n 
1 82  GLU n 
1 83  CYS n 
1 84  ILE n 
1 85  GLN n 
1 86  ASP n 
1 87  PHE n 
1 88  ASN n 
1 89  THR n 
1 90  MET n 
1 91  PHE n 
1 92  THR n 
1 93  ASN n 
1 94  CYS n 
1 95  TYR n 
1 96  ILE n 
1 97  TYR n 
1 98  ASN n 
1 99  LYS n 
1 100 PRO n 
1 101 GLY n 
1 102 ASP n 
1 103 ASP n 
1 104 ILE n 
1 105 VAL n 
1 106 LEU n 
1 107 MET n 
1 108 ALA n 
1 109 GLU n 
1 110 ALA n 
1 111 LEU n 
1 112 GLU n 
1 113 LYS n 
1 114 LEU n 
1 115 PHE n 
1 116 LEU n 
1 117 GLN n 
1 118 LYS n 
1 119 ILE n 
1 120 ASN n 
1 121 GLU n 
1 122 LEU n 
1 123 PRO n 
1 124 THR n 
# 
_entity_src_gen.entity_id                          1 
_entity_src_gen.pdbx_src_id                        1 
_entity_src_gen.pdbx_alt_source_flag               sample 
_entity_src_gen.pdbx_seq_type                      ? 
_entity_src_gen.pdbx_beg_seq_num                   ? 
_entity_src_gen.pdbx_end_seq_num                   ? 
_entity_src_gen.gene_src_common_name               human 
_entity_src_gen.gene_src_genus                     ? 
_entity_src_gen.pdbx_gene_src_gene                 'BRD4, HUNK1' 
_entity_src_gen.gene_src_species                   ? 
_entity_src_gen.gene_src_strain                    ? 
_entity_src_gen.gene_src_tissue                    ? 
_entity_src_gen.gene_src_tissue_fraction           ? 
_entity_src_gen.gene_src_details                   ? 
_entity_src_gen.pdbx_gene_src_fragment             ? 
_entity_src_gen.pdbx_gene_src_scientific_name      'Homo sapiens' 
_entity_src_gen.pdbx_gene_src_ncbi_taxonomy_id     9606 
_entity_src_gen.pdbx_gene_src_variant              ? 
_entity_src_gen.pdbx_gene_src_cell_line            ? 
_entity_src_gen.pdbx_gene_src_atcc                 ? 
_entity_src_gen.pdbx_gene_src_organ                ? 
_entity_src_gen.pdbx_gene_src_organelle            ? 
_entity_src_gen.pdbx_gene_src_cell                 ? 
_entity_src_gen.pdbx_gene_src_cellular_location    ? 
_entity_src_gen.host_org_common_name               ? 
_entity_src_gen.pdbx_host_org_scientific_name      'Escherichia coli' 
_entity_src_gen.pdbx_host_org_ncbi_taxonomy_id     562 
_entity_src_gen.host_org_genus                     ? 
_entity_src_gen.pdbx_host_org_gene                 ? 
_entity_src_gen.pdbx_host_org_organ                ? 
_entity_src_gen.host_org_species                   ? 
_entity_src_gen.pdbx_host_org_tissue               ? 
_entity_src_gen.pdbx_host_org_tissue_fraction      ? 
_entity_src_gen.pdbx_host_org_strain               'BL21(DE3)codon plus' 
_entity_src_gen.pdbx_host_org_variant              ? 
_entity_src_gen.pdbx_host_org_cell_line            ? 
_entity_src_gen.pdbx_host_org_atcc                 ? 
_entity_src_gen.pdbx_host_org_culture_collection   ? 
_entity_src_gen.pdbx_host_org_cell                 ? 
_entity_src_gen.pdbx_host_org_organelle            ? 
_entity_src_gen.pdbx_host_org_cellular_location    ? 
_entity_src_gen.pdbx_host_org_vector_type          plasmid 
_entity_src_gen.pdbx_host_org_vector               ? 
_entity_src_gen.host_org_details                   ? 
_entity_src_gen.expression_system_id               ? 
_entity_src_gen.plasmid_name                       pET28a 
_entity_src_gen.plasmid_details                    ? 
_entity_src_gen.pdbx_description                   ? 
# 
loop_
_chem_comp.id 
_chem_comp.type 
_chem_comp.mon_nstd_flag 
_chem_comp.name 
_chem_comp.pdbx_synonyms 
_chem_comp.formula 
_chem_comp.formula_weight 
1A3 non-polymer         . 'N-[3-(2-oxo-2,3-dihydro-1,3-thiazol-4-yl)phenyl]-1-phenylmethanesulfonamide' ? 'C16 H14 N2 O3 S2' 
346.424 
ALA 'L-peptide linking' y ALANINE                                                                       ? 'C3 H7 N O2'       
89.093  
ARG 'L-peptide linking' y ARGININE                                                                      ? 'C6 H15 N4 O2 1'   
175.209 
ASN 'L-peptide linking' y ASPARAGINE                                                                    ? 'C4 H8 N2 O3'      
132.118 
ASP 'L-peptide linking' y 'ASPARTIC ACID'                                                               ? 'C4 H7 N O4'       
133.103 
CYS 'L-peptide linking' y CYSTEINE                                                                      ? 'C3 H7 N O2 S'     
121.158 
GLN 'L-peptide linking' y GLUTAMINE                                                                     ? 'C5 H10 N2 O3'     
146.144 
GLU 'L-peptide linking' y 'GLUTAMIC ACID'                                                               ? 'C5 H9 N O4'       
147.129 
GLY 'peptide linking'   y GLYCINE                                                                       ? 'C2 H5 N O2'       
75.067  
HIS 'L-peptide linking' y HISTIDINE                                                                     ? 'C6 H10 N3 O2 1'   
156.162 
HOH non-polymer         . WATER                                                                         ? 'H2 O'             
18.015  
ILE 'L-peptide linking' y ISOLEUCINE                                                                    ? 'C6 H13 N O2'      
131.173 
LEU 'L-peptide linking' y LEUCINE                                                                       ? 'C6 H13 N O2'      
131.173 
LYS 'L-peptide linking' y LYSINE                                                                        ? 'C6 H15 N2 O2 1'   
147.195 
MET 'L-peptide linking' y METHIONINE                                                                    ? 'C5 H11 N O2 S'    
149.211 
PHE 'L-peptide linking' y PHENYLALANINE                                                                 ? 'C9 H11 N O2'      
165.189 
PRO 'L-peptide linking' y PROLINE                                                                       ? 'C5 H9 N O2'       
115.130 
SER 'L-peptide linking' y SERINE                                                                        ? 'C3 H7 N O3'       
105.093 
THR 'L-peptide linking' y THREONINE                                                                     ? 'C4 H9 N O3'       
119.119 
TRP 'L-peptide linking' y TRYPTOPHAN                                                                    ? 'C11 H12 N2 O2'    
204.225 
TYR 'L-peptide linking' y TYROSINE                                                                      ? 'C9 H11 N O3'      
181.189 
VAL 'L-peptide linking' y VALINE                                                                        ? 'C5 H11 N O2'      
117.146 
# 
loop_
_pdbx_poly_seq_scheme.asym_id 
_pdbx_poly_seq_scheme.entity_id 
_pdbx_poly_seq_scheme.seq_id 
_pdbx_poly_seq_scheme.mon_id 
_pdbx_poly_seq_scheme.ndb_seq_num 
_pdbx_poly_seq_scheme.pdb_seq_num 
_pdbx_poly_seq_scheme.auth_seq_num 
_pdbx_poly_seq_scheme.pdb_mon_id 
_pdbx_poly_seq_scheme.auth_mon_id 
_pdbx_poly_seq_scheme.pdb_strand_id 
_pdbx_poly_seq_scheme.pdb_ins_code 
_pdbx_poly_seq_scheme.hetero 
A 1 1   MET 1   43  43  MET MET A . n 
A 1 2   ASN 2   44  44  ASN ASN A . n 
A 1 3   PRO 3   45  45  PRO PRO A . n 
A 1 4   PRO 4   46  46  PRO PRO A . n 
A 1 5   PRO 5   47  47  PRO PRO A . n 
A 1 6   PRO 6   48  48  PRO PRO A . n 
A 1 7   GLU 7   49  49  GLU GLU A . n 
A 1 8   THR 8   50  50  THR THR A . n 
A 1 9   SER 9   51  51  SER SER A . n 
A 1 10  ASN 10  52  52  ASN ASN A . n 
A 1 11  PRO 11  53  53  PRO PRO A . n 
A 1 12  ASN 12  54  54  ASN ASN A . n 
A 1 13  LYS 13  55  55  LYS LYS A . n 
A 1 14  PRO 14  56  56  PRO PRO A . n 
A 1 15  LYS 15  57  57  LYS LYS A . n 
A 1 16  ARG 16  58  58  ARG ARG A . n 
A 1 17  GLN 17  59  59  GLN GLN A . n 
A 1 18  THR 18  60  60  THR THR A . n 
A 1 19  ASN 19  61  61  ASN ASN A . n 
A 1 20  GLN 20  62  62  GLN GLN A . n 
A 1 21  LEU 21  63  63  LEU LEU A . n 
A 1 22  GLN 22  64  64  GLN GLN A . n 
A 1 23  TYR 23  65  65  TYR TYR A . n 
A 1 24  LEU 24  66  66  LEU LEU A . n 
A 1 25  LEU 25  67  67  LEU LEU A . n 
A 1 26  ARG 26  68  68  ARG ARG A . n 
A 1 27  VAL 27  69  69  VAL VAL A . n 
A 1 28  VAL 28  70  70  VAL VAL A . n 
A 1 29  LEU 29  71  71  LEU LEU A . n 
A 1 30  LYS 30  72  72  LYS LYS A . n 
A 1 31  THR 31  73  73  THR THR A . n 
A 1 32  LEU 32  74  74  LEU LEU A . n 
A 1 33  TRP 33  75  75  TRP TRP A . n 
A 1 34  LYS 34  76  76  LYS LYS A . n 
A 1 35  HIS 35  77  77  HIS HIS A . n 
A 1 36  GLN 36  78  78  GLN GLN A . n 
A 1 37  PHE 37  79  79  PHE PHE A . n 
A 1 38  ALA 38  80  80  ALA ALA A . n 
A 1 39  TRP 39  81  81  TRP TRP A . n 
A 1 40  PRO 40  82  82  PRO PRO A . n 
A 1 41  PHE 41  83  83  PHE PHE A . n 
A 1 42  GLN 42  84  84  GLN GLN A . n 
A 1 43  GLN 43  85  85  GLN GLN A . n 
A 1 44  PRO 44  86  86  PRO PRO A . n 
A 1 45  VAL 45  87  87  VAL VAL A . n 
A 1 46  ASP 46  88  88  ASP ASP A . n 
A 1 47  ALA 47  89  89  ALA ALA A . n 
A 1 48  VAL 48  90  90  VAL VAL A . n 
A 1 49  LYS 49  91  91  LYS LYS A . n 
A 1 50  LEU 50  92  92  LEU LEU A . n 
A 1 51  ASN 51  93  93  ASN ASN A . n 
A 1 52  LEU 52  94  94  LEU LEU A . n 
A 1 53  PRO 53  95  95  PRO PRO A . n 
A 1 54  ASP 54  96  96  ASP ASP A . n 
A 1 55  TYR 55  97  97  TYR TYR A . n 
A 1 56  TYR 56  98  98  TYR TYR A . n 
A 1 57  LYS 57  99  99  LYS LYS A . n 
A 1 58  ILE 58  100 100 ILE ILE A . n 
A 1 59  ILE 59  101 101 ILE ILE A . n 
A 1 60  LYS 60  102 102 LYS LYS A . n 
A 1 61  THR 61  103 103 THR THR A . n 
A 1 62  PRO 62  104 104 PRO PRO A . n 
A 1 63  MET 63  105 105 MET MET A . n 
A 1 64  ASP 64  106 106 ASP ASP A . n 
A 1 65  MET 65  107 107 MET MET A . n 
A 1 66  GLY 66  108 108 GLY GLY A . n 
A 1 67  THR 67  109 109 THR THR A . n 
A 1 68  ILE 68  110 110 ILE ILE A . n 
A 1 69  LYS 69  111 111 LYS LYS A . n 
A 1 70  LYS 70  112 112 LYS LYS A . n 
A 1 71  ARG 71  113 113 ARG ARG A . n 
A 1 72  LEU 72  114 114 LEU LEU A . n 
A 1 73  GLU 73  115 115 GLU GLU A . n 
A 1 74  ASN 74  116 116 ASN ASN A . n 
A 1 75  ASN 75  117 117 ASN ASN A . n 
A 1 76  TYR 76  118 118 TYR TYR A . n 
A 1 77  TYR 77  119 119 TYR TYR A . n 
A 1 78  TRP 78  120 120 TRP TRP A . n 
A 1 79  ASN 79  121 121 ASN ASN A . n 
A 1 80  ALA 80  122 122 ALA ALA A . n 
A 1 81  GLN 81  123 123 GLN GLN A . n 
A 1 82  GLU 82  124 124 GLU GLU A . n 
A 1 83  CYS 83  125 125 CYS CYS A . n 
A 1 84  ILE 84  126 126 ILE ILE A . n 
A 1 85  GLN 85  127 127 GLN GLN A . n 
A 1 86  ASP 86  128 128 ASP ASP A . n 
A 1 87  PHE 87  129 129 PHE PHE A . n 
A 1 88  ASN 88  130 130 ASN ASN A . n 
A 1 89  THR 89  131 131 THR THR A . n 
A 1 90  MET 90  132 132 MET MET A . n 
A 1 91  PHE 91  133 133 PHE PHE A . n 
A 1 92  THR 92  134 134 THR THR A . n 
A 1 93  ASN 93  135 135 ASN ASN A . n 
A 1 94  CYS 94  136 136 CYS CYS A . n 
A 1 95  TYR 95  137 137 TYR TYR A . n 
A 1 96  ILE 96  138 138 ILE ILE A . n 
A 1 97  TYR 97  139 139 TYR TYR A . n 
A 1 98  ASN 98  140 140 ASN ASN A . n 
A 1 99  LYS 99  141 141 LYS LYS A . n 
A 1 100 PRO 100 142 142 PRO PRO A . n 
A 1 101 GLY 101 143 143 GLY GLY A . n 
A 1 102 ASP 102 144 144 ASP ASP A . n 
A 1 103 ASP 103 145 145 ASP ASP A . n 
A 1 104 ILE 104 146 146 ILE ILE A . n 
A 1 105 VAL 105 147 147 VAL VAL A . n 
A 1 106 LEU 106 148 148 LEU LEU A . n 
A 1 107 MET 107 149 149 MET MET A . n 
A 1 108 ALA 108 150 150 ALA ALA A . n 
A 1 109 GLU 109 151 151 GLU GLU A . n 
A 1 110 ALA 110 152 152 ALA ALA A . n 
A 1 111 LEU 111 153 153 LEU LEU A . n 
A 1 112 GLU 112 154 154 GLU GLU A . n 
A 1 113 LYS 113 155 155 LYS LYS A . n 
A 1 114 LEU 114 156 156 LEU LEU A . n 
A 1 115 PHE 115 157 157 PHE PHE A . n 
A 1 116 LEU 116 158 158 LEU LEU A . n 
A 1 117 GLN 117 159 159 GLN GLN A . n 
A 1 118 LYS 118 160 160 LYS LYS A . n 
A 1 119 ILE 119 161 161 ILE ILE A . n 
A 1 120 ASN 120 162 162 ASN ASN A . n 
A 1 121 GLU 121 163 163 GLU GLU A . n 
A 1 122 LEU 122 164 164 LEU LEU A . n 
A 1 123 PRO 123 165 165 PRO PRO A . n 
A 1 124 THR 124 166 166 THR THR A . n 
# 
loop_
_pdbx_nonpoly_scheme.asym_id 
_pdbx_nonpoly_scheme.entity_id 
_pdbx_nonpoly_scheme.mon_id 
_pdbx_nonpoly_scheme.ndb_seq_num 
_pdbx_nonpoly_scheme.pdb_seq_num 
_pdbx_nonpoly_scheme.auth_seq_num 
_pdbx_nonpoly_scheme.pdb_mon_id 
_pdbx_nonpoly_scheme.auth_mon_id 
_pdbx_nonpoly_scheme.pdb_strand_id 
_pdbx_nonpoly_scheme.pdb_ins_code 
B 2 1A3 1   201 1   1A3 DRG A . 
C 3 HOH 1   301 1   HOH HOH A . 
C 3 HOH 2   302 2   HOH HOH A . 
C 3 HOH 3   303 3   HOH HOH A . 
C 3 HOH 4   304 4   HOH HOH A . 
C 3 HOH 5   305 5   HOH HOH A . 
C 3 HOH 6   306 6   HOH HOH A . 
C 3 HOH 7   307 7   HOH HOH A . 
C 3 HOH 8   308 8   HOH HOH A . 
C 3 HOH 9   309 9   HOH HOH A . 
C 3 HOH 10  310 10  HOH HOH A . 
C 3 HOH 11  311 11  HOH HOH A . 
C 3 HOH 12  312 12  HOH HOH A . 
C 3 HOH 13  313 13  HOH HOH A . 
C 3 HOH 14  314 14  HOH HOH A . 
C 3 HOH 15  315 15  HOH HOH A . 
C 3 HOH 16  316 16  HOH HOH A . 
C 3 HOH 17  317 17  HOH HOH A . 
C 3 HOH 18  318 18  HOH HOH A . 
C 3 HOH 19  319 19  HOH HOH A . 
C 3 HOH 20  320 20  HOH HOH A . 
C 3 HOH 21  321 21  HOH HOH A . 
C 3 HOH 22  322 22  HOH HOH A . 
C 3 HOH 23  323 23  HOH HOH A . 
C 3 HOH 24  324 24  HOH HOH A . 
C 3 HOH 25  325 25  HOH HOH A . 
C 3 HOH 26  326 26  HOH HOH A . 
C 3 HOH 27  327 27  HOH HOH A . 
C 3 HOH 28  328 28  HOH HOH A . 
C 3 HOH 29  329 29  HOH HOH A . 
C 3 HOH 30  330 30  HOH HOH A . 
C 3 HOH 31  331 31  HOH HOH A . 
C 3 HOH 32  332 32  HOH HOH A . 
C 3 HOH 33  333 33  HOH HOH A . 
C 3 HOH 34  334 34  HOH HOH A . 
C 3 HOH 35  335 35  HOH HOH A . 
C 3 HOH 36  336 36  HOH HOH A . 
C 3 HOH 37  337 37  HOH HOH A . 
C 3 HOH 38  338 38  HOH HOH A . 
C 3 HOH 39  339 39  HOH HOH A . 
C 3 HOH 40  340 40  HOH HOH A . 
C 3 HOH 41  341 41  HOH HOH A . 
C 3 HOH 42  342 42  HOH HOH A . 
C 3 HOH 43  343 43  HOH HOH A . 
C 3 HOH 44  344 44  HOH HOH A . 
C 3 HOH 45  345 45  HOH HOH A . 
C 3 HOH 46  346 46  HOH HOH A . 
C 3 HOH 47  347 47  HOH HOH A . 
C 3 HOH 48  348 48  HOH HOH A . 
C 3 HOH 49  349 49  HOH HOH A . 
C 3 HOH 50  350 50  HOH HOH A . 
C 3 HOH 51  351 51  HOH HOH A . 
C 3 HOH 52  352 52  HOH HOH A . 
C 3 HOH 53  353 53  HOH HOH A . 
C 3 HOH 54  354 54  HOH HOH A . 
C 3 HOH 55  355 55  HOH HOH A . 
C 3 HOH 56  356 56  HOH HOH A . 
C 3 HOH 57  357 57  HOH HOH A . 
C 3 HOH 58  358 58  HOH HOH A . 
C 3 HOH 59  359 59  HOH HOH A . 
C 3 HOH 60  360 60  HOH HOH A . 
C 3 HOH 61  361 61  HOH HOH A . 
C 3 HOH 62  362 62  HOH HOH A . 
C 3 HOH 63  363 63  HOH HOH A . 
C 3 HOH 64  364 64  HOH HOH A . 
C 3 HOH 65  365 65  HOH HOH A . 
C 3 HOH 66  366 66  HOH HOH A . 
C 3 HOH 67  367 67  HOH HOH A . 
C 3 HOH 68  368 68  HOH HOH A . 
C 3 HOH 69  369 69  HOH HOH A . 
C 3 HOH 70  370 70  HOH HOH A . 
C 3 HOH 71  371 71  HOH HOH A . 
C 3 HOH 72  372 72  HOH HOH A . 
C 3 HOH 73  373 73  HOH HOH A . 
C 3 HOH 74  374 74  HOH HOH A . 
C 3 HOH 75  375 75  HOH HOH A . 
C 3 HOH 76  376 76  HOH HOH A . 
C 3 HOH 77  377 77  HOH HOH A . 
C 3 HOH 78  378 78  HOH HOH A . 
C 3 HOH 79  379 79  HOH HOH A . 
C 3 HOH 80  380 80  HOH HOH A . 
C 3 HOH 81  381 81  HOH HOH A . 
C 3 HOH 82  382 82  HOH HOH A . 
C 3 HOH 83  383 83  HOH HOH A . 
C 3 HOH 84  384 84  HOH HOH A . 
C 3 HOH 85  385 85  HOH HOH A . 
C 3 HOH 86  386 86  HOH HOH A . 
C 3 HOH 87  387 87  HOH HOH A . 
C 3 HOH 88  388 88  HOH HOH A . 
C 3 HOH 89  389 89  HOH HOH A . 
C 3 HOH 90  390 90  HOH HOH A . 
C 3 HOH 91  391 91  HOH HOH A . 
C 3 HOH 92  392 92  HOH HOH A . 
C 3 HOH 93  393 93  HOH HOH A . 
C 3 HOH 94  394 94  HOH HOH A . 
C 3 HOH 95  395 95  HOH HOH A . 
C 3 HOH 96  396 96  HOH HOH A . 
C 3 HOH 97  397 97  HOH HOH A . 
C 3 HOH 98  398 98  HOH HOH A . 
C 3 HOH 99  399 99  HOH HOH A . 
C 3 HOH 100 400 100 HOH HOH A . 
C 3 HOH 101 401 101 HOH HOH A . 
C 3 HOH 102 402 102 HOH HOH A . 
C 3 HOH 103 403 103 HOH HOH A . 
C 3 HOH 104 404 104 HOH HOH A . 
C 3 HOH 105 405 105 HOH HOH A . 
C 3 HOH 106 406 106 HOH HOH A . 
C 3 HOH 107 407 107 HOH HOH A . 
C 3 HOH 108 408 108 HOH HOH A . 
C 3 HOH 109 409 109 HOH HOH A . 
C 3 HOH 110 410 110 HOH HOH A . 
C 3 HOH 111 411 111 HOH HOH A . 
C 3 HOH 112 412 112 HOH HOH A . 
C 3 HOH 113 413 113 HOH HOH A . 
C 3 HOH 114 414 114 HOH HOH A . 
C 3 HOH 115 415 115 HOH HOH A . 
C 3 HOH 116 416 116 HOH HOH A . 
C 3 HOH 117 417 117 HOH HOH A . 
C 3 HOH 118 418 118 HOH HOH A . 
C 3 HOH 119 419 119 HOH HOH A . 
C 3 HOH 120 420 120 HOH HOH A . 
C 3 HOH 121 421 121 HOH HOH A . 
C 3 HOH 122 422 122 HOH HOH A . 
C 3 HOH 123 423 123 HOH HOH A . 
C 3 HOH 124 424 124 HOH HOH A . 
C 3 HOH 125 425 125 HOH HOH A . 
C 3 HOH 126 426 126 HOH HOH A . 
C 3 HOH 127 427 127 HOH HOH A . 
C 3 HOH 128 428 128 HOH HOH A . 
C 3 HOH 129 429 129 HOH HOH A . 
C 3 HOH 130 430 130 HOH HOH A . 
C 3 HOH 131 431 131 HOH HOH A . 
C 3 HOH 132 432 132 HOH HOH A . 
# 
loop_
_software.pdbx_ordinal 
_software.name 
_software.version 
_software.date 
_software.type 
_software.contact_author 
_software.contact_author_email 
_software.classification 
_software.location 
_software.language 
_software.citation_id 
1 XSCALE      .        ?                          package 'Wolfgang Kabsch' ?                           'data scaling'    
http://www.mpimf-heidelberg.mpg.de/~kabsch/xds/html_doc/xscale_program.html ?   ? 
2 PHASER      2.1.4    'Wed Jun 24 14:00:05 2009' program 'Randy J. Read'   cimr-phaser@lists.cam.ac.uk phasing           
http://www-structmed.cimr.cam.ac.uk/phaser/                                 ?   ? 
3 PHENIX      1.8_1069 ?                          package 'Paul D. Adams'   PDAdams@lbl.gov             refinement        
http://www.phenix-online.org/                                               C++ ? 
4 PDB_EXTRACT 3.11     'April 22, 2011'           package PDB               deposit@deposit.rcsb.org    'data extraction' 
http://sw-tools.pdb.org/apps/PDB_EXTRACT/                                   C++ ? 
5 Blu-Ice     .        ?                          ?       ?                 ?                           'data collection' ? ?   ? 
6 XDS         .        ?                          ?       ?                 ?                           'data reduction'  ? ?   ? 
# 
_cell.length_a           32.140 
_cell.length_b           47.140 
_cell.length_c           78.910 
_cell.angle_alpha        90.000 
_cell.angle_beta         90.000 
_cell.angle_gamma        90.000 
_cell.entry_id           4HXS 
_cell.pdbx_unique_axis   ? 
_cell.Z_PDB              4 
_cell.length_a_esd       ? 
_cell.length_b_esd       ? 
_cell.length_c_esd       ? 
_cell.angle_alpha_esd    ? 
_cell.angle_beta_esd     ? 
_cell.angle_gamma_esd    ? 
# 
_symmetry.space_group_name_H-M             'P 21 21 21' 
_symmetry.entry_id                         4HXS 
_symmetry.Int_Tables_number                19 
_symmetry.pdbx_full_space_group_name_H-M   ? 
_symmetry.cell_setting                     ? 
_symmetry.space_group_name_Hall            ? 
# 
_exptl.crystals_number   1 
_exptl.entry_id          4HXS 
_exptl.method            'X-RAY DIFFRACTION' 
# 
_exptl_crystal.id                    1 
_exptl_crystal.density_Matthews      2.03 
_exptl_crystal.density_meas          ? 
_exptl_crystal.density_percent_sol   39.28 
_exptl_crystal.description           ? 
_exptl_crystal.F_000                 ? 
_exptl_crystal.preparation           ? 
# 
_exptl_crystal_grow.crystal_id      1 
_exptl_crystal_grow.method          'VAPOR DIFFUSION, HANGING DROP' 
_exptl_crystal_grow.pH              ? 
_exptl_crystal_grow.temp            293 
_exptl_crystal_grow.pdbx_details    '3.6M Na formate, 10% glycerol, vapor diffusion, hanging drop, temperature 293K' 
_exptl_crystal_grow.temp_details    ? 
_exptl_crystal_grow.pdbx_pH_range   ? 
# 
_diffrn.id                     1 
_diffrn.ambient_temp           100 
_diffrn.ambient_temp_details   ? 
_diffrn.crystal_id             1 
# 
_diffrn_detector.diffrn_id              1 
_diffrn_detector.detector               CCD 
_diffrn_detector.type                   'ADSC QUANTUM 315r' 
_diffrn_detector.pdbx_collection_date   2012-05-08 
_diffrn_detector.details                ? 
# 
_diffrn_radiation.diffrn_id                        1 
_diffrn_radiation.pdbx_diffrn_protocol             'SINGLE WAVELENGTH' 
_diffrn_radiation.monochromator                    ? 
_diffrn_radiation.wavelength_id                    1 
_diffrn_radiation.pdbx_monochromatic_or_laue_m_l   M 
_diffrn_radiation.pdbx_scattering_type             x-ray 
# 
_diffrn_radiation_wavelength.id           1 
_diffrn_radiation_wavelength.wavelength   0.979 
_diffrn_radiation_wavelength.wt           1.0 
# 
_diffrn_source.diffrn_id                   1 
_diffrn_source.source                      SYNCHROTRON 
_diffrn_source.type                        'SSRF BEAMLINE BL17U' 
_diffrn_source.pdbx_wavelength_list        0.979 
_diffrn_source.pdbx_wavelength             ? 
_diffrn_source.pdbx_synchrotron_site       SSRF 
_diffrn_source.pdbx_synchrotron_beamline   BL17U 
# 
_reflns.entry_id                     4HXS 
_reflns.d_resolution_high            1.430 
_reflns.number_obs                   22659 
_reflns.pdbx_Rmerge_I_obs            0.040 
_reflns.pdbx_netI_over_sigmaI        29.980 
_reflns.percent_possible_obs         99.100 
_reflns.B_iso_Wilson_estimate        17.891 
_reflns.observed_criterion_sigma_I   -3.000 
_reflns.observed_criterion_sigma_F   ? 
_reflns.d_resolution_low             40.4690 
_reflns.number_all                   ? 
_reflns.pdbx_Rsym_value              ? 
_reflns.pdbx_redundancy              ? 
_reflns.R_free_details               ? 
_reflns.limit_h_max                  ? 
_reflns.limit_h_min                  ? 
_reflns.limit_k_max                  ? 
_reflns.limit_k_min                  ? 
_reflns.limit_l_max                  ? 
_reflns.limit_l_min                  ? 
_reflns.observed_criterion_F_max     ? 
_reflns.observed_criterion_F_min     ? 
_reflns.pdbx_chi_squared             ? 
_reflns.pdbx_scaling_rejects         ? 
_reflns.pdbx_ordinal                 1 
_reflns.pdbx_diffrn_id               1 
# 
loop_
_reflns_shell.d_res_high 
_reflns_shell.d_res_low 
_reflns_shell.number_measured_obs 
_reflns_shell.number_measured_all 
_reflns_shell.number_unique_obs 
_reflns_shell.Rmerge_I_obs 
_reflns_shell.meanI_over_sigI_obs 
_reflns_shell.pdbx_Rsym_value 
_reflns_shell.pdbx_chi_squared 
_reflns_shell.pdbx_redundancy 
_reflns_shell.percent_possible_obs 
_reflns_shell.number_unique_all 
_reflns_shell.percent_possible_all 
_reflns_shell.pdbx_ordinal 
_reflns_shell.pdbx_diffrn_id 
1.430 1.470 11856 ? 1676 0.141 12.470 ? ? ? ? ? 100.000 1  1 
1.470 1.510 11407 ? 1601 0.115 15.060 ? ? ? ? ? 99.900  2  1 
1.510 1.550 11182 ? 1572 0.100 16.680 ? ? ? ? ? 100.000 3  1 
1.550 1.600 10941 ? 1535 0.082 18.950 ? ? ? ? ? 100.000 4  1 
1.600 1.650 10589 ? 1481 0.073 21.540 ? ? ? ? ? 100.000 5  1 
1.650 1.710 10359 ? 1454 0.065 24.030 ? ? ? ? ? 100.000 6  1 
1.710 1.770 10056 ? 1401 0.058 26.510 ? ? ? ? ? 100.000 7  1 
1.770 1.850 9508  ? 1334 0.053 29.080 ? ? ? ? ? 100.000 8  1 
1.850 1.930 9142  ? 1285 0.046 32.440 ? ? ? ? ? 100.000 9  1 
1.930 2.020 8836  ? 1244 0.042 35.830 ? ? ? ? ? 100.000 10 1 
2.020 2.130 8396  ? 1183 0.039 39.460 ? ? ? ? ? 100.000 11 1 
2.130 2.260 7826  ? 1110 0.037 41.740 ? ? ? ? ? 100.000 12 1 
2.260 2.420 7355  ? 1051 0.037 42.930 ? ? ? ? ? 99.900  13 1 
2.420 2.610 6895  ? 995  0.037 44.070 ? ? ? ? ? 100.000 14 1 
2.610 2.860 6206  ? 914  0.036 45.670 ? ? ? ? ? 99.700  15 1 
2.860 3.200 5437  ? 831  0.034 45.740 ? ? ? ? ? 99.500  16 1 
3.200 3.690 4479  ? 731  0.034 45.930 ? ? ? ? ? 98.500  17 1 
3.690 4.520 3381  ? 581  0.032 44.640 ? ? ? ? ? 91.400  18 1 
4.520 6.400 2608  ? 465  0.032 43.720 ? ? ? ? ? 90.500  19 1 
6.400 ?     1019  ? 215  0.038 39.190 ? ? ? ? ? 70.500  20 1 
# 
_refine.entry_id                                 4HXS 
_refine.ls_d_res_high                            1.4300 
_refine.ls_d_res_low                             40.4690 
_refine.pdbx_ls_sigma_F                          2.000 
_refine.pdbx_data_cutoff_high_absF               ? 
_refine.pdbx_data_cutoff_low_absF                ? 
_refine.ls_percent_reflns_obs                    99.0500 
_refine.ls_number_reflns_obs                     22657 
_refine.ls_number_reflns_all                     ? 
_refine.pdbx_ls_cross_valid_method               ? 
_refine.pdbx_R_Free_selection_details            ? 
_refine.details                                  ? 
_refine.ls_R_factor_all                          ? 
_refine.ls_R_factor_obs                          0.1786 
_refine.ls_R_factor_R_work                       0.1778 
_refine.ls_wR_factor_R_work                      ? 
_refine.ls_R_factor_R_free                       0.2040 
_refine.ls_wR_factor_R_free                      ? 
_refine.ls_percent_reflns_R_free                 3.0000 
_refine.ls_number_reflns_R_free                  680 
_refine.ls_R_factor_R_free_error                 ? 
_refine.B_iso_mean                               15.1415 
_refine.solvent_model_param_bsol                 ? 
_refine.solvent_model_param_ksol                 ? 
_refine.pdbx_isotropic_thermal_model             ? 
_refine.aniso_B[1][1]                            ? 
_refine.aniso_B[2][2]                            ? 
_refine.aniso_B[3][3]                            ? 
_refine.aniso_B[1][2]                            ? 
_refine.aniso_B[1][3]                            ? 
_refine.aniso_B[2][3]                            ? 
_refine.correlation_coeff_Fo_to_Fc               ? 
_refine.correlation_coeff_Fo_to_Fc_free          ? 
_refine.overall_SU_R_Cruickshank_DPI             ? 
_refine.overall_SU_R_free                        ? 
_refine.pdbx_overall_ESU_R                       ? 
_refine.pdbx_overall_ESU_R_Free                  ? 
_refine.overall_SU_ML                            0.1000 
_refine.overall_SU_B                             ? 
_refine.solvent_model_details                    'FLAT BULK SOLVENT MODEL' 
_refine.pdbx_solvent_vdw_probe_radii             1.1100 
_refine.pdbx_solvent_ion_probe_radii             ? 
_refine.pdbx_solvent_shrinkage_radii             0.9000 
_refine.ls_number_parameters                     ? 
_refine.ls_number_restraints                     ? 
_refine.pdbx_starting_model                      ? 
_refine.pdbx_method_to_determine_struct          'MOLECULAR REPLACEMENT' 
_refine.pdbx_stereochemistry_target_values       MLHL 
_refine.pdbx_stereochem_target_val_spec_case     ? 
_refine.overall_FOM_work_R_set                   0.8740 
_refine.B_iso_max                                47.470 
_refine.B_iso_min                                6.480 
_refine.pdbx_overall_phase_error                 18.8500 
_refine.occupancy_max                            1.000 
_refine.occupancy_min                            0.500 
_refine.pdbx_ls_sigma_I                          ? 
_refine.ls_redundancy_reflns_obs                 ? 
_refine.ls_R_factor_R_free_error_details         ? 
_refine.pdbx_data_cutoff_high_rms_absF           ? 
_refine.overall_FOM_free_R_set                   ? 
_refine.pdbx_diffrn_id                           1 
_refine.pdbx_refine_id                           'X-RAY DIFFRACTION' 
_refine.pdbx_TLS_residual_ADP_flag               ? 
_refine.pdbx_overall_SU_R_free_Cruickshank_DPI   ? 
_refine.pdbx_overall_SU_R_Blow_DPI               ? 
_refine.pdbx_overall_SU_R_free_Blow_DPI          ? 
# 
_refine_hist.pdbx_refine_id                   'X-RAY DIFFRACTION' 
_refine_hist.cycle_id                         LAST 
_refine_hist.pdbx_number_atoms_protein        1037 
_refine_hist.pdbx_number_atoms_nucleic_acid   0 
_refine_hist.pdbx_number_atoms_ligand         23 
_refine_hist.number_atoms_solvent             132 
_refine_hist.number_atoms_total               1192 
_refine_hist.d_res_high                       1.4300 
_refine_hist.d_res_low                        40.4690 
# 
loop_
_refine_ls_restr.type 
_refine_ls_restr.number 
_refine_ls_restr.dev_ideal 
_refine_ls_restr.dev_ideal_target 
_refine_ls_restr.weight 
_refine_ls_restr.pdbx_restraint_function 
_refine_ls_restr.pdbx_refine_id 
f_bond_d           1097 0.006  ? ? ? 'X-RAY DIFFRACTION' 
f_angle_d          1496 1.169  ? ? ? 'X-RAY DIFFRACTION' 
f_chiral_restr     157  0.073  ? ? ? 'X-RAY DIFFRACTION' 
f_plane_restr      191  0.005  ? ? ? 'X-RAY DIFFRACTION' 
f_dihedral_angle_d 428  13.858 ? ? ? 'X-RAY DIFFRACTION' 
# 
loop_
_refine_ls_shell.d_res_high 
_refine_ls_shell.d_res_low 
_refine_ls_shell.pdbx_total_number_of_bins_used 
_refine_ls_shell.percent_reflns_obs 
_refine_ls_shell.number_reflns_R_work 
_refine_ls_shell.R_factor_all 
_refine_ls_shell.R_factor_R_work 
_refine_ls_shell.R_factor_R_free 
_refine_ls_shell.percent_reflns_R_free 
_refine_ls_shell.number_reflns_R_free 
_refine_ls_shell.R_factor_R_free_error 
_refine_ls_shell.number_reflns_all 
_refine_ls_shell.number_reflns_obs 
_refine_ls_shell.redundancy_reflns_obs 
_refine_ls_shell.pdbx_refine_id 
1.4301 1.5405  5 100.0000 4360 . 0.1661 0.2127 . 135 . 4495 . . 'X-RAY DIFFRACTION' 
1.5405 1.6956  5 100.0000 4376 . 0.1681 0.2130 . 135 . 4511 . . 'X-RAY DIFFRACTION' 
1.6956 1.9409  5 100.0000 4365 . 0.1709 0.1984 . 135 . 4500 . . 'X-RAY DIFFRACTION' 
1.9409 2.4453  5 100.0000 4448 . 0.1737 0.1936 . 137 . 4585 . . 'X-RAY DIFFRACTION' 
2.4453 40.4849 5 96.0000  4428 . 0.1870 0.2086 . 138 . 4566 . . 'X-RAY DIFFRACTION' 
# 
_struct.entry_id                  4HXS 
_struct.title                     
'Brd4 Bromodomain 1 complex with N-[3-(2-OXO-2,3-DIHYDRO-1,3-THIAZOL-4-YL)PHENYL]-1-PHENYLMETHANESULFONAMIDE inhibitor' 
_struct.pdbx_model_details        ? 
_struct.pdbx_CASP_flag            ? 
_struct.pdbx_model_type_details   ? 
# 
_struct_keywords.entry_id        4HXS 
_struct_keywords.text            'BRD4, Bromodomain, four alpha helices, PROTEIN BINDING-INHIBITOR complex' 
_struct_keywords.pdbx_keywords   'PROTEIN BINDING/INHIBITOR' 
# 
loop_
_struct_asym.id 
_struct_asym.pdbx_blank_PDB_chainid_flag 
_struct_asym.pdbx_modified 
_struct_asym.entity_id 
_struct_asym.details 
A N N 1 ? 
B N N 2 ? 
C N N 3 ? 
# 
_struct_ref.id                         1 
_struct_ref.db_name                    UNP 
_struct_ref.db_code                    BRD4_HUMAN 
_struct_ref.pdbx_db_accession          O60885 
_struct_ref.entity_id                  1 
_struct_ref.pdbx_seq_one_letter_code   
;NPPPPETSNPNKPKRQTNQLQYLLRVVLKTLWKHQFAWPFQQPVDAVKLNLPDYYKIIKTPMDMGTIKKRLENNYYWNAQ
ECIQDFNTMFTNCYIYNKPGDDIVLMAEALEKLFLQKINELPT
;
_struct_ref.pdbx_align_begin           44 
_struct_ref.pdbx_db_isoform            ? 
# 
_struct_ref_seq.align_id                      1 
_struct_ref_seq.ref_id                        1 
_struct_ref_seq.pdbx_PDB_id_code              4HXS 
_struct_ref_seq.pdbx_strand_id                A 
_struct_ref_seq.seq_align_beg                 2 
_struct_ref_seq.pdbx_seq_align_beg_ins_code   ? 
_struct_ref_seq.seq_align_end                 124 
_struct_ref_seq.pdbx_seq_align_end_ins_code   ? 
_struct_ref_seq.pdbx_db_accession             O60885 
_struct_ref_seq.db_align_beg                  44 
_struct_ref_seq.pdbx_db_align_beg_ins_code    ? 
_struct_ref_seq.db_align_end                  166 
_struct_ref_seq.pdbx_db_align_end_ins_code    ? 
_struct_ref_seq.pdbx_auth_seq_align_beg       44 
_struct_ref_seq.pdbx_auth_seq_align_end       166 
# 
_struct_ref_seq_dif.align_id                     1 
_struct_ref_seq_dif.pdbx_pdb_id_code             4HXS 
_struct_ref_seq_dif.mon_id                       MET 
_struct_ref_seq_dif.pdbx_pdb_strand_id           A 
_struct_ref_seq_dif.seq_num                      1 
_struct_ref_seq_dif.pdbx_pdb_ins_code            ? 
_struct_ref_seq_dif.pdbx_seq_db_name             UNP 
_struct_ref_seq_dif.pdbx_seq_db_accession_code   O60885 
_struct_ref_seq_dif.db_mon_id                    ? 
_struct_ref_seq_dif.pdbx_seq_db_seq_num          ? 
_struct_ref_seq_dif.details                      'expression tag' 
_struct_ref_seq_dif.pdbx_auth_seq_num            43 
_struct_ref_seq_dif.pdbx_ordinal                 1 
# 
_pdbx_struct_assembly.id                   1 
_pdbx_struct_assembly.details              author_and_software_defined_assembly 
_pdbx_struct_assembly.method_details       PISA 
_pdbx_struct_assembly.oligomeric_details   monomeric 
_pdbx_struct_assembly.oligomeric_count     1 
# 
_pdbx_struct_assembly_gen.assembly_id       1 
_pdbx_struct_assembly_gen.oper_expression   1 
_pdbx_struct_assembly_gen.asym_id_list      A,B,C 
# 
_pdbx_struct_oper_list.id                   1 
_pdbx_struct_oper_list.type                 'identity operation' 
_pdbx_struct_oper_list.name                 1_555 
_pdbx_struct_oper_list.symmetry_operation   x,y,z 
_pdbx_struct_oper_list.matrix[1][1]         1.0000000000 
_pdbx_struct_oper_list.matrix[1][2]         0.0000000000 
_pdbx_struct_oper_list.matrix[1][3]         0.0000000000 
_pdbx_struct_oper_list.vector[1]            0.0000000000 
_pdbx_struct_oper_list.matrix[2][1]         0.0000000000 
_pdbx_struct_oper_list.matrix[2][2]         1.0000000000 
_pdbx_struct_oper_list.matrix[2][3]         0.0000000000 
_pdbx_struct_oper_list.vector[2]            0.0000000000 
_pdbx_struct_oper_list.matrix[3][1]         0.0000000000 
_pdbx_struct_oper_list.matrix[3][2]         0.0000000000 
_pdbx_struct_oper_list.matrix[3][3]         1.0000000000 
_pdbx_struct_oper_list.vector[3]            0.0000000000 
# 
_struct_biol.id        1 
_struct_biol.details   ? 
# 
loop_
_struct_conf.conf_type_id 
_struct_conf.id 
_struct_conf.pdbx_PDB_helix_id 
_struct_conf.beg_label_comp_id 
_struct_conf.beg_label_asym_id 
_struct_conf.beg_label_seq_id 
_struct_conf.pdbx_beg_PDB_ins_code 
_struct_conf.end_label_comp_id 
_struct_conf.end_label_asym_id 
_struct_conf.end_label_seq_id 
_struct_conf.pdbx_end_PDB_ins_code 
_struct_conf.beg_auth_comp_id 
_struct_conf.beg_auth_asym_id 
_struct_conf.beg_auth_seq_id 
_struct_conf.end_auth_comp_id 
_struct_conf.end_auth_asym_id 
_struct_conf.end_auth_seq_id 
_struct_conf.pdbx_PDB_helix_class 
_struct_conf.details 
_struct_conf.pdbx_PDB_helix_length 
HELX_P HELX_P1 1 THR A 18  ? VAL A 27  ? THR A 60  VAL A 69  1 ? 10 
HELX_P HELX_P2 2 VAL A 27  ? TRP A 33  ? VAL A 69  TRP A 75  1 ? 7  
HELX_P HELX_P3 3 ALA A 38  ? GLN A 42  ? ALA A 80  GLN A 84  5 ? 5  
HELX_P HELX_P4 4 ASP A 54  ? ILE A 59  ? ASP A 96  ILE A 101 1 ? 6  
HELX_P HELX_P5 5 ASP A 64  ? ASN A 75  ? ASP A 106 ASN A 117 1 ? 12 
HELX_P HELX_P6 6 ASN A 79  ? ASN A 98  ? ASN A 121 ASN A 140 1 ? 20 
HELX_P HELX_P7 7 ASP A 102 ? ASN A 120 ? ASP A 144 ASN A 162 1 ? 19 
# 
_struct_conf_type.id          HELX_P 
_struct_conf_type.criteria    ? 
_struct_conf_type.reference   ? 
# 
_struct_site.id                   AC1 
_struct_site.pdbx_evidence_code   Software 
_struct_site.pdbx_auth_asym_id    A 
_struct_site.pdbx_auth_comp_id    1A3 
_struct_site.pdbx_auth_seq_id     201 
_struct_site.pdbx_auth_ins_code   ? 
_struct_site.pdbx_num_residues    12 
_struct_site.details              'BINDING SITE FOR RESIDUE 1A3 A 201' 
# 
loop_
_struct_site_gen.id 
_struct_site_gen.site_id 
_struct_site_gen.pdbx_num_res 
_struct_site_gen.label_comp_id 
_struct_site_gen.label_asym_id 
_struct_site_gen.label_seq_id 
_struct_site_gen.pdbx_auth_ins_code 
_struct_site_gen.auth_comp_id 
_struct_site_gen.auth_asym_id 
_struct_site_gen.auth_seq_id 
_struct_site_gen.label_atom_id 
_struct_site_gen.label_alt_id 
_struct_site_gen.symmetry 
_struct_site_gen.details 
1  AC1 12 TRP A 39  ? TRP A 81  . ? 1_555 ? 
2  AC1 12 PRO A 40  ? PRO A 82  . ? 1_555 ? 
3  AC1 12 GLN A 43  ? GLN A 85  . ? 1_555 ? 
4  AC1 12 LEU A 50  ? LEU A 92  . ? 1_555 ? 
5  AC1 12 PRO A 53  ? PRO A 95  . ? 4_555 ? 
6  AC1 12 ASP A 54  ? ASP A 96  . ? 4_555 ? 
7  AC1 12 ASN A 98  ? ASN A 140 . ? 1_555 ? 
8  AC1 12 ILE A 104 ? ILE A 146 . ? 1_555 ? 
9  AC1 12 HOH C .   ? HOH A 309 . ? 1_555 ? 
10 AC1 12 HOH C .   ? HOH A 314 . ? 1_555 ? 
11 AC1 12 HOH C .   ? HOH A 325 . ? 1_555 ? 
12 AC1 12 HOH C .   ? HOH A 429 . ? 1_555 ? 
# 
_pdbx_validate_close_contact.id               1 
_pdbx_validate_close_contact.PDB_model_num    1 
_pdbx_validate_close_contact.auth_atom_id_1   OAC 
_pdbx_validate_close_contact.auth_asym_id_1   A 
_pdbx_validate_close_contact.auth_comp_id_1   1A3 
_pdbx_validate_close_contact.auth_seq_id_1    201 
_pdbx_validate_close_contact.PDB_ins_code_1   ? 
_pdbx_validate_close_contact.label_alt_id_1   ? 
_pdbx_validate_close_contact.auth_atom_id_2   O 
_pdbx_validate_close_contact.auth_asym_id_2   A 
_pdbx_validate_close_contact.auth_comp_id_2   HOH 
_pdbx_validate_close_contact.auth_seq_id_2    429 
_pdbx_validate_close_contact.PDB_ins_code_2   ? 
_pdbx_validate_close_contact.label_alt_id_2   ? 
_pdbx_validate_close_contact.dist             2.11 
# 
loop_
_pdbx_validate_torsion.id 
_pdbx_validate_torsion.PDB_model_num 
_pdbx_validate_torsion.auth_comp_id 
_pdbx_validate_torsion.auth_asym_id 
_pdbx_validate_torsion.auth_seq_id 
_pdbx_validate_torsion.PDB_ins_code 
_pdbx_validate_torsion.label_alt_id 
_pdbx_validate_torsion.phi 
_pdbx_validate_torsion.psi 
1 1 ASN A 52  ? ? -163.66 106.18  
2 1 ASN A 140 ? ? -109.27 -155.54 
# 
_pdbx_phasing_MR.entry_id                     4HXS 
_pdbx_phasing_MR.method_rotation              ? 
_pdbx_phasing_MR.method_translation           ? 
_pdbx_phasing_MR.model_details                'Phaser MODE: MR_AUTO' 
_pdbx_phasing_MR.R_factor                     ? 
_pdbx_phasing_MR.R_rigid_body                 ? 
_pdbx_phasing_MR.correlation_coeff_Fo_to_Fc   ? 
_pdbx_phasing_MR.correlation_coeff_Io_to_Ic   ? 
_pdbx_phasing_MR.d_res_high_rotation          2.500 
_pdbx_phasing_MR.d_res_low_rotation           40.470 
_pdbx_phasing_MR.d_res_high_translation       2.500 
_pdbx_phasing_MR.d_res_low_translation        40.470 
_pdbx_phasing_MR.packing                      ? 
_pdbx_phasing_MR.reflns_percent_rotation      ? 
_pdbx_phasing_MR.reflns_percent_translation   ? 
_pdbx_phasing_MR.sigma_F_rotation             ? 
_pdbx_phasing_MR.sigma_F_translation          ? 
_pdbx_phasing_MR.sigma_I_rotation             ? 
_pdbx_phasing_MR.sigma_I_translation          ? 
# 
_phasing.method   MR 
# 
loop_
_chem_comp_atom.comp_id 
_chem_comp_atom.atom_id 
_chem_comp_atom.type_symbol 
_chem_comp_atom.pdbx_aromatic_flag 
_chem_comp_atom.pdbx_stereo_config 
_chem_comp_atom.pdbx_ordinal 
1A3 CAH  C Y N 1   
1A3 CAE  C Y N 2   
1A3 CAD  C Y N 3   
1A3 CAF  C Y N 4   
1A3 CAI  C Y N 5   
1A3 CAR  C Y N 6   
1A3 CAN  C N N 7   
1A3 SAW  S N N 8   
1A3 OAB  O N N 9   
1A3 OAC  O N N 10  
1A3 NAO  N N N 11  
1A3 CAS  C Y N 12  
1A3 CAM  C Y N 13  
1A3 CAJ  C Y N 14  
1A3 CAG  C Y N 15  
1A3 CAK  C Y N 16  
1A3 CAT  C Y N 17  
1A3 CAU  C N N 18  
1A3 CAL  C N N 19  
1A3 SAQ  S N N 20  
1A3 CAV  C N N 21  
1A3 OAA  O N N 22  
1A3 NAP  N N N 23  
1A3 H1   H N N 24  
1A3 H2   H N N 25  
1A3 H3   H N N 26  
1A3 H4   H N N 27  
1A3 H5   H N N 28  
1A3 H6   H N N 29  
1A3 H7   H N N 30  
1A3 H8   H N N 31  
1A3 H9   H N N 32  
1A3 H10  H N N 33  
1A3 H11  H N N 34  
1A3 H12  H N N 35  
1A3 H13  H N N 36  
1A3 H14  H N N 37  
ALA N    N N N 38  
ALA CA   C N S 39  
ALA C    C N N 40  
ALA O    O N N 41  
ALA CB   C N N 42  
ALA OXT  O N N 43  
ALA H    H N N 44  
ALA H2   H N N 45  
ALA HA   H N N 46  
ALA HB1  H N N 47  
ALA HB2  H N N 48  
ALA HB3  H N N 49  
ALA HXT  H N N 50  
ARG N    N N N 51  
ARG CA   C N S 52  
ARG C    C N N 53  
ARG O    O N N 54  
ARG CB   C N N 55  
ARG CG   C N N 56  
ARG CD   C N N 57  
ARG NE   N N N 58  
ARG CZ   C N N 59  
ARG NH1  N N N 60  
ARG NH2  N N N 61  
ARG OXT  O N N 62  
ARG H    H N N 63  
ARG H2   H N N 64  
ARG HA   H N N 65  
ARG HB2  H N N 66  
ARG HB3  H N N 67  
ARG HG2  H N N 68  
ARG HG3  H N N 69  
ARG HD2  H N N 70  
ARG HD3  H N N 71  
ARG HE   H N N 72  
ARG HH11 H N N 73  
ARG HH12 H N N 74  
ARG HH21 H N N 75  
ARG HH22 H N N 76  
ARG HXT  H N N 77  
ASN N    N N N 78  
ASN CA   C N S 79  
ASN C    C N N 80  
ASN O    O N N 81  
ASN CB   C N N 82  
ASN CG   C N N 83  
ASN OD1  O N N 84  
ASN ND2  N N N 85  
ASN OXT  O N N 86  
ASN H    H N N 87  
ASN H2   H N N 88  
ASN HA   H N N 89  
ASN HB2  H N N 90  
ASN HB3  H N N 91  
ASN HD21 H N N 92  
ASN HD22 H N N 93  
ASN HXT  H N N 94  
ASP N    N N N 95  
ASP CA   C N S 96  
ASP C    C N N 97  
ASP O    O N N 98  
ASP CB   C N N 99  
ASP CG   C N N 100 
ASP OD1  O N N 101 
ASP OD2  O N N 102 
ASP OXT  O N N 103 
ASP H    H N N 104 
ASP H2   H N N 105 
ASP HA   H N N 106 
ASP HB2  H N N 107 
ASP HB3  H N N 108 
ASP HD2  H N N 109 
ASP HXT  H N N 110 
CYS N    N N N 111 
CYS CA   C N R 112 
CYS C    C N N 113 
CYS O    O N N 114 
CYS CB   C N N 115 
CYS SG   S N N 116 
CYS OXT  O N N 117 
CYS H    H N N 118 
CYS H2   H N N 119 
CYS HA   H N N 120 
CYS HB2  H N N 121 
CYS HB3  H N N 122 
CYS HG   H N N 123 
CYS HXT  H N N 124 
GLN N    N N N 125 
GLN CA   C N S 126 
GLN C    C N N 127 
GLN O    O N N 128 
GLN CB   C N N 129 
GLN CG   C N N 130 
GLN CD   C N N 131 
GLN OE1  O N N 132 
GLN NE2  N N N 133 
GLN OXT  O N N 134 
GLN H    H N N 135 
GLN H2   H N N 136 
GLN HA   H N N 137 
GLN HB2  H N N 138 
GLN HB3  H N N 139 
GLN HG2  H N N 140 
GLN HG3  H N N 141 
GLN HE21 H N N 142 
GLN HE22 H N N 143 
GLN HXT  H N N 144 
GLU N    N N N 145 
GLU CA   C N S 146 
GLU C    C N N 147 
GLU O    O N N 148 
GLU CB   C N N 149 
GLU CG   C N N 150 
GLU CD   C N N 151 
GLU OE1  O N N 152 
GLU OE2  O N N 153 
GLU OXT  O N N 154 
GLU H    H N N 155 
GLU H2   H N N 156 
GLU HA   H N N 157 
GLU HB2  H N N 158 
GLU HB3  H N N 159 
GLU HG2  H N N 160 
GLU HG3  H N N 161 
GLU HE2  H N N 162 
GLU HXT  H N N 163 
GLY N    N N N 164 
GLY CA   C N N 165 
GLY C    C N N 166 
GLY O    O N N 167 
GLY OXT  O N N 168 
GLY H    H N N 169 
GLY H2   H N N 170 
GLY HA2  H N N 171 
GLY HA3  H N N 172 
GLY HXT  H N N 173 
HIS N    N N N 174 
HIS CA   C N S 175 
HIS C    C N N 176 
HIS O    O N N 177 
HIS CB   C N N 178 
HIS CG   C Y N 179 
HIS ND1  N Y N 180 
HIS CD2  C Y N 181 
HIS CE1  C Y N 182 
HIS NE2  N Y N 183 
HIS OXT  O N N 184 
HIS H    H N N 185 
HIS H2   H N N 186 
HIS HA   H N N 187 
HIS HB2  H N N 188 
HIS HB3  H N N 189 
HIS HD1  H N N 190 
HIS HD2  H N N 191 
HIS HE1  H N N 192 
HIS HE2  H N N 193 
HIS HXT  H N N 194 
HOH O    O N N 195 
HOH H1   H N N 196 
HOH H2   H N N 197 
ILE N    N N N 198 
ILE CA   C N S 199 
ILE C    C N N 200 
ILE O    O N N 201 
ILE CB   C N S 202 
ILE CG1  C N N 203 
ILE CG2  C N N 204 
ILE CD1  C N N 205 
ILE OXT  O N N 206 
ILE H    H N N 207 
ILE H2   H N N 208 
ILE HA   H N N 209 
ILE HB   H N N 210 
ILE HG12 H N N 211 
ILE HG13 H N N 212 
ILE HG21 H N N 213 
ILE HG22 H N N 214 
ILE HG23 H N N 215 
ILE HD11 H N N 216 
ILE HD12 H N N 217 
ILE HD13 H N N 218 
ILE HXT  H N N 219 
LEU N    N N N 220 
LEU CA   C N S 221 
LEU C    C N N 222 
LEU O    O N N 223 
LEU CB   C N N 224 
LEU CG   C N N 225 
LEU CD1  C N N 226 
LEU CD2  C N N 227 
LEU OXT  O N N 228 
LEU H    H N N 229 
LEU H2   H N N 230 
LEU HA   H N N 231 
LEU HB2  H N N 232 
LEU HB3  H N N 233 
LEU HG   H N N 234 
LEU HD11 H N N 235 
LEU HD12 H N N 236 
LEU HD13 H N N 237 
LEU HD21 H N N 238 
LEU HD22 H N N 239 
LEU HD23 H N N 240 
LEU HXT  H N N 241 
LYS N    N N N 242 
LYS CA   C N S 243 
LYS C    C N N 244 
LYS O    O N N 245 
LYS CB   C N N 246 
LYS CG   C N N 247 
LYS CD   C N N 248 
LYS CE   C N N 249 
LYS NZ   N N N 250 
LYS OXT  O N N 251 
LYS H    H N N 252 
LYS H2   H N N 253 
LYS HA   H N N 254 
LYS HB2  H N N 255 
LYS HB3  H N N 256 
LYS HG2  H N N 257 
LYS HG3  H N N 258 
LYS HD2  H N N 259 
LYS HD3  H N N 260 
LYS HE2  H N N 261 
LYS HE3  H N N 262 
LYS HZ1  H N N 263 
LYS HZ2  H N N 264 
LYS HZ3  H N N 265 
LYS HXT  H N N 266 
MET N    N N N 267 
MET CA   C N S 268 
MET C    C N N 269 
MET O    O N N 270 
MET CB   C N N 271 
MET CG   C N N 272 
MET SD   S N N 273 
MET CE   C N N 274 
MET OXT  O N N 275 
MET H    H N N 276 
MET H2   H N N 277 
MET HA   H N N 278 
MET HB2  H N N 279 
MET HB3  H N N 280 
MET HG2  H N N 281 
MET HG3  H N N 282 
MET HE1  H N N 283 
MET HE2  H N N 284 
MET HE3  H N N 285 
MET HXT  H N N 286 
PHE N    N N N 287 
PHE CA   C N S 288 
PHE C    C N N 289 
PHE O    O N N 290 
PHE CB   C N N 291 
PHE CG   C Y N 292 
PHE CD1  C Y N 293 
PHE CD2  C Y N 294 
PHE CE1  C Y N 295 
PHE CE2  C Y N 296 
PHE CZ   C Y N 297 
PHE OXT  O N N 298 
PHE H    H N N 299 
PHE H2   H N N 300 
PHE HA   H N N 301 
PHE HB2  H N N 302 
PHE HB3  H N N 303 
PHE HD1  H N N 304 
PHE HD2  H N N 305 
PHE HE1  H N N 306 
PHE HE2  H N N 307 
PHE HZ   H N N 308 
PHE HXT  H N N 309 
PRO N    N N N 310 
PRO CA   C N S 311 
PRO C    C N N 312 
PRO O    O N N 313 
PRO CB   C N N 314 
PRO CG   C N N 315 
PRO CD   C N N 316 
PRO OXT  O N N 317 
PRO H    H N N 318 
PRO HA   H N N 319 
PRO HB2  H N N 320 
PRO HB3  H N N 321 
PRO HG2  H N N 322 
PRO HG3  H N N 323 
PRO HD2  H N N 324 
PRO HD3  H N N 325 
PRO HXT  H N N 326 
SER N    N N N 327 
SER CA   C N S 328 
SER C    C N N 329 
SER O    O N N 330 
SER CB   C N N 331 
SER OG   O N N 332 
SER OXT  O N N 333 
SER H    H N N 334 
SER H2   H N N 335 
SER HA   H N N 336 
SER HB2  H N N 337 
SER HB3  H N N 338 
SER HG   H N N 339 
SER HXT  H N N 340 
THR N    N N N 341 
THR CA   C N S 342 
THR C    C N N 343 
THR O    O N N 344 
THR CB   C N R 345 
THR OG1  O N N 346 
THR CG2  C N N 347 
THR OXT  O N N 348 
THR H    H N N 349 
THR H2   H N N 350 
THR HA   H N N 351 
THR HB   H N N 352 
THR HG1  H N N 353 
THR HG21 H N N 354 
THR HG22 H N N 355 
THR HG23 H N N 356 
THR HXT  H N N 357 
TRP N    N N N 358 
TRP CA   C N S 359 
TRP C    C N N 360 
TRP O    O N N 361 
TRP CB   C N N 362 
TRP CG   C Y N 363 
TRP CD1  C Y N 364 
TRP CD2  C Y N 365 
TRP NE1  N Y N 366 
TRP CE2  C Y N 367 
TRP CE3  C Y N 368 
TRP CZ2  C Y N 369 
TRP CZ3  C Y N 370 
TRP CH2  C Y N 371 
TRP OXT  O N N 372 
TRP H    H N N 373 
TRP H2   H N N 374 
TRP HA   H N N 375 
TRP HB2  H N N 376 
TRP HB3  H N N 377 
TRP HD1  H N N 378 
TRP HE1  H N N 379 
TRP HE3  H N N 380 
TRP HZ2  H N N 381 
TRP HZ3  H N N 382 
TRP HH2  H N N 383 
TRP HXT  H N N 384 
TYR N    N N N 385 
TYR CA   C N S 386 
TYR C    C N N 387 
TYR O    O N N 388 
TYR CB   C N N 389 
TYR CG   C Y N 390 
TYR CD1  C Y N 391 
TYR CD2  C Y N 392 
TYR CE1  C Y N 393 
TYR CE2  C Y N 394 
TYR CZ   C Y N 395 
TYR OH   O N N 396 
TYR OXT  O N N 397 
TYR H    H N N 398 
TYR H2   H N N 399 
TYR HA   H N N 400 
TYR HB2  H N N 401 
TYR HB3  H N N 402 
TYR HD1  H N N 403 
TYR HD2  H N N 404 
TYR HE1  H N N 405 
TYR HE2  H N N 406 
TYR HH   H N N 407 
TYR HXT  H N N 408 
VAL N    N N N 409 
VAL CA   C N S 410 
VAL C    C N N 411 
VAL O    O N N 412 
VAL CB   C N N 413 
VAL CG1  C N N 414 
VAL CG2  C N N 415 
VAL OXT  O N N 416 
VAL H    H N N 417 
VAL H2   H N N 418 
VAL HA   H N N 419 
VAL HB   H N N 420 
VAL HG11 H N N 421 
VAL HG12 H N N 422 
VAL HG13 H N N 423 
VAL HG21 H N N 424 
VAL HG22 H N N 425 
VAL HG23 H N N 426 
VAL HXT  H N N 427 
# 
loop_
_chem_comp_bond.comp_id 
_chem_comp_bond.atom_id_1 
_chem_comp_bond.atom_id_2 
_chem_comp_bond.value_order 
_chem_comp_bond.pdbx_aromatic_flag 
_chem_comp_bond.pdbx_stereo_config 
_chem_comp_bond.pdbx_ordinal 
1A3 CAH CAE  doub Y N 1   
1A3 CAH CAR  sing Y N 2   
1A3 CAH H1   sing N N 3   
1A3 CAE CAD  sing Y N 4   
1A3 CAE H2   sing N N 5   
1A3 CAD CAF  doub Y N 6   
1A3 CAD H3   sing N N 7   
1A3 CAF H4   sing N N 8   
1A3 CAI CAF  sing Y N 9   
1A3 CAI H5   sing N N 10  
1A3 CAR CAI  doub Y N 11  
1A3 CAN CAR  sing N N 12  
1A3 CAN H6   sing N N 13  
1A3 CAN H7   sing N N 14  
1A3 SAW CAN  sing N N 15  
1A3 SAW OAB  doub N N 16  
1A3 SAW OAC  doub N N 17  
1A3 NAO SAW  sing N N 18  
1A3 NAO H8   sing N N 19  
1A3 CAS NAO  sing N N 20  
1A3 CAS CAM  doub Y N 21  
1A3 CAM H9   sing N N 22  
1A3 CAJ CAS  sing Y N 23  
1A3 CAJ H10  sing N N 24  
1A3 CAG CAJ  doub Y N 25  
1A3 CAG CAK  sing Y N 26  
1A3 CAG H11  sing N N 27  
1A3 CAK CAT  doub Y N 28  
1A3 CAK H12  sing N N 29  
1A3 CAT CAM  sing Y N 30  
1A3 CAT CAU  sing N N 31  
1A3 CAU CAL  doub N N 32  
1A3 CAL SAQ  sing N N 33  
1A3 CAL H13  sing N N 34  
1A3 CAV SAQ  sing N N 35  
1A3 OAA CAV  doub N N 36  
1A3 NAP CAU  sing N N 37  
1A3 NAP CAV  sing N N 38  
1A3 NAP H14  sing N N 39  
ALA N   CA   sing N N 40  
ALA N   H    sing N N 41  
ALA N   H2   sing N N 42  
ALA CA  C    sing N N 43  
ALA CA  CB   sing N N 44  
ALA CA  HA   sing N N 45  
ALA C   O    doub N N 46  
ALA C   OXT  sing N N 47  
ALA CB  HB1  sing N N 48  
ALA CB  HB2  sing N N 49  
ALA CB  HB3  sing N N 50  
ALA OXT HXT  sing N N 51  
ARG N   CA   sing N N 52  
ARG N   H    sing N N 53  
ARG N   H2   sing N N 54  
ARG CA  C    sing N N 55  
ARG CA  CB   sing N N 56  
ARG CA  HA   sing N N 57  
ARG C   O    doub N N 58  
ARG C   OXT  sing N N 59  
ARG CB  CG   sing N N 60  
ARG CB  HB2  sing N N 61  
ARG CB  HB3  sing N N 62  
ARG CG  CD   sing N N 63  
ARG CG  HG2  sing N N 64  
ARG CG  HG3  sing N N 65  
ARG CD  NE   sing N N 66  
ARG CD  HD2  sing N N 67  
ARG CD  HD3  sing N N 68  
ARG NE  CZ   sing N N 69  
ARG NE  HE   sing N N 70  
ARG CZ  NH1  sing N N 71  
ARG CZ  NH2  doub N N 72  
ARG NH1 HH11 sing N N 73  
ARG NH1 HH12 sing N N 74  
ARG NH2 HH21 sing N N 75  
ARG NH2 HH22 sing N N 76  
ARG OXT HXT  sing N N 77  
ASN N   CA   sing N N 78  
ASN N   H    sing N N 79  
ASN N   H2   sing N N 80  
ASN CA  C    sing N N 81  
ASN CA  CB   sing N N 82  
ASN CA  HA   sing N N 83  
ASN C   O    doub N N 84  
ASN C   OXT  sing N N 85  
ASN CB  CG   sing N N 86  
ASN CB  HB2  sing N N 87  
ASN CB  HB3  sing N N 88  
ASN CG  OD1  doub N N 89  
ASN CG  ND2  sing N N 90  
ASN ND2 HD21 sing N N 91  
ASN ND2 HD22 sing N N 92  
ASN OXT HXT  sing N N 93  
ASP N   CA   sing N N 94  
ASP N   H    sing N N 95  
ASP N   H2   sing N N 96  
ASP CA  C    sing N N 97  
ASP CA  CB   sing N N 98  
ASP CA  HA   sing N N 99  
ASP C   O    doub N N 100 
ASP C   OXT  sing N N 101 
ASP CB  CG   sing N N 102 
ASP CB  HB2  sing N N 103 
ASP CB  HB3  sing N N 104 
ASP CG  OD1  doub N N 105 
ASP CG  OD2  sing N N 106 
ASP OD2 HD2  sing N N 107 
ASP OXT HXT  sing N N 108 
CYS N   CA   sing N N 109 
CYS N   H    sing N N 110 
CYS N   H2   sing N N 111 
CYS CA  C    sing N N 112 
CYS CA  CB   sing N N 113 
CYS CA  HA   sing N N 114 
CYS C   O    doub N N 115 
CYS C   OXT  sing N N 116 
CYS CB  SG   sing N N 117 
CYS CB  HB2  sing N N 118 
CYS CB  HB3  sing N N 119 
CYS SG  HG   sing N N 120 
CYS OXT HXT  sing N N 121 
GLN N   CA   sing N N 122 
GLN N   H    sing N N 123 
GLN N   H2   sing N N 124 
GLN CA  C    sing N N 125 
GLN CA  CB   sing N N 126 
GLN CA  HA   sing N N 127 
GLN C   O    doub N N 128 
GLN C   OXT  sing N N 129 
GLN CB  CG   sing N N 130 
GLN CB  HB2  sing N N 131 
GLN CB  HB3  sing N N 132 
GLN CG  CD   sing N N 133 
GLN CG  HG2  sing N N 134 
GLN CG  HG3  sing N N 135 
GLN CD  OE1  doub N N 136 
GLN CD  NE2  sing N N 137 
GLN NE2 HE21 sing N N 138 
GLN NE2 HE22 sing N N 139 
GLN OXT HXT  sing N N 140 
GLU N   CA   sing N N 141 
GLU N   H    sing N N 142 
GLU N   H2   sing N N 143 
GLU CA  C    sing N N 144 
GLU CA  CB   sing N N 145 
GLU CA  HA   sing N N 146 
GLU C   O    doub N N 147 
GLU C   OXT  sing N N 148 
GLU CB  CG   sing N N 149 
GLU CB  HB2  sing N N 150 
GLU CB  HB3  sing N N 151 
GLU CG  CD   sing N N 152 
GLU CG  HG2  sing N N 153 
GLU CG  HG3  sing N N 154 
GLU CD  OE1  doub N N 155 
GLU CD  OE2  sing N N 156 
GLU OE2 HE2  sing N N 157 
GLU OXT HXT  sing N N 158 
GLY N   CA   sing N N 159 
GLY N   H    sing N N 160 
GLY N   H2   sing N N 161 
GLY CA  C    sing N N 162 
GLY CA  HA2  sing N N 163 
GLY CA  HA3  sing N N 164 
GLY C   O    doub N N 165 
GLY C   OXT  sing N N 166 
GLY OXT HXT  sing N N 167 
HIS N   CA   sing N N 168 
HIS N   H    sing N N 169 
HIS N   H2   sing N N 170 
HIS CA  C    sing N N 171 
HIS CA  CB   sing N N 172 
HIS CA  HA   sing N N 173 
HIS C   O    doub N N 174 
HIS C   OXT  sing N N 175 
HIS CB  CG   sing N N 176 
HIS CB  HB2  sing N N 177 
HIS CB  HB3  sing N N 178 
HIS CG  ND1  sing Y N 179 
HIS CG  CD2  doub Y N 180 
HIS ND1 CE1  doub Y N 181 
HIS ND1 HD1  sing N N 182 
HIS CD2 NE2  sing Y N 183 
HIS CD2 HD2  sing N N 184 
HIS CE1 NE2  sing Y N 185 
HIS CE1 HE1  sing N N 186 
HIS NE2 HE2  sing N N 187 
HIS OXT HXT  sing N N 188 
HOH O   H1   sing N N 189 
HOH O   H2   sing N N 190 
ILE N   CA   sing N N 191 
ILE N   H    sing N N 192 
ILE N   H2   sing N N 193 
ILE CA  C    sing N N 194 
ILE CA  CB   sing N N 195 
ILE CA  HA   sing N N 196 
ILE C   O    doub N N 197 
ILE C   OXT  sing N N 198 
ILE CB  CG1  sing N N 199 
ILE CB  CG2  sing N N 200 
ILE CB  HB   sing N N 201 
ILE CG1 CD1  sing N N 202 
ILE CG1 HG12 sing N N 203 
ILE CG1 HG13 sing N N 204 
ILE CG2 HG21 sing N N 205 
ILE CG2 HG22 sing N N 206 
ILE CG2 HG23 sing N N 207 
ILE CD1 HD11 sing N N 208 
ILE CD1 HD12 sing N N 209 
ILE CD1 HD13 sing N N 210 
ILE OXT HXT  sing N N 211 
LEU N   CA   sing N N 212 
LEU N   H    sing N N 213 
LEU N   H2   sing N N 214 
LEU CA  C    sing N N 215 
LEU CA  CB   sing N N 216 
LEU CA  HA   sing N N 217 
LEU C   O    doub N N 218 
LEU C   OXT  sing N N 219 
LEU CB  CG   sing N N 220 
LEU CB  HB2  sing N N 221 
LEU CB  HB3  sing N N 222 
LEU CG  CD1  sing N N 223 
LEU CG  CD2  sing N N 224 
LEU CG  HG   sing N N 225 
LEU CD1 HD11 sing N N 226 
LEU CD1 HD12 sing N N 227 
LEU CD1 HD13 sing N N 228 
LEU CD2 HD21 sing N N 229 
LEU CD2 HD22 sing N N 230 
LEU CD2 HD23 sing N N 231 
LEU OXT HXT  sing N N 232 
LYS N   CA   sing N N 233 
LYS N   H    sing N N 234 
LYS N   H2   sing N N 235 
LYS CA  C    sing N N 236 
LYS CA  CB   sing N N 237 
LYS CA  HA   sing N N 238 
LYS C   O    doub N N 239 
LYS C   OXT  sing N N 240 
LYS CB  CG   sing N N 241 
LYS CB  HB2  sing N N 242 
LYS CB  HB3  sing N N 243 
LYS CG  CD   sing N N 244 
LYS CG  HG2  sing N N 245 
LYS CG  HG3  sing N N 246 
LYS CD  CE   sing N N 247 
LYS CD  HD2  sing N N 248 
LYS CD  HD3  sing N N 249 
LYS CE  NZ   sing N N 250 
LYS CE  HE2  sing N N 251 
LYS CE  HE3  sing N N 252 
LYS NZ  HZ1  sing N N 253 
LYS NZ  HZ2  sing N N 254 
LYS NZ  HZ3  sing N N 255 
LYS OXT HXT  sing N N 256 
MET N   CA   sing N N 257 
MET N   H    sing N N 258 
MET N   H2   sing N N 259 
MET CA  C    sing N N 260 
MET CA  CB   sing N N 261 
MET CA  HA   sing N N 262 
MET C   O    doub N N 263 
MET C   OXT  sing N N 264 
MET CB  CG   sing N N 265 
MET CB  HB2  sing N N 266 
MET CB  HB3  sing N N 267 
MET CG  SD   sing N N 268 
MET CG  HG2  sing N N 269 
MET CG  HG3  sing N N 270 
MET SD  CE   sing N N 271 
MET CE  HE1  sing N N 272 
MET CE  HE2  sing N N 273 
MET CE  HE3  sing N N 274 
MET OXT HXT  sing N N 275 
PHE N   CA   sing N N 276 
PHE N   H    sing N N 277 
PHE N   H2   sing N N 278 
PHE CA  C    sing N N 279 
PHE CA  CB   sing N N 280 
PHE CA  HA   sing N N 281 
PHE C   O    doub N N 282 
PHE C   OXT  sing N N 283 
PHE CB  CG   sing N N 284 
PHE CB  HB2  sing N N 285 
PHE CB  HB3  sing N N 286 
PHE CG  CD1  doub Y N 287 
PHE CG  CD2  sing Y N 288 
PHE CD1 CE1  sing Y N 289 
PHE CD1 HD1  sing N N 290 
PHE CD2 CE2  doub Y N 291 
PHE CD2 HD2  sing N N 292 
PHE CE1 CZ   doub Y N 293 
PHE CE1 HE1  sing N N 294 
PHE CE2 CZ   sing Y N 295 
PHE CE2 HE2  sing N N 296 
PHE CZ  HZ   sing N N 297 
PHE OXT HXT  sing N N 298 
PRO N   CA   sing N N 299 
PRO N   CD   sing N N 300 
PRO N   H    sing N N 301 
PRO CA  C    sing N N 302 
PRO CA  CB   sing N N 303 
PRO CA  HA   sing N N 304 
PRO C   O    doub N N 305 
PRO C   OXT  sing N N 306 
PRO CB  CG   sing N N 307 
PRO CB  HB2  sing N N 308 
PRO CB  HB3  sing N N 309 
PRO CG  CD   sing N N 310 
PRO CG  HG2  sing N N 311 
PRO CG  HG3  sing N N 312 
PRO CD  HD2  sing N N 313 
PRO CD  HD3  sing N N 314 
PRO OXT HXT  sing N N 315 
SER N   CA   sing N N 316 
SER N   H    sing N N 317 
SER N   H2   sing N N 318 
SER CA  C    sing N N 319 
SER CA  CB   sing N N 320 
SER CA  HA   sing N N 321 
SER C   O    doub N N 322 
SER C   OXT  sing N N 323 
SER CB  OG   sing N N 324 
SER CB  HB2  sing N N 325 
SER CB  HB3  sing N N 326 
SER OG  HG   sing N N 327 
SER OXT HXT  sing N N 328 
THR N   CA   sing N N 329 
THR N   H    sing N N 330 
THR N   H2   sing N N 331 
THR CA  C    sing N N 332 
THR CA  CB   sing N N 333 
THR CA  HA   sing N N 334 
THR C   O    doub N N 335 
THR C   OXT  sing N N 336 
THR CB  OG1  sing N N 337 
THR CB  CG2  sing N N 338 
THR CB  HB   sing N N 339 
THR OG1 HG1  sing N N 340 
THR CG2 HG21 sing N N 341 
THR CG2 HG22 sing N N 342 
THR CG2 HG23 sing N N 343 
THR OXT HXT  sing N N 344 
TRP N   CA   sing N N 345 
TRP N   H    sing N N 346 
TRP N   H2   sing N N 347 
TRP CA  C    sing N N 348 
TRP CA  CB   sing N N 349 
TRP CA  HA   sing N N 350 
TRP C   O    doub N N 351 
TRP C   OXT  sing N N 352 
TRP CB  CG   sing N N 353 
TRP CB  HB2  sing N N 354 
TRP CB  HB3  sing N N 355 
TRP CG  CD1  doub Y N 356 
TRP CG  CD2  sing Y N 357 
TRP CD1 NE1  sing Y N 358 
TRP CD1 HD1  sing N N 359 
TRP CD2 CE2  doub Y N 360 
TRP CD2 CE3  sing Y N 361 
TRP NE1 CE2  sing Y N 362 
TRP NE1 HE1  sing N N 363 
TRP CE2 CZ2  sing Y N 364 
TRP CE3 CZ3  doub Y N 365 
TRP CE3 HE3  sing N N 366 
TRP CZ2 CH2  doub Y N 367 
TRP CZ2 HZ2  sing N N 368 
TRP CZ3 CH2  sing Y N 369 
TRP CZ3 HZ3  sing N N 370 
TRP CH2 HH2  sing N N 371 
TRP OXT HXT  sing N N 372 
TYR N   CA   sing N N 373 
TYR N   H    sing N N 374 
TYR N   H2   sing N N 375 
TYR CA  C    sing N N 376 
TYR CA  CB   sing N N 377 
TYR CA  HA   sing N N 378 
TYR C   O    doub N N 379 
TYR C   OXT  sing N N 380 
TYR CB  CG   sing N N 381 
TYR CB  HB2  sing N N 382 
TYR CB  HB3  sing N N 383 
TYR CG  CD1  doub Y N 384 
TYR CG  CD2  sing Y N 385 
TYR CD1 CE1  sing Y N 386 
TYR CD1 HD1  sing N N 387 
TYR CD2 CE2  doub Y N 388 
TYR CD2 HD2  sing N N 389 
TYR CE1 CZ   doub Y N 390 
TYR CE1 HE1  sing N N 391 
TYR CE2 CZ   sing Y N 392 
TYR CE2 HE2  sing N N 393 
TYR CZ  OH   sing N N 394 
TYR OH  HH   sing N N 395 
TYR OXT HXT  sing N N 396 
VAL N   CA   sing N N 397 
VAL N   H    sing N N 398 
VAL N   H2   sing N N 399 
VAL CA  C    sing N N 400 
VAL CA  CB   sing N N 401 
VAL CA  HA   sing N N 402 
VAL C   O    doub N N 403 
VAL C   OXT  sing N N 404 
VAL CB  CG1  sing N N 405 
VAL CB  CG2  sing N N 406 
VAL CB  HB   sing N N 407 
VAL CG1 HG11 sing N N 408 
VAL CG1 HG12 sing N N 409 
VAL CG1 HG13 sing N N 410 
VAL CG2 HG21 sing N N 411 
VAL CG2 HG22 sing N N 412 
VAL CG2 HG23 sing N N 413 
VAL OXT HXT  sing N N 414 
# 
_atom_sites.entry_id                    4HXS 
_atom_sites.fract_transf_matrix[1][1]   -0.00634353 
_atom_sites.fract_transf_matrix[1][2]   0.00441859 
_atom_sites.fract_transf_matrix[1][3]   0.03013829 
_atom_sites.fract_transf_matrix[2][1]   0.01688039 
_atom_sites.fract_transf_matrix[2][2]   0.01273585 
_atom_sites.fract_transf_matrix[2][3]   0.00168579 
_atom_sites.fract_transf_matrix[3][1]   -0.00722698 
_atom_sites.fract_transf_matrix[3][2]   0.00997372 
_atom_sites.fract_transf_matrix[3][3]   -0.00298339 
_atom_sites.fract_transf_vector[1]      -0.299146 
_atom_sites.fract_transf_vector[2]      -0.068287 
_atom_sites.fract_transf_vector[3]      0.109350 
# 
loop_
_atom_type.symbol 
C 
N 
O 
S 
# 
loop_
_atom_site.group_PDB 
_atom_site.id 
_atom_site.type_symbol 
_atom_site.label_atom_id 
_atom_site.label_alt_id 
_atom_site.label_comp_id 
_atom_site.label_asym_id 
_atom_site.label_entity_id 
_atom_site.label_seq_id 
_atom_site.pdbx_PDB_ins_code 
_atom_site.Cartn_x 
_atom_site.Cartn_y 
_atom_site.Cartn_z 
_atom_site.occupancy 
_atom_site.B_iso_or_equiv 
_atom_site.pdbx_formal_charge 
_atom_site.auth_seq_id 
_atom_site.auth_comp_id 
_atom_site.auth_asym_id 
_atom_site.auth_atom_id 
_atom_site.pdbx_PDB_model_num 
ATOM   1    N N   . MET A 1 1   ? 17.114  11.741  -2.314  1.00 25.94 ? 43  MET A N   1 
ATOM   2    C CA  . MET A 1 1   ? 16.114  12.810  -2.320  1.00 26.52 ? 43  MET A CA  1 
ATOM   3    C C   . MET A 1 1   ? 14.702  12.261  -2.517  1.00 21.86 ? 43  MET A C   1 
ATOM   4    O O   . MET A 1 1   ? 14.478  11.323  -3.296  1.00 20.86 ? 43  MET A O   1 
ATOM   5    C CB  . MET A 1 1   ? 16.434  13.862  -3.380  1.00 28.18 ? 43  MET A CB  1 
ATOM   6    C CG  . MET A 1 1   ? 15.388  14.952  -3.543  1.00 25.99 ? 43  MET A CG  1 
ATOM   7    S SD  . MET A 1 1   ? 15.870  16.531  -2.812  1.00 47.47 ? 43  MET A SD  1 
ATOM   8    C CE  . MET A 1 1   ? 16.983  17.179  -4.064  1.00 28.94 ? 43  MET A CE  1 
ATOM   9    N N   . ASN A 1 2   ? 13.761  12.857  -1.793  1.00 19.17 ? 44  ASN A N   1 
ATOM   10   C CA  . ASN A 1 2   ? 12.399  12.356  -1.733  1.00 17.63 ? 44  ASN A CA  1 
ATOM   11   C C   . ASN A 1 2   ? 11.480  13.167  -2.620  1.00 17.14 ? 44  ASN A C   1 
ATOM   12   O O   . ASN A 1 2   ? 11.477  14.392  -2.558  1.00 18.17 ? 44  ASN A O   1 
ATOM   13   C CB  . ASN A 1 2   ? 11.879  12.415  -0.295  1.00 17.44 ? 44  ASN A CB  1 
ATOM   14   C CG  . ASN A 1 2   ? 12.534  11.392  0.610   1.00 16.94 ? 44  ASN A CG  1 
ATOM   15   O OD1 . ASN A 1 2   ? 12.834  10.272  0.194   1.00 16.83 ? 44  ASN A OD1 1 
ATOM   16   N ND2 . ASN A 1 2   ? 12.744  11.769  1.863   1.00 19.31 ? 44  ASN A ND2 1 
ATOM   17   N N   . PRO A 1 3   ? 10.686  12.485  -3.450  1.00 14.34 ? 45  PRO A N   1 
ATOM   18   C CA  . PRO A 1 3   ? 9.636   13.177  -4.192  1.00 13.72 ? 45  PRO A CA  1 
ATOM   19   C C   . PRO A 1 3   ? 8.476   13.465  -3.246  1.00 14.35 ? 45  PRO A C   1 
ATOM   20   O O   . PRO A 1 3   ? 8.464   12.950  -2.127  1.00 14.80 ? 45  PRO A O   1 
ATOM   21   C CB  . PRO A 1 3   ? 9.218   12.132  -5.225  1.00 16.50 ? 45  PRO A CB  1 
ATOM   22   C CG  . PRO A 1 3   ? 9.440   10.846  -4.531  1.00 16.90 ? 45  PRO A CG  1 
ATOM   23   C CD  . PRO A 1 3   ? 10.673  11.037  -3.706  1.00 14.99 ? 45  PRO A CD  1 
ATOM   24   N N   . PRO A 1 4   ? 7.513   14.287  -3.675  1.00 15.19 ? 46  PRO A N   1 
ATOM   25   C CA  . PRO A 1 4   ? 6.331   14.448  -2.829  1.00 15.15 ? 46  PRO A CA  1 
ATOM   26   C C   . PRO A 1 4   ? 5.613   13.106  -2.692  1.00 14.44 ? 46  PRO A C   1 
ATOM   27   O O   . PRO A 1 4   ? 5.644   12.305  -3.631  1.00 15.63 ? 46  PRO A O   1 
ATOM   28   C CB  . PRO A 1 4   ? 5.463   15.435  -3.619  1.00 18.32 ? 46  PRO A CB  1 
ATOM   29   C CG  . PRO A 1 4   ? 6.358   16.051  -4.626  1.00 22.65 ? 46  PRO A CG  1 
ATOM   30   C CD  . PRO A 1 4   ? 7.420   15.054  -4.929  1.00 17.48 ? 46  PRO A CD  1 
ATOM   31   N N   . PRO A 1 5   ? 4.982   12.860  -1.538  1.00 14.84 ? 47  PRO A N   1 
ATOM   32   C CA  . PRO A 1 5   ? 4.265   11.593  -1.381  1.00 13.72 ? 47  PRO A CA  1 
ATOM   33   C C   . PRO A 1 5   ? 3.044   11.548  -2.302  1.00 14.72 ? 47  PRO A C   1 
ATOM   34   O O   . PRO A 1 5   ? 2.584   12.586  -2.789  1.00 14.75 ? 47  PRO A O   1 
ATOM   35   C CB  . PRO A 1 5   ? 3.837   11.619  0.087   1.00 16.29 ? 47  PRO A CB  1 
ATOM   36   C CG  . PRO A 1 5   ? 3.759   13.079  0.425   1.00 19.21 ? 47  PRO A CG  1 
ATOM   37   C CD  . PRO A 1 5   ? 4.877   13.710  -0.341  1.00 17.08 ? 47  PRO A CD  1 
ATOM   38   N N   . PRO A 1 6   ? 2.516   10.346  -2.562  1.00 13.47 ? 48  PRO A N   1 
ATOM   39   C CA  . PRO A 1 6   ? 1.348   10.275  -3.441  1.00 11.52 ? 48  PRO A CA  1 
ATOM   40   C C   . PRO A 1 6   ? 0.176   11.032  -2.831  1.00 12.33 ? 48  PRO A C   1 
ATOM   41   O O   . PRO A 1 6   ? 0.060   11.106  -1.605  1.00 12.28 ? 48  PRO A O   1 
ATOM   42   C CB  . PRO A 1 6   ? 1.042   8.774   -3.485  1.00 12.37 ? 48  PRO A CB  1 
ATOM   43   C CG  . PRO A 1 6   ? 2.347   8.116   -3.124  1.00 12.94 ? 48  PRO A CG  1 
ATOM   44   C CD  . PRO A 1 6   ? 2.938   9.013   -2.099  1.00 14.36 ? 48  PRO A CD  1 
ATOM   45   N N   . GLU A 1 7   ? -0.675  11.603  -3.678  1.00 11.51 ? 49  GLU A N   1 
ATOM   46   C CA  . GLU A 1 7   ? -1.827  12.351  -3.195  1.00 12.89 ? 49  GLU A CA  1 
ATOM   47   C C   . GLU A 1 7   ? -2.763  11.460  -2.387  1.00 10.86 ? 49  GLU A C   1 
ATOM   48   O O   . GLU A 1 7   ? -2.885  10.265  -2.650  1.00 11.17 ? 49  GLU A O   1 
ATOM   49   C CB  . GLU A 1 7   ? -2.585  12.981  -4.370  1.00 11.94 ? 49  GLU A CB  1 
ATOM   50   C CG  . GLU A 1 7   ? -3.273  11.984  -5.290  1.00 12.07 ? 49  GLU A CG  1 
ATOM   51   C CD  . GLU A 1 7   ? -3.942  12.641  -6.484  1.00 13.57 ? 49  GLU A CD  1 
ATOM   52   O OE1 . GLU A 1 7   ? -4.801  11.981  -7.121  1.00 13.85 ? 49  GLU A OE1 1 
ATOM   53   O OE2 . GLU A 1 7   ? -3.598  13.808  -6.787  1.00 15.51 ? 49  GLU A OE2 1 
ATOM   54   N N   . THR A 1 8   ? -3.411  12.044  -1.388  1.00 11.50 ? 50  THR A N   1 
ATOM   55   C CA  . THR A 1 8   ? -4.428  11.338  -0.622  1.00 12.89 ? 50  THR A CA  1 
ATOM   56   C C   . THR A 1 8   ? -5.794  11.998  -0.776  1.00 12.67 ? 50  THR A C   1 
ATOM   57   O O   . THR A 1 8   ? -6.772  11.570  -0.174  1.00 14.33 ? 50  THR A O   1 
ATOM   58   C CB  . THR A 1 8   ? -4.041  11.230  0.855   1.00 12.50 ? 50  THR A CB  1 
ATOM   59   O OG1 . THR A 1 8   ? -3.791  12.538  1.373   1.00 15.58 ? 50  THR A OG1 1 
ATOM   60   C CG2 . THR A 1 8   ? -2.786  10.389  1.002   1.00 13.70 ? 50  THR A CG2 1 
ATOM   61   N N   . SER A 1 9   ? -5.830  13.054  -1.581  1.00 11.95 ? 51  SER A N   1 
ATOM   62   C CA  . SER A 1 9   ? -7.068  13.728  -1.956  1.00 11.49 ? 51  SER A CA  1 
ATOM   63   C C   . SER A 1 9   ? -6.860  14.308  -3.347  1.00 12.42 ? 51  SER A C   1 
ATOM   64   O O   . SER A 1 9   ? -5.728  14.526  -3.773  1.00 13.99 ? 51  SER A O   1 
ATOM   65   C CB  . SER A 1 9   ? -7.415  14.842  -0.965  1.00 13.88 ? 51  SER A CB  1 
ATOM   66   O OG  . SER A 1 9   ? -6.407  15.831  -0.956  1.00 18.37 ? 51  SER A OG  1 
ATOM   67   N N   . ASN A 1 10  ? -7.954  14.550  -4.063  1.00 10.55 ? 52  ASN A N   1 
ATOM   68   C CA  . ASN A 1 10  ? -7.878  15.146  -5.387  1.00 12.29 ? 52  ASN A CA  1 
ATOM   69   C C   . ASN A 1 10  ? -9.266  15.639  -5.711  1.00 12.27 ? 52  ASN A C   1 
ATOM   70   O O   . ASN A 1 10  ? -10.151 14.835  -5.973  1.00 11.13 ? 52  ASN A O   1 
ATOM   71   C CB  . ASN A 1 10  ? -7.434  14.118  -6.433  1.00 12.28 ? 52  ASN A CB  1 
ATOM   72   C CG  . ASN A 1 10  ? -7.223  14.729  -7.805  1.00 17.85 ? 52  ASN A CG  1 
ATOM   73   O OD1 . ASN A 1 10  ? -7.907  15.689  -8.189  1.00 16.41 ? 52  ASN A OD1 1 
ATOM   74   N ND2 . ASN A 1 10  ? -6.286  14.173  -8.561  1.00 21.91 ? 52  ASN A ND2 1 
ATOM   75   N N   . PRO A 1 11  ? -9.476  16.960  -5.668  1.00 10.54 ? 53  PRO A N   1 
ATOM   76   C CA  . PRO A 1 11  ? -10.832 17.480  -5.880  1.00 11.13 ? 53  PRO A CA  1 
ATOM   77   C C   . PRO A 1 11  ? -11.392 17.220  -7.278  1.00 13.07 ? 53  PRO A C   1 
ATOM   78   O O   . PRO A 1 11  ? -12.613 17.268  -7.431  1.00 15.66 ? 53  PRO A O   1 
ATOM   79   C CB  . PRO A 1 11  ? -10.668 18.986  -5.649  1.00 12.95 ? 53  PRO A CB  1 
ATOM   80   C CG  . PRO A 1 11  ? -9.441  19.117  -4.832  1.00 13.42 ? 53  PRO A CG  1 
ATOM   81   C CD  . PRO A 1 11  ? -8.528  18.031  -5.325  1.00 12.10 ? 53  PRO A CD  1 
ATOM   82   N N   . ASN A 1 12  ? -10.536 16.938  -8.255  1.00 13.62 ? 54  ASN A N   1 
ATOM   83   C CA  . ASN A 1 12  ? -10.975 16.618  -9.615  1.00 16.89 ? 54  ASN A CA  1 
ATOM   84   C C   . ASN A 1 12  ? -11.540 15.208  -9.722  1.00 16.89 ? 54  ASN A C   1 
ATOM   85   O O   . ASN A 1 12  ? -12.290 14.899  -10.642 1.00 20.23 ? 54  ASN A O   1 
ATOM   86   C CB  . ASN A 1 12  ? -9.812  16.749  -10.607 1.00 21.02 ? 54  ASN A CB  1 
ATOM   87   C CG  . ASN A 1 12  ? -9.324  18.182  -10.761 1.00 20.21 ? 54  ASN A CG  1 
ATOM   88   O OD1 . ASN A 1 12  ? -8.114  18.442  -10.728 1.00 26.64 ? 54  ASN A OD1 1 
ATOM   89   N ND2 . ASN A 1 12  ? -10.259 19.118  -10.927 1.00 21.43 ? 54  ASN A ND2 1 
ATOM   90   N N   . LYS A 1 13  ? -11.185 14.364  -8.766  1.00 11.94 ? 55  LYS A N   1 
ATOM   91   C CA  . LYS A 1 13  ? -11.508 12.943  -8.817  1.00 11.76 ? 55  LYS A CA  1 
ATOM   92   C C   . LYS A 1 13  ? -12.773 12.675  -8.003  1.00 10.37 ? 55  LYS A C   1 
ATOM   93   O O   . LYS A 1 13  ? -12.881 13.124  -6.869  1.00 12.50 ? 55  LYS A O   1 
ATOM   94   C CB  . LYS A 1 13  ? -10.323 12.171  -8.239  1.00 12.12 ? 55  LYS A CB  1 
ATOM   95   C CG  . LYS A 1 13  ? -10.353 10.665  -8.427  1.00 11.95 ? 55  LYS A CG  1 
ATOM   96   C CD  . LYS A 1 13  ? -9.116  10.054  -7.788  1.00 13.22 ? 55  LYS A CD  1 
ATOM   97   C CE  . LYS A 1 13  ? -8.978  8.577   -8.092  1.00 13.13 ? 55  LYS A CE  1 
ATOM   98   N NZ  . LYS A 1 13  ? -10.050 7.776   -7.457  1.00 13.92 ? 55  LYS A NZ  1 
ATOM   99   N N   . PRO A 1 14  ? -13.741 11.932  -8.564  1.00 11.38 ? 56  PRO A N   1 
ATOM   100  C CA  . PRO A 1 14  ? -14.955 11.668  -7.785  1.00 11.30 ? 56  PRO A CA  1 
ATOM   101  C C   . PRO A 1 14  ? -14.703 10.677  -6.644  1.00 11.64 ? 56  PRO A C   1 
ATOM   102  O O   . PRO A 1 14  ? -13.854 9.788   -6.755  1.00 11.98 ? 56  PRO A O   1 
ATOM   103  C CB  . PRO A 1 14  ? -15.916 11.074  -8.822  1.00 11.79 ? 56  PRO A CB  1 
ATOM   104  C CG  . PRO A 1 14  ? -15.027 10.434  -9.835  1.00 13.82 ? 56  PRO A CG  1 
ATOM   105  C CD  . PRO A 1 14  ? -13.789 11.318  -9.902  1.00 12.31 ? 56  PRO A CD  1 
ATOM   106  N N   . LYS A 1 15  ? -15.438 10.852  -5.552  1.00 11.09 ? 57  LYS A N   1 
ATOM   107  C CA  . LYS A 1 15  ? -15.308 9.994   -4.381  1.00 12.17 ? 57  LYS A CA  1 
ATOM   108  C C   . LYS A 1 15  ? -16.382 8.937   -4.398  1.00 13.06 ? 57  LYS A C   1 
ATOM   109  O O   . LYS A 1 15  ? -17.415 9.107   -5.041  1.00 12.25 ? 57  LYS A O   1 
ATOM   110  C CB  . LYS A 1 15  ? -15.493 10.813  -3.108  1.00 12.63 ? 57  LYS A CB  1 
ATOM   111  C CG  . LYS A 1 15  ? -14.389 11.797  -2.836  1.00 13.45 ? 57  LYS A CG  1 
ATOM   112  C CD  . LYS A 1 15  ? -14.564 12.393  -1.452  1.00 13.83 ? 57  LYS A CD  1 
ATOM   113  C CE  . LYS A 1 15  ? -13.386 13.262  -1.058  1.00 15.28 ? 57  LYS A CE  1 
ATOM   114  N NZ  . LYS A 1 15  ? -13.459 13.593  0.393   1.00 15.47 ? 57  LYS A NZ  1 
ATOM   115  N N   . ARG A 1 16  ? -16.155 7.846   -3.678  1.00 11.76 ? 58  ARG A N   1 
ATOM   116  C CA  . ARG A 1 16  ? -17.228 6.897   -3.458  1.00 11.88 ? 58  ARG A CA  1 
ATOM   117  C C   . ARG A 1 16  ? -17.016 6.102   -2.184  1.00 13.52 ? 58  ARG A C   1 
ATOM   118  O O   . ARG A 1 16  ? -15.891 5.940   -1.718  1.00 13.50 ? 58  ARG A O   1 
ATOM   119  C CB  . ARG A 1 16  ? -17.399 5.966   -4.656  1.00 14.93 ? 58  ARG A CB  1 
ATOM   120  C CG  . ARG A 1 16  ? -18.821 5.423   -4.764  1.00 15.81 ? 58  ARG A CG  1 
ATOM   121  C CD  . ARG A 1 16  ? -19.156 4.960   -6.159  1.00 17.90 ? 58  ARG A CD  1 
ATOM   122  N NE  . ARG A 1 16  ? -18.401 3.759   -6.459  1.00 19.23 ? 58  ARG A NE  1 
ATOM   123  C CZ  . ARG A 1 16  ? -18.865 2.705   -7.123  1.00 16.79 ? 58  ARG A CZ  1 
ATOM   124  N NH1 . ARG A 1 16  ? -20.103 2.662   -7.599  1.00 20.03 ? 58  ARG A NH1 1 
ATOM   125  N NH2 . ARG A 1 16  ? -18.064 1.678   -7.306  1.00 16.76 ? 58  ARG A NH2 1 
ATOM   126  N N   . GLN A 1 17  ? -18.117 5.649   -1.606  1.00 13.54 ? 59  GLN A N   1 
ATOM   127  C CA  . GLN A 1 17  ? -18.059 4.729   -0.492  1.00 16.01 ? 59  GLN A CA  1 
ATOM   128  C C   . GLN A 1 17  ? -18.858 3.497   -0.875  1.00 16.33 ? 59  GLN A C   1 
ATOM   129  O O   . GLN A 1 17  ? -19.946 3.604   -1.437  1.00 16.93 ? 59  GLN A O   1 
ATOM   130  C CB  . GLN A 1 17  ? -18.608 5.364   0.785   1.00 19.16 ? 59  GLN A CB  1 
ATOM   131  C CG  . GLN A 1 17  ? -18.533 4.439   2.011   1.00 23.47 ? 59  GLN A CG  1 
ATOM   132  C CD  . GLN A 1 17  ? -17.102 4.066   2.415   1.00 23.93 ? 59  GLN A CD  1 
ATOM   133  O OE1 . GLN A 1 17  ? -16.373 3.386   1.675   1.00 20.70 ? 59  GLN A OE1 1 
ATOM   134  N NE2 . GLN A 1 17  ? -16.698 4.505   3.607   1.00 27.22 ? 59  GLN A NE2 1 
ATOM   135  N N   . THR A 1 18  ? -18.294 2.325   -0.618  1.00 13.58 ? 60  THR A N   1 
ATOM   136  C CA  . THR A 1 18  ? -18.974 1.072   -0.891  1.00 13.50 ? 60  THR A CA  1 
ATOM   137  C C   . THR A 1 18  ? -18.728 0.156   0.293   1.00 15.19 ? 60  THR A C   1 
ATOM   138  O O   . THR A 1 18  ? -17.811 0.403   1.086   1.00 15.43 ? 60  THR A O   1 
ATOM   139  C CB  . THR A 1 18  ? -18.446 0.384   -2.173  1.00 13.77 ? 60  THR A CB  1 
ATOM   140  O OG1 . THR A 1 18  ? -17.106 -0.080  -1.957  1.00 14.36 ? 60  THR A OG1 1 
ATOM   141  C CG2 . THR A 1 18  ? -18.460 1.327   -3.360  1.00 15.93 ? 60  THR A CG2 1 
ATOM   142  N N   . ASN A 1 19  ? -19.527 -0.899  0.415   1.00 16.53 ? 61  ASN A N   1 
ATOM   143  C CA  . ASN A 1 19  ? -19.318 -1.874  1.474   1.00 16.56 ? 61  ASN A CA  1 
ATOM   144  C C   . ASN A 1 19  ? -17.934 -2.520  1.390   1.00 15.12 ? 61  ASN A C   1 
ATOM   145  O O   . ASN A 1 19  ? -17.294 -2.781  2.410   1.00 14.88 ? 61  ASN A O   1 
ATOM   146  C CB  . ASN A 1 19  ? -20.407 -2.951  1.442   1.00 18.84 ? 61  ASN A CB  1 
ATOM   147  C CG  . ASN A 1 19  ? -21.776 -2.408  1.798   1.00 21.40 ? 61  ASN A CG  1 
ATOM   148  O OD1 . ASN A 1 19  ? -21.895 -1.404  2.494   1.00 22.97 ? 61  ASN A OD1 1 
ATOM   149  N ND2 . ASN A 1 19  ? -22.819 -3.087  1.331   1.00 26.95 ? 61  ASN A ND2 1 
ATOM   150  N N   . GLN A 1 20  ? -17.468 -2.762  0.170   1.00 12.85 ? 62  GLN A N   1 
ATOM   151  C CA  . GLN A 1 20  ? -16.158 -3.377  -0.018  1.00 11.70 ? 62  GLN A CA  1 
ATOM   152  C C   . GLN A 1 20  ? -15.026 -2.435  0.393   1.00 12.44 ? 62  GLN A C   1 
ATOM   153  O O   . GLN A 1 20  ? -14.061 -2.865  1.012   1.00 11.51 ? 62  GLN A O   1 
ATOM   154  C CB  . GLN A 1 20  ? -15.987 -3.856  -1.458  1.00 12.94 ? 62  GLN A CB  1 
ATOM   155  C CG  . GLN A 1 20  ? -16.953 -4.980  -1.833  1.00 15.00 ? 62  GLN A CG  1 
ATOM   156  C CD  . GLN A 1 20  ? -16.644 -5.599  -3.174  1.00 21.60 ? 62  GLN A CD  1 
ATOM   157  O OE1 . GLN A 1 20  ? -15.821 -5.086  -3.934  1.00 27.27 ? 62  GLN A OE1 1 
ATOM   158  N NE2 . GLN A 1 20  ? -17.298 -6.714  -3.476  1.00 22.67 ? 62  GLN A NE2 1 
ATOM   159  N N   . LEU A 1 21  ? -15.144 -1.153  0.068   1.00 11.49 ? 63  LEU A N   1 
ATOM   160  C CA  . LEU A 1 21  ? -14.144 -0.178  0.499   1.00 10.98 ? 63  LEU A CA  1 
ATOM   161  C C   . LEU A 1 21  ? -14.132 -0.011  2.021   1.00 11.76 ? 63  LEU A C   1 
ATOM   162  O O   . LEU A 1 21  ? -13.069 0.126   2.627   1.00 12.48 ? 63  LEU A O   1 
ATOM   163  C CB  . LEU A 1 21  ? -14.357 1.163   -0.209  1.00 12.68 ? 63  LEU A CB  1 
ATOM   164  C CG  . LEU A 1 21  ? -13.884 1.206   -1.667  1.00 10.25 ? 63  LEU A CG  1 
ATOM   165  C CD1 . LEU A 1 21  ? -14.505 2.398   -2.402  1.00 12.24 ? 63  LEU A CD1 1 
ATOM   166  C CD2 . LEU A 1 21  ? -12.372 1.279   -1.740  1.00 11.83 ? 63  LEU A CD2 1 
ATOM   167  N N   . GLN A 1 22  ? -15.304 -0.031  2.646   1.00 13.03 ? 64  GLN A N   1 
ATOM   168  C CA  . GLN A 1 22  ? -15.364 0.057   4.101   1.00 13.47 ? 64  GLN A CA  1 
ATOM   169  C C   . GLN A 1 22  ? -14.608 -1.103  4.730   1.00 13.67 ? 64  GLN A C   1 
ATOM   170  O O   . GLN A 1 22  ? -13.864 -0.928  5.696   1.00 14.50 ? 64  GLN A O   1 
ATOM   171  C CB  . GLN A 1 22  ? -16.812 0.030   4.581   1.00 16.92 ? 64  GLN A CB  1 
ATOM   172  C CG  . GLN A 1 22  ? -17.607 1.258   4.235   1.00 23.66 ? 64  GLN A CG  1 
ATOM   173  C CD  . GLN A 1 22  ? -19.022 1.178   4.765   1.00 29.84 ? 64  GLN A CD  1 
ATOM   174  O OE1 . GLN A 1 22  ? -19.963 0.893   4.020   1.00 31.97 ? 64  GLN A OE1 1 
ATOM   175  N NE2 . GLN A 1 22  ? -19.178 1.415   6.064   1.00 34.54 ? 64  GLN A NE2 1 
ATOM   176  N N   . TYR A 1 23  ? -14.813 -2.285  4.161   1.00 12.15 ? 65  TYR A N   1 
ATOM   177  C CA  . TYR A 1 23  ? -14.192 -3.520  4.607   1.00 11.98 ? 65  TYR A CA  1 
ATOM   178  C C   . TYR A 1 23  ? -12.678 -3.457  4.413   1.00 11.46 ? 65  TYR A C   1 
ATOM   179  O O   . TYR A 1 23  ? -11.910 -3.902  5.270   1.00 11.80 ? 65  TYR A O   1 
ATOM   180  C CB  . TYR A 1 23  ? -14.789 -4.680  3.804   1.00 11.36 ? 65  TYR A CB  1 
ATOM   181  C CG  . TYR A 1 23  ? -14.283 -6.051  4.150   1.00 12.54 ? 65  TYR A CG  1 
ATOM   182  C CD1 . TYR A 1 23  ? -14.836 -6.771  5.204   1.00 15.51 ? 65  TYR A CD1 1 
ATOM   183  C CD2 . TYR A 1 23  ? -13.290 -6.653  3.394   1.00 12.72 ? 65  TYR A CD2 1 
ATOM   184  C CE1 . TYR A 1 23  ? -14.393 -8.037  5.506   1.00 17.19 ? 65  TYR A CE1 1 
ATOM   185  C CE2 . TYR A 1 23  ? -12.830 -7.913  3.691   1.00 13.58 ? 65  TYR A CE2 1 
ATOM   186  C CZ  . TYR A 1 23  ? -13.390 -8.605  4.751   1.00 14.77 ? 65  TYR A CZ  1 
ATOM   187  O OH  . TYR A 1 23  ? -12.954 -9.869  5.059   1.00 18.65 ? 65  TYR A OH  1 
ATOM   188  N N   . LEU A 1 24  ? -12.246 -2.899  3.286   1.00 10.50 ? 66  LEU A N   1 
ATOM   189  C CA  . LEU A 1 24  ? -10.810 -2.784  3.027   1.00 10.43 ? 66  LEU A CA  1 
ATOM   190  C C   . LEU A 1 24  ? -10.107 -1.947  4.097   1.00 11.35 ? 66  LEU A C   1 
ATOM   191  O O   . LEU A 1 24  ? -8.968  -2.225  4.454   1.00 12.69 ? 66  LEU A O   1 
ATOM   192  C CB  . LEU A 1 24  ? -10.539 -2.223  1.631   1.00 10.74 ? 66  LEU A CB  1 
ATOM   193  C CG  . LEU A 1 24  ? -10.658 -3.239  0.499   1.00 11.15 ? 66  LEU A CG  1 
ATOM   194  C CD1 . LEU A 1 24  ? -10.571 -2.569  -0.850  1.00 13.38 ? 66  LEU A CD1 1 
ATOM   195  C CD2 . LEU A 1 24  ? -9.565  -4.294  0.620   1.00 16.48 ? 66  LEU A CD2 1 
ATOM   196  N N   . LEU A 1 25  ? -10.783 -0.927  4.614   1.00 10.81 ? 67  LEU A N   1 
ATOM   197  C CA  . LEU A 1 25  ? -10.223 -0.135  5.704   1.00 11.97 ? 67  LEU A CA  1 
ATOM   198  C C   . LEU A 1 25  ? -10.354 -0.836  7.056   1.00 13.10 ? 67  LEU A C   1 
ATOM   199  O O   . LEU A 1 25  ? -9.354  -1.064  7.743   1.00 14.25 ? 67  LEU A O   1 
ATOM   200  C CB  . LEU A 1 25  ? -10.895 1.240   5.765   1.00 12.72 ? 67  LEU A CB  1 
ATOM   201  C CG  . LEU A 1 25  ? -10.412 2.155   6.892   1.00 13.69 ? 67  LEU A CG  1 
ATOM   202  C CD1 . LEU A 1 25  ? -8.902  2.393   6.801   1.00 14.05 ? 67  LEU A CD1 1 
ATOM   203  C CD2 . LEU A 1 25  ? -11.183 3.475   6.863   1.00 12.66 ? 67  LEU A CD2 1 
ATOM   204  N N   . ARG A 1 26  ? -11.587 -1.186  7.417   1.00 13.61 ? 68  ARG A N   1 
ATOM   205  C CA  . ARG A 1 26  ? -11.890 -1.656  8.763   1.00 15.32 ? 68  ARG A CA  1 
ATOM   206  C C   . ARG A 1 26  ? -11.297 -3.023  9.052   1.00 15.71 ? 68  ARG A C   1 
ATOM   207  O O   . ARG A 1 26  ? -10.813 -3.271  10.155  1.00 18.94 ? 68  ARG A O   1 
ATOM   208  C CB  . ARG A 1 26  ? -13.400 -1.688  8.981   1.00 19.25 ? 68  ARG A CB  1 
ATOM   209  C CG  . ARG A 1 26  ? -13.822 -2.122  10.376  1.00 24.70 ? 68  ARG A CG  1 
ATOM   210  C CD  . ARG A 1 26  ? -15.321 -2.371  10.419  1.00 29.22 ? 68  ARG A CD  1 
ATOM   211  N NE  . ARG A 1 26  ? -15.682 -3.572  9.673   1.00 32.78 ? 68  ARG A NE  1 
ATOM   212  C CZ  . ARG A 1 26  ? -15.840 -4.768  10.229  1.00 29.08 ? 68  ARG A CZ  1 
ATOM   213  N NH1 . ARG A 1 26  ? -16.165 -5.817  9.484   1.00 28.54 ? 68  ARG A NH1 1 
ATOM   214  N NH2 . ARG A 1 26  ? -15.677 -4.912  11.536  1.00 30.70 ? 68  ARG A NH2 1 
ATOM   215  N N   . VAL A 1 27  ? -11.327 -3.906  8.061   1.00 13.25 ? 69  VAL A N   1 
ATOM   216  C CA  . VAL A 1 27  ? -10.830 -5.261  8.248   1.00 12.37 ? 69  VAL A CA  1 
ATOM   217  C C   . VAL A 1 27  ? -9.450  -5.499  7.630   1.00 13.74 ? 69  VAL A C   1 
ATOM   218  O O   . VAL A 1 27  ? -8.512  -5.882  8.323   1.00 15.59 ? 69  VAL A O   1 
ATOM   219  C CB  . VAL A 1 27  ? -11.821 -6.311  7.708   1.00 15.08 ? 69  VAL A CB  1 
ATOM   220  C CG1 . VAL A 1 27  ? -11.233 -7.701  7.845   1.00 16.51 ? 69  VAL A CG1 1 
ATOM   221  C CG2 . VAL A 1 27  ? -13.128 -6.220  8.457   1.00 17.62 ? 69  VAL A CG2 1 
ATOM   222  N N   . VAL A 1 28  ? -9.308  -5.262  6.330   1.00 13.01 ? 70  VAL A N   1 
ATOM   223  C CA  . VAL A 1 28  ? -8.089  -5.666  5.642   1.00 11.98 ? 70  VAL A CA  1 
ATOM   224  C C   . VAL A 1 28  ? -6.880  -4.815  6.046   1.00 11.28 ? 70  VAL A C   1 
ATOM   225  O O   . VAL A 1 28  ? -5.896  -5.340  6.559   1.00 12.02 ? 70  VAL A O   1 
ATOM   226  C CB  . VAL A 1 28  ? -8.275  -5.675  4.112   1.00 11.16 ? 70  VAL A CB  1 
ATOM   227  C CG1 . VAL A 1 28  ? -7.000  -6.126  3.421   1.00 12.86 ? 70  VAL A CG1 1 
ATOM   228  C CG2 . VAL A 1 28  ? -9.448  -6.586  3.727   1.00 12.29 ? 70  VAL A CG2 1 
ATOM   229  N N   . LEU A 1 29  ? -6.955  -3.507  5.839   1.00 10.83 ? 71  LEU A N   1 
ATOM   230  C CA  . LEU A 1 29  ? -5.824  -2.649  6.158   1.00 11.66 ? 71  LEU A CA  1 
ATOM   231  C C   . LEU A 1 29  ? -5.521  -2.657  7.645   1.00 10.92 ? 71  LEU A C   1 
ATOM   232  O O   . LEU A 1 29  ? -4.359  -2.777  8.043   1.00 11.16 ? 71  LEU A O   1 
ATOM   233  C CB  . LEU A 1 29  ? -6.054  -1.218  5.673   1.00 12.33 ? 71  LEU A CB  1 
ATOM   234  C CG  . LEU A 1 29  ? -4.820  -0.327  5.862   1.00 14.43 ? 71  LEU A CG  1 
ATOM   235  C CD1 . LEU A 1 29  ? -4.633  0.604   4.670   1.00 17.60 ? 71  LEU A CD1 1 
ATOM   236  C CD2 . LEU A 1 29  ? -4.897  0.475   7.162   1.00 14.26 ? 71  LEU A CD2 1 
ATOM   237  N N   . LYS A 1 30  ? -6.551  -2.528  8.470   1.00 12.00 ? 72  LYS A N   1 
ATOM   238  C CA  . LYS A 1 30  ? -6.312  -2.376  9.896   1.00 13.79 ? 72  LYS A CA  1 
ATOM   239  C C   . LYS A 1 30  ? -5.781  -3.651  10.535  1.00 13.04 ? 72  LYS A C   1 
ATOM   240  O O   . LYS A 1 30  ? -5.094  -3.591  11.552  1.00 15.19 ? 72  LYS A O   1 
ATOM   241  C CB  . LYS A 1 30  ? -7.533  -1.800  10.611  1.00 15.50 ? 72  LYS A CB  1 
ATOM   242  C CG  . LYS A 1 30  ? -7.640  -0.293  10.364  1.00 18.30 ? 72  LYS A CG  1 
ATOM   243  C CD  . LYS A 1 30  ? -8.855  0.343   11.002  1.00 21.96 ? 72  LYS A CD  1 
ATOM   244  C CE  . LYS A 1 30  ? -8.890  1.834   10.678  1.00 20.91 ? 72  LYS A CE  1 
ATOM   245  N NZ  . LYS A 1 30  ? -10.026 2.528   11.346  1.00 27.09 ? 72  LYS A NZ  1 
ATOM   246  N N   . THR A 1 31  ? -6.051  -4.796  9.915   1.00 11.40 ? 73  THR A N   1 
ATOM   247  C CA  . THR A 1 31  ? -5.473  -6.050  10.383  1.00 11.57 ? 73  THR A CA  1 
ATOM   248  C C   . THR A 1 31  ? -4.027  -6.208  9.900   1.00 11.43 ? 73  THR A C   1 
ATOM   249  O O   . THR A 1 31  ? -3.142  -6.498  10.702  1.00 12.27 ? 73  THR A O   1 
ATOM   250  C CB  . THR A 1 31  ? -6.323  -7.266  9.979   1.00 13.16 ? 73  THR A CB  1 
ATOM   251  O OG1 . THR A 1 31  ? -7.668  -7.074  10.435  1.00 15.01 ? 73  THR A OG1 1 
ATOM   252  C CG2 . THR A 1 31  ? -5.774  -8.523  10.604  1.00 15.18 ? 73  THR A CG2 1 
ATOM   253  N N   . LEU A 1 32  ? -3.773  -5.979  8.610   1.00 11.81 ? 74  LEU A N   1 
ATOM   254  C CA  . LEU A 1 32  ? -2.401  -6.020  8.091   1.00 11.38 ? 74  LEU A CA  1 
ATOM   255  C C   . LEU A 1 32  ? -1.477  -5.086  8.854   1.00 10.51 ? 74  LEU A C   1 
ATOM   256  O O   . LEU A 1 32  ? -0.320  -5.415  9.095   1.00 11.13 ? 74  LEU A O   1 
ATOM   257  C CB  . LEU A 1 32  ? -2.360  -5.638  6.610   1.00 14.04 ? 74  LEU A CB  1 
ATOM   258  C CG  . LEU A 1 32  ? -2.728  -6.723  5.602   1.00 20.00 ? 74  LEU A CG  1 
ATOM   259  C CD1 . LEU A 1 32  ? -2.750  -6.129  4.204   1.00 21.01 ? 74  LEU A CD1 1 
ATOM   260  C CD2 . LEU A 1 32  ? -1.759  -7.890  5.670   1.00 21.49 ? 74  LEU A CD2 1 
ATOM   261  N N   . TRP A 1 33  ? -1.997  -3.917  9.217   1.00 10.36 ? 75  TRP A N   1 
ATOM   262  C CA  . TRP A 1 33  ? -1.233  -2.897  9.922   1.00 11.10 ? 75  TRP A CA  1 
ATOM   263  C C   . TRP A 1 33  ? -0.616  -3.441  11.208  1.00 12.84 ? 75  TRP A C   1 
ATOM   264  O O   . TRP A 1 33  ? 0.454   -3.007  11.617  1.00 12.95 ? 75  TRP A O   1 
ATOM   265  C CB  . TRP A 1 33  ? -2.131  -1.708  10.247  1.00 12.30 ? 75  TRP A CB  1 
ATOM   266  C CG  . TRP A 1 33  ? -1.414  -0.467  10.657  1.00 12.76 ? 75  TRP A CG  1 
ATOM   267  C CD1 . TRP A 1 33  ? -0.999  -0.133  11.916  1.00 14.29 ? 75  TRP A CD1 1 
ATOM   268  C CD2 . TRP A 1 33  ? -1.063  0.629   9.812   1.00 11.77 ? 75  TRP A CD2 1 
ATOM   269  N NE1 . TRP A 1 33  ? -0.398  1.101   11.900  1.00 13.84 ? 75  TRP A NE1 1 
ATOM   270  C CE2 . TRP A 1 33  ? -0.426  1.589   10.618  1.00 12.18 ? 75  TRP A CE2 1 
ATOM   271  C CE3 . TRP A 1 33  ? -1.207  0.884   8.447   1.00 11.50 ? 75  TRP A CE3 1 
ATOM   272  C CZ2 . TRP A 1 33  ? 0.056   2.792   10.104  1.00 12.33 ? 75  TRP A CZ2 1 
ATOM   273  C CZ3 . TRP A 1 33  ? -0.735  2.083   7.943   1.00 12.22 ? 75  TRP A CZ3 1 
ATOM   274  C CH2 . TRP A 1 33  ? -0.110  3.014   8.768   1.00 12.11 ? 75  TRP A CH2 1 
ATOM   275  N N   . LYS A 1 34  ? -1.291  -4.400  11.834  1.00 11.65 ? 76  LYS A N   1 
ATOM   276  C CA  . LYS A 1 34  ? -0.870  -4.921  13.134  1.00 14.34 ? 76  LYS A CA  1 
ATOM   277  C C   . LYS A 1 34  ? 0.128   -6.068  13.036  1.00 13.35 ? 76  LYS A C   1 
ATOM   278  O O   . LYS A 1 34  ? 0.679   -6.508  14.053  1.00 14.79 ? 76  LYS A O   1 
ATOM   279  C CB  . LYS A 1 34  ? -2.095  -5.352  13.945  1.00 14.42 ? 76  LYS A CB  1 
ATOM   280  C CG  . LYS A 1 34  ? -3.012  -4.191  14.296  1.00 14.58 ? 76  LYS A CG  1 
ATOM   281  C CD  . LYS A 1 34  ? -4.282  -4.664  14.983  1.00 17.85 ? 76  LYS A CD  1 
ATOM   282  C CE  . LYS A 1 34  ? -5.204  -3.499  15.312  1.00 18.71 ? 76  LYS A CE  1 
ATOM   283  N NZ  . LYS A 1 34  ? -4.623  -2.591  16.337  1.00 25.33 ? 76  LYS A NZ  1 
ATOM   284  N N   . HIS A 1 35  ? 0.364   -6.554  11.822  1.00 10.67 ? 77  HIS A N   1 
ATOM   285  C CA  . HIS A 1 35  ? 1.294   -7.659  11.602  1.00 11.41 ? 77  HIS A CA  1 
ATOM   286  C C   . HIS A 1 35  ? 2.725   -7.237  11.932  1.00 13.46 ? 77  HIS A C   1 
ATOM   287  O O   . HIS A 1 35  ? 3.098   -6.072  11.749  1.00 12.34 ? 77  HIS A O   1 
ATOM   288  C CB  . HIS A 1 35  ? 1.197   -8.131  10.145  1.00 13.39 ? 77  HIS A CB  1 
ATOM   289  C CG  . HIS A 1 35  ? 1.884   -9.434  9.875   1.00 12.68 ? 77  HIS A CG  1 
ATOM   290  N ND1 . HIS A 1 35  ? 3.250   -9.545  9.721   1.00 12.62 ? 77  HIS A ND1 1 
ATOM   291  C CD2 . HIS A 1 35  ? 1.385   -10.683 9.711   1.00 13.63 ? 77  HIS A CD2 1 
ATOM   292  C CE1 . HIS A 1 35  ? 3.564   -10.805 9.486   1.00 12.91 ? 77  HIS A CE1 1 
ATOM   293  N NE2 . HIS A 1 35  ? 2.450   -11.518 9.474   1.00 14.93 ? 77  HIS A NE2 1 
ATOM   294  N N   . GLN A 1 36  ? 3.526   -8.184  12.408  1.00 13.05 ? 78  GLN A N   1 
ATOM   295  C CA  . GLN A 1 36  ? 4.890   -7.892  12.834  1.00 13.77 ? 78  GLN A CA  1 
ATOM   296  C C   . GLN A 1 36  ? 5.771   -7.383  11.695  1.00 14.01 ? 78  GLN A C   1 
ATOM   297  O O   . GLN A 1 36  ? 6.802   -6.748  11.938  1.00 14.73 ? 78  GLN A O   1 
ATOM   298  C CB  . GLN A 1 36  ? 5.534   -9.125  13.483  1.00 16.50 ? 78  GLN A CB  1 
ATOM   299  C CG  . GLN A 1 36  ? 5.776   -10.280 12.528  1.00 18.97 ? 78  GLN A CG  1 
ATOM   300  C CD  . GLN A 1 36  ? 6.749   -11.312 13.077  1.00 26.09 ? 78  GLN A CD  1 
ATOM   301  O OE1 . GLN A 1 36  ? 7.573   -11.010 13.942  1.00 24.71 ? 78  GLN A OE1 1 
ATOM   302  N NE2 . GLN A 1 36  ? 6.657   -12.540 12.571  1.00 29.59 ? 78  GLN A NE2 1 
ATOM   303  N N   . PHE A 1 37  ? 5.372   -7.656  10.457  1.00 11.91 ? 79  PHE A N   1 
ATOM   304  C CA  . PHE A 1 37  ? 6.162   -7.255  9.290   1.00 11.86 ? 79  PHE A CA  1 
ATOM   305  C C   . PHE A 1 37  ? 5.594   -6.025  8.583   1.00 11.52 ? 79  PHE A C   1 
ATOM   306  O O   . PHE A 1 37  ? 6.047   -5.690  7.488   1.00 12.75 ? 79  PHE A O   1 
ATOM   307  C CB  . PHE A 1 37  ? 6.267   -8.390  8.261   1.00 13.72 ? 79  PHE A CB  1 
ATOM   308  C CG  . PHE A 1 37  ? 7.064   -9.585  8.725   1.00 13.67 ? 79  PHE A CG  1 
ATOM   309  C CD1 . PHE A 1 37  ? 7.972   -9.485  9.772   1.00 14.53 ? 79  PHE A CD1 1 
ATOM   310  C CD2 . PHE A 1 37  ? 6.914   -10.810 8.089   1.00 13.35 ? 79  PHE A CD2 1 
ATOM   311  C CE1 . PHE A 1 37  ? 8.699   -10.592 10.187  1.00 15.52 ? 79  PHE A CE1 1 
ATOM   312  C CE2 . PHE A 1 37  ? 7.649   -11.921 8.498   1.00 15.24 ? 79  PHE A CE2 1 
ATOM   313  C CZ  . PHE A 1 37  ? 8.541   -11.805 9.551   1.00 15.23 ? 79  PHE A CZ  1 
ATOM   314  N N   . ALA A 1 38  ? 4.627   -5.353  9.200   1.00 10.47 ? 80  ALA A N   1 
ATOM   315  C CA  . ALA A 1 38  ? 3.968   -4.215  8.560   1.00 10.67 ? 80  ALA A CA  1 
ATOM   316  C C   . ALA A 1 38  ? 4.785   -2.927  8.592   1.00 10.42 ? 80  ALA A C   1 
ATOM   317  O O   . ALA A 1 38  ? 4.611   -2.067  7.727   1.00 10.39 ? 80  ALA A O   1 
ATOM   318  C CB  . ALA A 1 38  ? 2.616   -3.961  9.181   1.00 11.33 ? 80  ALA A CB  1 
ATOM   319  N N   . TRP A 1 39  ? 5.649   -2.769  9.591   1.00 10.11 ? 81  TRP A N   1 
ATOM   320  C CA  . TRP A 1 39  ? 6.300   -1.479  9.817   1.00 11.25 ? 81  TRP A CA  1 
ATOM   321  C C   . TRP A 1 39  ? 7.045   -0.840  8.626   1.00 10.83 ? 81  TRP A C   1 
ATOM   322  O O   . TRP A 1 39  ? 7.004   0.376   8.485   1.00 11.02 ? 81  TRP A O   1 
ATOM   323  C CB  . TRP A 1 39  ? 7.180   -1.516  11.082  1.00 12.80 ? 81  TRP A CB  1 
ATOM   324  C CG  . TRP A 1 39  ? 8.316   -2.486  11.004  1.00 13.02 ? 81  TRP A CG  1 
ATOM   325  C CD1 . TRP A 1 39  ? 8.336   -3.769  11.462  1.00 11.31 ? 81  TRP A CD1 1 
ATOM   326  C CD2 . TRP A 1 39  ? 9.603   -2.249  10.428  1.00 11.53 ? 81  TRP A CD2 1 
ATOM   327  N NE1 . TRP A 1 39  ? 9.555   -4.351  11.204  1.00 12.86 ? 81  TRP A NE1 1 
ATOM   328  C CE2 . TRP A 1 39  ? 10.352  -3.433  10.569  1.00 12.18 ? 81  TRP A CE2 1 
ATOM   329  C CE3 . TRP A 1 39  ? 10.193  -1.144  9.797   1.00 13.82 ? 81  TRP A CE3 1 
ATOM   330  C CZ2 . TRP A 1 39  ? 11.659  -3.549  10.103  1.00 14.62 ? 81  TRP A CZ2 1 
ATOM   331  C CZ3 . TRP A 1 39  ? 11.495  -1.260  9.342   1.00 14.14 ? 81  TRP A CZ3 1 
ATOM   332  C CH2 . TRP A 1 39  ? 12.214  -2.453  9.496   1.00 14.05 ? 81  TRP A CH2 1 
ATOM   333  N N   . PRO A 1 40  ? 7.714   -1.632  7.754   1.00 9.43  ? 82  PRO A N   1 
ATOM   334  C CA  . PRO A 1 40  ? 8.406   -0.930  6.661   1.00 11.02 ? 82  PRO A CA  1 
ATOM   335  C C   . PRO A 1 40  ? 7.442   -0.299  5.660   1.00 10.53 ? 82  PRO A C   1 
ATOM   336  O O   . PRO A 1 40  ? 7.848   0.529   4.845   1.00 10.52 ? 82  PRO A O   1 
ATOM   337  C CB  . PRO A 1 40  ? 9.201   -2.046  5.966   1.00 11.37 ? 82  PRO A CB  1 
ATOM   338  C CG  . PRO A 1 40  ? 9.289   -3.155  6.979   1.00 10.41 ? 82  PRO A CG  1 
ATOM   339  C CD  . PRO A 1 40  ? 7.989   -3.081  7.719   1.00 9.54  ? 82  PRO A CD  1 
ATOM   340  N N   . PHE A 1 41  ? 6.176   -0.702  5.724   1.00 8.46  ? 83  PHE A N   1 
ATOM   341  C CA  . PHE A 1 41  ? 5.201   -0.347  4.710   1.00 9.82  ? 83  PHE A CA  1 
ATOM   342  C C   . PHE A 1 41  ? 4.151   0.630   5.229   1.00 9.27  ? 83  PHE A C   1 
ATOM   343  O O   . PHE A 1 41  ? 3.165   0.894   4.552   1.00 10.85 ? 83  PHE A O   1 
ATOM   344  C CB  . PHE A 1 41  ? 4.542   -1.623  4.168   1.00 9.59  ? 83  PHE A CB  1 
ATOM   345  C CG  . PHE A 1 41  ? 5.536   -2.643  3.714   1.00 9.29  ? 83  PHE A CG  1 
ATOM   346  C CD1 . PHE A 1 41  ? 6.161   -2.515  2.481   1.00 10.80 ? 83  PHE A CD1 1 
ATOM   347  C CD2 . PHE A 1 41  ? 5.883   -3.715  4.530   1.00 10.23 ? 83  PHE A CD2 1 
ATOM   348  C CE1 . PHE A 1 41  ? 7.124   -3.438  2.064   1.00 12.38 ? 83  PHE A CE1 1 
ATOM   349  C CE2 . PHE A 1 41  ? 6.831   -4.637  4.118   1.00 11.45 ? 83  PHE A CE2 1 
ATOM   350  C CZ  . PHE A 1 41  ? 7.445   -4.506  2.884   1.00 11.25 ? 83  PHE A CZ  1 
ATOM   351  N N   . GLN A 1 42  ? 4.360   1.175   6.424   1.00 8.52  ? 84  GLN A N   1 
ATOM   352  C CA  . GLN A 1 42  ? 3.353   2.041   7.052   1.00 9.15  ? 84  GLN A CA  1 
ATOM   353  C C   . GLN A 1 42  ? 3.455   3.520   6.673   1.00 9.81  ? 84  GLN A C   1 
ATOM   354  O O   . GLN A 1 42  ? 2.625   4.330   7.088   1.00 12.02 ? 84  GLN A O   1 
ATOM   355  C CB  . GLN A 1 42  ? 3.389   1.888   8.574   1.00 10.19 ? 84  GLN A CB  1 
ATOM   356  C CG  . GLN A 1 42  ? 2.823   0.565   9.043   1.00 10.11 ? 84  GLN A CG  1 
ATOM   357  C CD  . GLN A 1 42  ? 3.035   0.315   10.519  1.00 12.55 ? 84  GLN A CD  1 
ATOM   358  O OE1 . GLN A 1 42  ? 3.888   0.929   11.152  1.00 13.57 ? 84  GLN A OE1 1 
ATOM   359  N NE2 . GLN A 1 42  ? 2.254   -0.607  11.076  1.00 14.58 ? 84  GLN A NE2 1 
ATOM   360  N N   . GLN A 1 43  ? 4.465   3.860   5.881   1.00 9.60  ? 85  GLN A N   1 
ATOM   361  C CA  . GLN A 1 43  ? 4.670   5.241   5.454   1.00 10.96 ? 85  GLN A CA  1 
ATOM   362  C C   . GLN A 1 43  ? 5.457   5.219   4.157   1.00 11.40 ? 85  GLN A C   1 
ATOM   363  O O   . GLN A 1 43  ? 6.074   4.205   3.830   1.00 11.43 ? 85  GLN A O   1 
ATOM   364  C CB  . GLN A 1 43  ? 5.439   6.031   6.521   1.00 11.79 ? 85  GLN A CB  1 
ATOM   365  C CG  . GLN A 1 43  ? 6.785   5.439   6.888   1.00 12.34 ? 85  GLN A CG  1 
ATOM   366  C CD  . GLN A 1 43  ? 6.654   4.251   7.822   1.00 13.64 ? 85  GLN A CD  1 
ATOM   367  O OE1 . GLN A 1 43  ? 5.885   4.292   8.786   1.00 15.56 ? 85  GLN A OE1 1 
ATOM   368  N NE2 . GLN A 1 43  ? 7.375   3.176   7.521   1.00 14.12 ? 85  GLN A NE2 1 
ATOM   369  N N   . PRO A 1 44  ? 5.445   6.335   3.408   1.00 10.69 ? 86  PRO A N   1 
ATOM   370  C CA  . PRO A 1 44  ? 6.259   6.364   2.192   1.00 11.62 ? 86  PRO A CA  1 
ATOM   371  C C   . PRO A 1 44  ? 7.728   6.090   2.493   1.00 12.59 ? 86  PRO A C   1 
ATOM   372  O O   . PRO A 1 44  ? 8.230   6.496   3.547   1.00 13.76 ? 86  PRO A O   1 
ATOM   373  C CB  . PRO A 1 44  ? 6.095   7.810   1.709   1.00 12.65 ? 86  PRO A CB  1 
ATOM   374  C CG  . PRO A 1 44  ? 4.741   8.210   2.195   1.00 12.73 ? 86  PRO A CG  1 
ATOM   375  C CD  . PRO A 1 44  ? 4.577   7.523   3.529   1.00 12.70 ? 86  PRO A CD  1 
ATOM   376  N N   . VAL A 1 45  ? 8.411   5.407   1.585   1.00 10.82 ? 87  VAL A N   1 
ATOM   377  C CA  . VAL A 1 45  ? 9.847   5.209   1.726   1.00 13.06 ? 87  VAL A CA  1 
ATOM   378  C C   . VAL A 1 45  ? 10.562  6.558   1.812   1.00 14.23 ? 87  VAL A C   1 
ATOM   379  O O   . VAL A 1 45  ? 10.424  7.411   0.929   1.00 12.96 ? 87  VAL A O   1 
ATOM   380  C CB  . VAL A 1 45  ? 10.414  4.365   0.566   1.00 11.80 ? 87  VAL A CB  1 
ATOM   381  C CG1 . VAL A 1 45  ? 11.943  4.346   0.621   1.00 15.77 ? 87  VAL A CG1 1 
ATOM   382  C CG2 . VAL A 1 45  ? 9.823   2.952   0.600   1.00 14.80 ? 87  VAL A CG2 1 
ATOM   383  N N   . ASP A 1 46  ? 11.291  6.763   2.905   1.00 14.75 ? 88  ASP A N   1 
ATOM   384  C CA  . ASP A 1 46  ? 12.077  7.976   3.100   1.00 16.77 ? 88  ASP A CA  1 
ATOM   385  C C   . ASP A 1 46  ? 13.514  7.679   2.699   1.00 14.75 ? 88  ASP A C   1 
ATOM   386  O O   . ASP A 1 46  ? 14.282  7.090   3.465   1.00 13.80 ? 88  ASP A O   1 
ATOM   387  C CB  . ASP A 1 46  ? 12.005  8.431   4.559   1.00 18.64 ? 88  ASP A CB  1 
ATOM   388  C CG  . ASP A 1 46  ? 12.627  9.797   4.784   1.00 19.51 ? 88  ASP A CG  1 
ATOM   389  O OD1 . ASP A 1 46  ? 13.565  10.171  4.051   1.00 16.93 ? 88  ASP A OD1 1 
ATOM   390  O OD2 . ASP A 1 46  ? 12.177  10.497  5.713   1.00 24.67 ? 88  ASP A OD2 1 
ATOM   391  N N   . ALA A 1 47  ? 13.876  8.099   1.493   1.00 15.36 ? 89  ALA A N   1 
ATOM   392  C CA  . ALA A 1 47  ? 15.181  7.778   0.925   1.00 15.50 ? 89  ALA A CA  1 
ATOM   393  C C   . ALA A 1 47  ? 16.331  8.442   1.676   1.00 15.98 ? 89  ALA A C   1 
ATOM   394  O O   . ALA A 1 47  ? 17.445  7.923   1.697   1.00 17.21 ? 89  ALA A O   1 
ATOM   395  C CB  . ALA A 1 47  ? 15.218  8.160   -0.550  1.00 15.87 ? 89  ALA A CB  1 
ATOM   396  N N   . VAL A 1 48  ? 16.061  9.592   2.286   1.00 16.27 ? 90  VAL A N   1 
ATOM   397  C CA  . VAL A 1 48  ? 17.077  10.281  3.068   1.00 17.70 ? 90  VAL A CA  1 
ATOM   398  C C   . VAL A 1 48  ? 17.288  9.571   4.402   1.00 16.98 ? 90  VAL A C   1 
ATOM   399  O O   . VAL A 1 48  ? 18.423  9.290   4.795   1.00 18.80 ? 90  VAL A O   1 
ATOM   400  C CB  . VAL A 1 48  ? 16.679  11.747  3.332   1.00 20.29 ? 90  VAL A CB  1 
ATOM   401  C CG1 . VAL A 1 48  ? 17.706  12.428  4.225   1.00 21.58 ? 90  VAL A CG1 1 
ATOM   402  C CG2 . VAL A 1 48  ? 16.524  12.504  2.016   1.00 21.24 ? 90  VAL A CG2 1 
ATOM   403  N N   . LYS A 1 49  ? 16.187  9.302   5.100   1.00 15.99 ? 91  LYS A N   1 
ATOM   404  C CA  . LYS A 1 49  ? 16.228  8.600   6.378   1.00 16.88 ? 91  LYS A CA  1 
ATOM   405  C C   . LYS A 1 49  ? 16.868  7.217   6.237   1.00 15.99 ? 91  LYS A C   1 
ATOM   406  O O   . LYS A 1 49  ? 17.792  6.869   6.976   1.00 17.63 ? 91  LYS A O   1 
ATOM   407  C CB  . LYS A 1 49  ? 14.808  8.477   6.938   1.00 15.97 ? 91  LYS A CB  1 
ATOM   408  C CG  . LYS A 1 49  ? 14.664  7.610   8.174   1.00 20.16 ? 91  LYS A CG  1 
ATOM   409  C CD  . LYS A 1 49  ? 15.112  8.323   9.429   1.00 21.15 ? 91  LYS A CD  1 
ATOM   410  C CE  . LYS A 1 49  ? 14.870  7.449   10.654  1.00 25.54 ? 91  LYS A CE  1 
ATOM   411  N NZ  . LYS A 1 49  ? 15.289  8.126   11.902  1.00 24.51 ? 91  LYS A NZ  1 
ATOM   412  N N   . LEU A 1 50  ? 16.386  6.439   5.270   1.00 15.81 ? 92  LEU A N   1 
ATOM   413  C CA  . LEU A 1 50  ? 16.787  5.040   5.130   1.00 13.89 ? 92  LEU A CA  1 
ATOM   414  C C   . LEU A 1 50  ? 18.071  4.844   4.337   1.00 16.09 ? 92  LEU A C   1 
ATOM   415  O O   . LEU A 1 50  ? 18.533  3.710   4.164   1.00 16.26 ? 92  LEU A O   1 
ATOM   416  C CB  . LEU A 1 50  ? 15.662  4.237   4.475   1.00 14.05 ? 92  LEU A CB  1 
ATOM   417  C CG  . LEU A 1 50  ? 14.365  4.214   5.275   1.00 15.79 ? 92  LEU A CG  1 
ATOM   418  C CD1 . LEU A 1 50  ? 13.293  3.499   4.480   1.00 17.02 ? 92  LEU A CD1 1 
ATOM   419  C CD2 . LEU A 1 50  ? 14.589  3.537   6.624   1.00 18.93 ? 92  LEU A CD2 1 
ATOM   420  N N   . ASN A 1 51  ? 18.634  5.944   3.849   1.00 16.06 ? 93  ASN A N   1 
ATOM   421  C CA  . ASN A 1 51  ? 19.867  5.890   3.067   1.00 16.07 ? 93  ASN A CA  1 
ATOM   422  C C   . ASN A 1 51  ? 19.708  4.998   1.835   1.00 18.06 ? 93  ASN A C   1 
ATOM   423  O O   . ASN A 1 51  ? 20.526  4.112   1.574   1.00 18.29 ? 93  ASN A O   1 
ATOM   424  C CB  . ASN A 1 51  ? 21.042  5.439   3.940   1.00 19.67 ? 93  ASN A CB  1 
ATOM   425  C CG  . ASN A 1 51  ? 21.110  6.195   5.261   1.00 18.04 ? 93  ASN A CG  1 
ATOM   426  O OD1 . ASN A 1 51  ? 20.807  7.382   5.329   1.00 21.50 ? 93  ASN A OD1 1 
ATOM   427  N ND2 . ASN A 1 51  ? 21.494  5.498   6.318   1.00 21.80 ? 93  ASN A ND2 1 
ATOM   428  N N   . LEU A 1 52  ? 18.632  5.249   1.094   1.00 17.31 ? 94  LEU A N   1 
ATOM   429  C CA  . LEU A 1 52  ? 18.334  4.542   -0.154  1.00 16.24 ? 94  LEU A CA  1 
ATOM   430  C C   . LEU A 1 52  ? 18.259  5.566   -1.285  1.00 15.52 ? 94  LEU A C   1 
ATOM   431  O O   . LEU A 1 52  ? 17.183  5.815   -1.831  1.00 15.37 ? 94  LEU A O   1 
ATOM   432  C CB  . LEU A 1 52  ? 17.002  3.791   -0.043  1.00 15.10 ? 94  LEU A CB  1 
ATOM   433  C CG  . LEU A 1 52  ? 16.848  2.834   1.142   1.00 15.12 ? 94  LEU A CG  1 
ATOM   434  C CD1 . LEU A 1 52  ? 15.423  2.294   1.232   1.00 17.09 ? 94  LEU A CD1 1 
ATOM   435  C CD2 . LEU A 1 52  ? 17.842  1.700   1.040   1.00 19.25 ? 94  LEU A CD2 1 
ATOM   436  N N   . PRO A 1 53  ? 19.403  6.178   -1.645  1.00 15.27 ? 95  PRO A N   1 
ATOM   437  C CA  . PRO A 1 53  ? 19.360  7.314   -2.573  1.00 14.76 ? 95  PRO A CA  1 
ATOM   438  C C   . PRO A 1 53  ? 18.913  6.927   -3.975  1.00 15.76 ? 95  PRO A C   1 
ATOM   439  O O   . PRO A 1 53  ? 18.529  7.800   -4.748  1.00 17.47 ? 95  PRO A O   1 
ATOM   440  C CB  . PRO A 1 53  ? 20.817  7.802   -2.598  1.00 16.06 ? 95  PRO A CB  1 
ATOM   441  C CG  . PRO A 1 53  ? 21.598  6.637   -2.207  1.00 16.35 ? 95  PRO A CG  1 
ATOM   442  C CD  . PRO A 1 53  ? 20.776  5.889   -1.205  1.00 16.61 ? 95  PRO A CD  1 
ATOM   443  N N   . ASP A 1 54  ? 18.940  5.640   -4.293  1.00 14.52 ? 96  ASP A N   1 
ATOM   444  C CA  . ASP A 1 54  ? 18.465  5.189   -5.600  1.00 15.80 ? 96  ASP A CA  1 
ATOM   445  C C   . ASP A 1 54  ? 17.026  4.690   -5.612  1.00 15.21 ? 96  ASP A C   1 
ATOM   446  O O   . ASP A 1 54  ? 16.555  4.254   -6.655  1.00 14.71 ? 96  ASP A O   1 
ATOM   447  C CB  . ASP A 1 54  ? 19.385  4.113   -6.179  1.00 16.69 ? 96  ASP A CB  1 
ATOM   448  C CG  . ASP A 1 54  ? 19.472  2.880   -5.307  1.00 17.28 ? 96  ASP A CG  1 
ATOM   449  O OD1 . ASP A 1 54  ? 18.976  2.900   -4.159  1.00 17.93 ? 96  ASP A OD1 1 
ATOM   450  O OD2 . ASP A 1 54  ? 20.046  1.876   -5.770  1.00 23.22 ? 96  ASP A OD2 1 
ATOM   451  N N   . TYR A 1 55  ? 16.331  4.751   -4.477  1.00 13.90 ? 97  TYR A N   1 
ATOM   452  C CA  . TYR A 1 55  ? 14.987  4.176   -4.407  1.00 11.96 ? 97  TYR A CA  1 
ATOM   453  C C   . TYR A 1 55  ? 14.073  4.757   -5.477  1.00 11.54 ? 97  TYR A C   1 
ATOM   454  O O   . TYR A 1 55  ? 13.465  4.010   -6.246  1.00 9.81  ? 97  TYR A O   1 
ATOM   455  C CB  . TYR A 1 55  ? 14.347  4.349   -3.026  1.00 11.35 ? 97  TYR A CB  1 
ATOM   456  C CG  . TYR A 1 55  ? 13.023  3.628   -2.961  1.00 9.98  ? 97  TYR A CG  1 
ATOM   457  C CD1 . TYR A 1 55  ? 12.973  2.262   -2.710  1.00 11.06 ? 97  TYR A CD1 1 
ATOM   458  C CD2 . TYR A 1 55  ? 11.833  4.301   -3.197  1.00 10.43 ? 97  TYR A CD2 1 
ATOM   459  C CE1 . TYR A 1 55  ? 11.772  1.585   -2.685  1.00 10.95 ? 97  TYR A CE1 1 
ATOM   460  C CE2 . TYR A 1 55  ? 10.619  3.630   -3.171  1.00 10.58 ? 97  TYR A CE2 1 
ATOM   461  C CZ  . TYR A 1 55  ? 10.605  2.271   -2.910  1.00 11.83 ? 97  TYR A CZ  1 
ATOM   462  O OH  . TYR A 1 55  ? 9.421   1.583   -2.886  1.00 11.38 ? 97  TYR A OH  1 
ATOM   463  N N   . TYR A 1 56  ? 14.007  6.079   -5.545  1.00 11.11 ? 98  TYR A N   1 
ATOM   464  C CA  . TYR A 1 56  ? 13.112  6.732   -6.487  1.00 11.19 ? 98  TYR A CA  1 
ATOM   465  C C   . TYR A 1 56  ? 13.718  6.874   -7.888  1.00 12.31 ? 98  TYR A C   1 
ATOM   466  O O   . TYR A 1 56  ? 13.049  7.317   -8.811  1.00 12.58 ? 98  TYR A O   1 
ATOM   467  C CB  . TYR A 1 56  ? 12.617  8.058   -5.915  1.00 11.70 ? 98  TYR A CB  1 
ATOM   468  C CG  . TYR A 1 56  ? 11.729  7.858   -4.701  1.00 11.69 ? 98  TYR A CG  1 
ATOM   469  C CD1 . TYR A 1 56  ? 10.431  7.385   -4.848  1.00 11.90 ? 98  TYR A CD1 1 
ATOM   470  C CD2 . TYR A 1 56  ? 12.189  8.115   -3.415  1.00 10.83 ? 98  TYR A CD2 1 
ATOM   471  C CE1 . TYR A 1 56  ? 9.609   7.199   -3.762  1.00 11.67 ? 98  TYR A CE1 1 
ATOM   472  C CE2 . TYR A 1 56  ? 11.364  7.927   -2.305  1.00 12.10 ? 98  TYR A CE2 1 
ATOM   473  C CZ  . TYR A 1 56  ? 10.072  7.459   -2.493  1.00 11.23 ? 98  TYR A CZ  1 
ATOM   474  O OH  . TYR A 1 56  ? 9.222   7.264   -1.425  1.00 11.84 ? 98  TYR A OH  1 
ATOM   475  N N   . LYS A 1 57  ? 14.971  6.466   -8.049  1.00 12.90 ? 99  LYS A N   1 
ATOM   476  C CA  . LYS A 1 57  ? 15.527  6.317   -9.389  1.00 13.58 ? 99  LYS A CA  1 
ATOM   477  C C   . LYS A 1 57  ? 14.953  5.068   -10.038 1.00 14.55 ? 99  LYS A C   1 
ATOM   478  O O   . LYS A 1 57  ? 14.890  4.961   -11.263 1.00 15.36 ? 99  LYS A O   1 
ATOM   479  C CB  . LYS A 1 57  ? 17.054  6.248   -9.345  1.00 13.46 ? 99  LYS A CB  1 
ATOM   480  C CG  . LYS A 1 57  ? 17.671  7.494   -8.740  1.00 15.38 ? 99  LYS A CG  1 
ATOM   481  C CD  . LYS A 1 57  ? 19.179  7.564   -8.933  1.00 16.92 ? 99  LYS A CD  1 
ATOM   482  C CE  . LYS A 1 57  ? 19.764  8.811   -8.248  1.00 17.85 ? 99  LYS A CE  1 
ATOM   483  N NZ  . LYS A 1 57  ? 19.042  10.091  -8.595  1.00 16.95 ? 99  LYS A NZ  1 
ATOM   484  N N   . ILE A 1 58  ? 14.505  4.133   -9.205  1.00 12.52 ? 100 ILE A N   1 
ATOM   485  C CA  . ILE A 1 58  ? 14.012  2.844   -9.664  1.00 14.21 ? 100 ILE A CA  1 
ATOM   486  C C   . ILE A 1 58  ? 12.484  2.754   -9.601  1.00 13.78 ? 100 ILE A C   1 
ATOM   487  O O   . ILE A 1 58  ? 11.840  2.293   -10.539 1.00 15.36 ? 100 ILE A O   1 
ATOM   488  C CB  . ILE A 1 58  ? 14.671  1.706   -8.843  1.00 14.81 ? 100 ILE A CB  1 
ATOM   489  C CG1 . ILE A 1 58  ? 16.187  1.694   -9.107  1.00 17.29 ? 100 ILE A CG1 1 
ATOM   490  C CG2 . ILE A 1 58  ? 14.048  0.362   -9.168  1.00 16.18 ? 100 ILE A CG2 1 
ATOM   491  C CD1 . ILE A 1 58  ? 16.992  0.836   -8.153  1.00 20.06 ? 100 ILE A CD1 1 
ATOM   492  N N   . ILE A 1 59  ? 11.910  3.229   -8.503  1.00 11.99 ? 101 ILE A N   1 
ATOM   493  C CA  . ILE A 1 59  ? 10.477  3.115   -8.258  1.00 11.39 ? 101 ILE A CA  1 
ATOM   494  C C   . ILE A 1 59  ? 9.769   4.408   -8.657  1.00 11.32 ? 101 ILE A C   1 
ATOM   495  O O   . ILE A 1 59  ? 9.949   5.454   -8.024  1.00 11.37 ? 101 ILE A O   1 
ATOM   496  C CB  . ILE A 1 59  ? 10.211  2.781   -6.768  1.00 10.87 ? 101 ILE A CB  1 
ATOM   497  C CG1 . ILE A 1 59  ? 10.821  1.418   -6.412  1.00 11.77 ? 101 ILE A CG1 1 
ATOM   498  C CG2 . ILE A 1 59  ? 8.726   2.810   -6.450  1.00 10.00 ? 101 ILE A CG2 1 
ATOM   499  C CD1 . ILE A 1 59  ? 10.349  0.270   -7.312  1.00 11.26 ? 101 ILE A CD1 1 
ATOM   500  N N   . LYS A 1 60  ? 8.959   4.336   -9.714  1.00 10.38 ? 102 LYS A N   1 
ATOM   501  C CA  . LYS A 1 60  ? 8.312   5.532   -10.250 1.00 11.42 ? 102 LYS A CA  1 
ATOM   502  C C   . LYS A 1 60  ? 6.852   5.634   -9.854  1.00 11.63 ? 102 LYS A C   1 
ATOM   503  O O   . LYS A 1 60  ? 6.231   6.675   -10.055 1.00 11.53 ? 102 LYS A O   1 
ATOM   504  C CB  . LYS A 1 60  ? 8.435   5.587   -11.773 1.00 12.46 ? 102 LYS A CB  1 
ATOM   505  C CG  . LYS A 1 60  ? 9.863   5.566   -12.287 1.00 11.73 ? 102 LYS A CG  1 
ATOM   506  C CD  . LYS A 1 60  ? 10.726  6.662   -11.657 1.00 12.77 ? 102 LYS A CD  1 
ATOM   507  C CE  . LYS A 1 60  ? 12.137  6.637   -12.232 1.00 13.03 ? 102 LYS A CE  1 
ATOM   508  N NZ  . LYS A 1 60  ? 13.028  7.662   -11.619 1.00 11.55 ? 102 LYS A NZ  1 
ATOM   509  N N   . THR A 1 61  ? 6.291   4.564   -9.301  1.00 11.79 ? 103 THR A N   1 
ATOM   510  C CA  . THR A 1 61  ? 4.922   4.632   -8.783  1.00 11.77 ? 103 THR A CA  1 
ATOM   511  C C   . THR A 1 61  ? 4.905   4.151   -7.330  1.00 11.85 ? 103 THR A C   1 
ATOM   512  O O   . THR A 1 61  ? 4.433   3.052   -7.032  1.00 11.00 ? 103 THR A O   1 
ATOM   513  C CB  . THR A 1 61  ? 3.916   3.820   -9.639  1.00 15.32 ? 103 THR A CB  1 
ATOM   514  O OG1 . THR A 1 61  ? 4.254   2.434   -9.600  1.00 22.65 ? 103 THR A OG1 1 
ATOM   515  C CG2 . THR A 1 61  ? 3.931   4.284   -11.078 1.00 17.47 ? 103 THR A CG2 1 
ATOM   516  N N   . PRO A 1 62  ? 5.453   4.962   -6.416  1.00 9.97  ? 104 PRO A N   1 
ATOM   517  C CA  . PRO A 1 62  ? 5.546   4.525   -5.017  1.00 9.78  ? 104 PRO A CA  1 
ATOM   518  C C   . PRO A 1 62  ? 4.174   4.400   -4.370  1.00 9.80  ? 104 PRO A C   1 
ATOM   519  O O   . PRO A 1 62  ? 3.215   5.074   -4.762  1.00 10.95 ? 104 PRO A O   1 
ATOM   520  C CB  . PRO A 1 62  ? 6.369   5.633   -4.339  1.00 13.03 ? 104 PRO A CB  1 
ATOM   521  C CG  . PRO A 1 62  ? 6.324   6.781   -5.254  1.00 13.43 ? 104 PRO A CG  1 
ATOM   522  C CD  . PRO A 1 62  ? 6.094   6.271   -6.637  1.00 11.92 ? 104 PRO A CD  1 
ATOM   523  N N   . MET A 1 63  ? 4.076   3.504   -3.397  1.00 9.05  ? 105 MET A N   1 
ATOM   524  C CA  . MET A 1 63  ? 2.832   3.314   -2.672  1.00 9.52  ? 105 MET A CA  1 
ATOM   525  C C   . MET A 1 63  ? 3.145   2.651   -1.346  1.00 9.44  ? 105 MET A C   1 
ATOM   526  O O   . MET A 1 63  ? 4.096   1.878   -1.237  1.00 10.40 ? 105 MET A O   1 
ATOM   527  C CB  . MET A 1 63  ? 1.852   2.472   -3.488  1.00 9.50  ? 105 MET A CB  1 
ATOM   528  C CG  . MET A 1 63  ? 0.450   2.370   -2.891  1.00 9.10  ? 105 MET A CG  1 
ATOM   529  S SD  . MET A 1 63  ? -0.305  3.959   -2.458  1.00 10.18 ? 105 MET A SD  1 
ATOM   530  C CE  . MET A 1 63  ? -0.201  4.867   -4.002  1.00 11.85 ? 105 MET A CE  1 
ATOM   531  N N   . ASP A 1 64  ? 2.360   2.985   -0.332  1.00 9.59  ? 106 ASP A N   1 
ATOM   532  C CA  . ASP A 1 64  ? 2.559   2.449   1.008   1.00 9.31  ? 106 ASP A CA  1 
ATOM   533  C C   . ASP A 1 64  ? 1.201   2.409   1.715   1.00 8.72  ? 106 ASP A C   1 
ATOM   534  O O   . ASP A 1 64  ? 0.230   3.041   1.264   1.00 8.67  ? 106 ASP A O   1 
ATOM   535  C CB  . ASP A 1 64  ? 3.510   3.361   1.772   1.00 10.41 ? 106 ASP A CB  1 
ATOM   536  C CG  . ASP A 1 64  ? 2.915   4.736   1.993   1.00 10.13 ? 106 ASP A CG  1 
ATOM   537  O OD1 . ASP A 1 64  ? 3.003   5.577   1.069   1.00 11.43 ? 106 ASP A OD1 1 
ATOM   538  O OD2 . ASP A 1 64  ? 2.338   4.967   3.075   1.00 11.26 ? 106 ASP A OD2 1 
ATOM   539  N N   . MET A 1 65  ? 1.130   1.687   2.831   1.00 8.50  ? 107 MET A N   1 
ATOM   540  C CA  . MET A 1 65  ? -0.128  1.539   3.548   1.00 8.92  ? 107 MET A CA  1 
ATOM   541  C C   . MET A 1 65  ? -0.597  2.799   4.264   1.00 8.96  ? 107 MET A C   1 
ATOM   542  O O   . MET A 1 65  ? -1.798  2.937   4.525   1.00 9.19  ? 107 MET A O   1 
ATOM   543  C CB  . MET A 1 65  ? -0.067  0.382   4.548   1.00 10.81 ? 107 MET A CB  1 
ATOM   544  C CG  . MET A 1 65  ? 0.031   -0.984  3.891   1.00 11.04 ? 107 MET A CG  1 
ATOM   545  S SD  . MET A 1 65  ? -0.492  -2.367  4.931   1.00 13.78 ? 107 MET A SD  1 
ATOM   546  C CE  . MET A 1 65  ? 0.764   -2.265  6.190   1.00 11.43 ? 107 MET A CE  1 
ATOM   547  N N   . GLY A 1 66  ? 0.331   3.694   4.615   1.00 9.59  ? 108 GLY A N   1 
ATOM   548  C CA  . GLY A 1 66  ? -0.058  4.970   5.196   1.00 9.89  ? 108 GLY A CA  1 
ATOM   549  C C   . GLY A 1 66  ? -0.886  5.773   4.206   1.00 9.71  ? 108 GLY A C   1 
ATOM   550  O O   . GLY A 1 66  ? -1.942  6.319   4.536   1.00 11.02 ? 108 GLY A O   1 
ATOM   551  N N   . THR A 1 67  ? -0.400  5.818   2.973   1.00 8.51  ? 109 THR A N   1 
ATOM   552  C CA  . THR A 1 67  ? -1.107  6.482   1.888   1.00 9.66  ? 109 THR A CA  1 
ATOM   553  C C   . THR A 1 67  ? -2.452  5.809   1.600   1.00 9.29  ? 109 THR A C   1 
ATOM   554  O O   . THR A 1 67  ? -3.486  6.477   1.431   1.00 9.36  ? 109 THR A O   1 
ATOM   555  C CB  . THR A 1 67  ? -0.235  6.467   0.626   1.00 9.49  ? 109 THR A CB  1 
ATOM   556  O OG1 . THR A 1 67  ? 0.961   7.211   0.880   1.00 10.83 ? 109 THR A OG1 1 
ATOM   557  C CG2 . THR A 1 67  ? -0.972  7.088   -0.541  1.00 10.60 ? 109 THR A CG2 1 
ATOM   558  N N   . ILE A 1 68  ? -2.459  4.480   1.548   1.00 8.21  ? 110 ILE A N   1 
ATOM   559  C CA  . ILE A 1 68  ? -3.697  3.758   1.303   1.00 8.36  ? 110 ILE A CA  1 
ATOM   560  C C   . ILE A 1 68  ? -4.720  4.039   2.406   1.00 9.44  ? 110 ILE A C   1 
ATOM   561  O O   . ILE A 1 68  ? -5.897  4.271   2.126   1.00 9.25  ? 110 ILE A O   1 
ATOM   562  C CB  . ILE A 1 68  ? -3.449  2.247   1.181   1.00 7.94  ? 110 ILE A CB  1 
ATOM   563  C CG1 . ILE A 1 68  ? -2.592  1.971   -0.059  1.00 8.94  ? 110 ILE A CG1 1 
ATOM   564  C CG2 . ILE A 1 68  ? -4.779  1.494   1.084   1.00 8.69  ? 110 ILE A CG2 1 
ATOM   565  C CD1 . ILE A 1 68  ? -2.006  0.555   -0.113  1.00 10.41 ? 110 ILE A CD1 1 
ATOM   566  N N   . LYS A 1 69  ? -4.267  4.021   3.656   1.00 8.94  ? 111 LYS A N   1 
ATOM   567  C CA  . LYS A 1 69  ? -5.151  4.310   4.784   1.00 10.04 ? 111 LYS A CA  1 
ATOM   568  C C   . LYS A 1 69  ? -5.795  5.695   4.649   1.00 10.92 ? 111 LYS A C   1 
ATOM   569  O O   . LYS A 1 69  ? -7.013  5.840   4.808   1.00 11.64 ? 111 LYS A O   1 
ATOM   570  C CB  . LYS A 1 69  ? -4.386  4.187   6.108   1.00 12.45 ? 111 LYS A CB  1 
ATOM   571  C CG  . LYS A 1 69  ? -5.259  4.322   7.341   1.00 14.43 ? 111 LYS A CG  1 
ATOM   572  C CD  . LYS A 1 69  ? -4.422  4.133   8.604   1.00 16.84 ? 111 LYS A CD  1 
ATOM   573  C CE  . LYS A 1 69  ? -5.265  4.247   9.865   1.00 23.34 ? 111 LYS A CE  1 
ATOM   574  N NZ  . LYS A 1 69  ? -5.617  5.660   10.178  1.00 30.25 ? 111 LYS A NZ  1 
ATOM   575  N N   . LYS A 1 70  ? -4.985  6.702   4.342   1.00 9.51  ? 112 LYS A N   1 
ATOM   576  C CA  . LYS A 1 70  ? -5.500  8.056   4.188   1.00 11.03 ? 112 LYS A CA  1 
ATOM   577  C C   . LYS A 1 70  ? -6.462  8.145   3.012   1.00 11.02 ? 112 LYS A C   1 
ATOM   578  O O   . LYS A 1 70  ? -7.495  8.814   3.105   1.00 12.14 ? 112 LYS A O   1 
ATOM   579  C CB  . LYS A 1 70  ? -4.356  9.040   4.007   1.00 12.86 ? 112 LYS A CB  1 
ATOM   580  C CG  . LYS A 1 70  ? -3.587  9.296   5.282   1.00 19.03 ? 112 LYS A CG  1 
ATOM   581  C CD  . LYS A 1 70  ? -2.337  10.111  5.020   1.00 22.56 ? 112 LYS A CD  1 
ATOM   582  C CE  . LYS A 1 70  ? -1.552  10.336  6.304   1.00 30.62 ? 112 LYS A CE  1 
ATOM   583  N NZ  . LYS A 1 70  ? -0.248  11.001  6.036   1.00 37.42 ? 112 LYS A NZ  1 
ATOM   584  N N   . ARG A 1 71  ? -6.144  7.467   1.914   1.00 9.49  ? 113 ARG A N   1 
ATOM   585  C CA  . ARG A 1 71  ? -7.062  7.430   0.775   1.00 9.73  ? 113 ARG A CA  1 
ATOM   586  C C   . ARG A 1 71  ? -8.409  6.816   1.153   1.00 10.58 ? 113 ARG A C   1 
ATOM   587  O O   . ARG A 1 71  ? -9.465  7.343   0.792   1.00 10.62 ? 113 ARG A O   1 
ATOM   588  C CB  . ARG A 1 71  ? -6.436  6.681   -0.404  1.00 8.16  ? 113 ARG A CB  1 
ATOM   589  C CG  . ARG A 1 71  ? -5.363  7.485   -1.115  1.00 9.27  ? 113 ARG A CG  1 
ATOM   590  C CD  . ARG A 1 71  ? -4.667  6.706   -2.243  1.00 10.24 ? 113 ARG A CD  1 
ATOM   591  N NE  . ARG A 1 71  ? -3.744  7.591   -2.956  1.00 9.43  ? 113 ARG A NE  1 
ATOM   592  C CZ  . ARG A 1 71  ? -3.212  7.346   -4.148  1.00 8.45  ? 113 ARG A CZ  1 
ATOM   593  N NH1 . ARG A 1 71  ? -3.490  6.223   -4.795  1.00 9.76  ? 113 ARG A NH1 1 
ATOM   594  N NH2 . ARG A 1 71  ? -2.402  8.253   -4.700  1.00 10.63 ? 113 ARG A NH2 1 
ATOM   595  N N   . LEU A 1 72  ? -8.385  5.705   1.886   1.00 8.73  ? 114 LEU A N   1 
ATOM   596  C CA  . LEU A 1 72  ? -9.628  5.098   2.346   1.00 10.18 ? 114 LEU A CA  1 
ATOM   597  C C   . LEU A 1 72  ? -10.388 6.028   3.289   1.00 12.13 ? 114 LEU A C   1 
ATOM   598  O O   . LEU A 1 72  ? -11.606 6.186   3.159   1.00 12.18 ? 114 LEU A O   1 
ATOM   599  C CB  . LEU A 1 72  ? -9.356  3.740   2.995   1.00 10.75 ? 114 LEU A CB  1 
ATOM   600  C CG  . LEU A 1 72  ? -8.934  2.614   2.045   1.00 10.14 ? 114 LEU A CG  1 
ATOM   601  C CD1 . LEU A 1 72  ? -8.276  1.476   2.820   1.00 10.30 ? 114 LEU A CD1 1 
ATOM   602  C CD2 . LEU A 1 72  ? -10.123 2.066   1.264   1.00 10.87 ? 114 LEU A CD2 1 
ATOM   603  N N   . GLU A 1 73  ? -9.672  6.672   4.204   1.00 12.38 ? 115 GLU A N   1 
ATOM   604  C CA  . GLU A 1 73  ? -10.304 7.613   5.124   1.00 14.24 ? 115 GLU A CA  1 
ATOM   605  C C   . GLU A 1 73  ? -10.939 8.802   4.389   1.00 16.08 ? 115 GLU A C   1 
ATOM   606  O O   . GLU A 1 73  ? -11.959 9.331   4.840   1.00 16.97 ? 115 GLU A O   1 
ATOM   607  C CB  . GLU A 1 73  ? -9.300  8.082   6.182   1.00 14.82 ? 115 GLU A CB  1 
ATOM   608  C CG  . GLU A 1 73  ? -8.894  6.979   7.148   1.00 15.76 ? 115 GLU A CG  1 
ATOM   609  C CD  . GLU A 1 73  ? -7.729  7.344   8.045   1.00 19.99 ? 115 GLU A CD  1 
ATOM   610  O OE1 . GLU A 1 73  ? -6.952  8.261   7.704   1.00 20.32 ? 115 GLU A OE1 1 
ATOM   611  O OE2 . GLU A 1 73  ? -7.590  6.690   9.100   1.00 24.73 ? 115 GLU A OE2 1 
ATOM   612  N N   . ASN A 1 74  ? -10.345 9.188   3.256   1.00 13.58 ? 116 ASN A N   1 
ATOM   613  C CA  . ASN A 1 74  ? -10.807 10.309  2.414   1.00 15.28 ? 116 ASN A CA  1 
ATOM   614  C C   . ASN A 1 74  ? -11.949 9.948   1.459   1.00 14.54 ? 116 ASN A C   1 
ATOM   615  O O   . ASN A 1 74  ? -12.541 10.828  0.836   1.00 15.67 ? 116 ASN A O   1 
ATOM   616  C CB  . ASN A 1 74  ? -9.621  10.857  1.591   1.00 16.36 ? 116 ASN A CB  1 
ATOM   617  C CG  . ASN A 1 74  ? -10.003 12.029  0.662   1.00 17.61 ? 116 ASN A CG  1 
ATOM   618  O OD1 . ASN A 1 74  ? -10.098 11.883  -0.574  1.00 15.38 ? 116 ASN A OD1 1 
ATOM   619  N ND2 . ASN A 1 74  ? -10.211 13.198  1.256   1.00 19.98 ? 116 ASN A ND2 1 
ATOM   620  N N   . ASN A 1 75  ? -12.264 8.661   1.355   1.00 11.57 ? 117 ASN A N   1 
ATOM   621  C CA  . ASN A 1 75  ? -13.151 8.143   0.303   1.00 11.83 ? 117 ASN A CA  1 
ATOM   622  C C   . ASN A 1 75  ? -12.624 8.510   -1.079  1.00 11.60 ? 117 ASN A C   1 
ATOM   623  O O   . ASN A 1 75  ? -13.387 8.797   -1.999  1.00 12.00 ? 117 ASN A O   1 
ATOM   624  C CB  . ASN A 1 75  ? -14.605 8.595   0.489   1.00 13.64 ? 117 ASN A CB  1 
ATOM   625  C CG  . ASN A 1 75  ? -15.171 8.163   1.822   1.00 17.76 ? 117 ASN A CG  1 
ATOM   626  O OD1 . ASN A 1 75  ? -15.036 7.007   2.225   1.00 17.91 ? 117 ASN A OD1 1 
ATOM   627  N ND2 . ASN A 1 75  ? -15.796 9.096   2.525   1.00 24.46 ? 117 ASN A ND2 1 
ATOM   628  N N   . TYR A 1 76  ? -11.301 8.473   -1.204  1.00 10.35 ? 118 TYR A N   1 
ATOM   629  C CA  . TYR A 1 76  ? -10.592 8.835   -2.424  1.00 9.74  ? 118 TYR A CA  1 
ATOM   630  C C   . TYR A 1 76  ? -10.876 7.874   -3.584  1.00 10.81 ? 118 TYR A C   1 
ATOM   631  O O   . TYR A 1 76  ? -10.839 8.265   -4.749  1.00 10.82 ? 118 TYR A O   1 
ATOM   632  C CB  . TYR A 1 76  ? -9.095  8.845   -2.115  1.00 10.02 ? 118 TYR A CB  1 
ATOM   633  C CG  . TYR A 1 76  ? -8.167  9.026   -3.295  1.00 10.45 ? 118 TYR A CG  1 
ATOM   634  C CD1 . TYR A 1 76  ? -7.783  10.296  -3.711  1.00 10.85 ? 118 TYR A CD1 1 
ATOM   635  C CD2 . TYR A 1 76  ? -7.632  7.925   -3.961  1.00 9.80  ? 118 TYR A CD2 1 
ATOM   636  C CE1 . TYR A 1 76  ? -6.915  10.461  -4.762  1.00 10.84 ? 118 TYR A CE1 1 
ATOM   637  C CE2 . TYR A 1 76  ? -6.754  8.087   -5.023  1.00 10.10 ? 118 TYR A CE2 1 
ATOM   638  C CZ  . TYR A 1 76  ? -6.407  9.359   -5.420  1.00 10.71 ? 118 TYR A CZ  1 
ATOM   639  O OH  . TYR A 1 76  ? -5.531  9.547   -6.468  1.00 12.10 ? 118 TYR A OH  1 
ATOM   640  N N   . TYR A 1 77  ? -11.110 6.606   -3.266  1.00 10.41 ? 119 TYR A N   1 
ATOM   641  C CA  . TYR A 1 77  ? -11.270 5.586   -4.296  1.00 10.34 ? 119 TYR A CA  1 
ATOM   642  C C   . TYR A 1 77  ? -12.691 5.515   -4.847  1.00 10.17 ? 119 TYR A C   1 
ATOM   643  O O   . TYR A 1 77  ? -13.659 5.757   -4.121  1.00 12.21 ? 119 TYR A O   1 
ATOM   644  C CB  . TYR A 1 77  ? -10.927 4.219   -3.725  1.00 11.48 ? 119 TYR A CB  1 
ATOM   645  C CG  . TYR A 1 77  ? -9.502  4.046   -3.270  1.00 8.07  ? 119 TYR A CG  1 
ATOM   646  C CD1 . TYR A 1 77  ? -8.456  4.037   -4.180  1.00 9.14  ? 119 TYR A CD1 1 
ATOM   647  C CD2 . TYR A 1 77  ? -9.208  3.844   -1.926  1.00 9.52  ? 119 TYR A CD2 1 
ATOM   648  C CE1 . TYR A 1 77  ? -7.137  3.855   -3.759  1.00 9.67  ? 119 TYR A CE1 1 
ATOM   649  C CE2 . TYR A 1 77  ? -7.906  3.652   -1.501  1.00 10.39 ? 119 TYR A CE2 1 
ATOM   650  C CZ  . TYR A 1 77  ? -6.883  3.650   -2.415  1.00 8.69  ? 119 TYR A CZ  1 
ATOM   651  O OH  . TYR A 1 77  ? -5.596  3.439   -1.979  1.00 9.72  ? 119 TYR A OH  1 
ATOM   652  N N   . TRP A 1 78  ? -12.806 5.130   -6.114  1.00 9.47  ? 120 TRP A N   1 
ATOM   653  C CA  . TRP A 1 78  ? -14.110 4.833   -6.708  1.00 10.78 ? 120 TRP A CA  1 
ATOM   654  C C   . TRP A 1 78  ? -14.604 3.437   -6.319  1.00 10.57 ? 120 TRP A C   1 
ATOM   655  O O   . TRP A 1 78  ? -15.799 3.228   -6.079  1.00 11.70 ? 120 TRP A O   1 
ATOM   656  C CB  . TRP A 1 78  ? -14.042 4.946   -8.234  1.00 11.27 ? 120 TRP A CB  1 
ATOM   657  C CG  . TRP A 1 78  ? -15.391 4.801   -8.887  1.00 11.87 ? 120 TRP A CG  1 
ATOM   658  C CD1 . TRP A 1 78  ? -15.873 3.713   -9.566  1.00 13.43 ? 120 TRP A CD1 1 
ATOM   659  C CD2 . TRP A 1 78  ? -16.437 5.775   -8.897  1.00 11.72 ? 120 TRP A CD2 1 
ATOM   660  N NE1 . TRP A 1 78  ? -17.150 3.964   -10.007 1.00 12.57 ? 120 TRP A NE1 1 
ATOM   661  C CE2 . TRP A 1 78  ? -17.523 5.220   -9.607  1.00 10.68 ? 120 TRP A CE2 1 
ATOM   662  C CE3 . TRP A 1 78  ? -16.561 7.069   -8.382  1.00 11.58 ? 120 TRP A CE3 1 
ATOM   663  C CZ2 . TRP A 1 78  ? -18.713 5.918   -9.817  1.00 12.43 ? 120 TRP A CZ2 1 
ATOM   664  C CZ3 . TRP A 1 78  ? -17.746 7.758   -8.588  1.00 11.71 ? 120 TRP A CZ3 1 
ATOM   665  C CH2 . TRP A 1 78  ? -18.807 7.174   -9.295  1.00 12.47 ? 120 TRP A CH2 1 
ATOM   666  N N   . ASN A 1 79  ? -13.695 2.467   -6.275  1.00 10.57 ? 121 ASN A N   1 
ATOM   667  C CA  . ASN A 1 79  ? -14.099 1.110   -5.939  1.00 10.05 ? 121 ASN A CA  1 
ATOM   668  C C   . ASN A 1 79  ? -12.980 0.307   -5.300  1.00 9.91  ? 121 ASN A C   1 
ATOM   669  O O   . ASN A 1 79  ? -11.831 0.762   -5.244  1.00 11.27 ? 121 ASN A O   1 
ATOM   670  C CB  . ASN A 1 79  ? -14.722 0.383   -7.145  1.00 10.57 ? 121 ASN A CB  1 
ATOM   671  C CG  . ASN A 1 79  ? -13.768 0.216   -8.308  1.00 11.58 ? 121 ASN A CG  1 
ATOM   672  O OD1 . ASN A 1 79  ? -12.553 0.181   -8.138  1.00 12.47 ? 121 ASN A OD1 1 
ATOM   673  N ND2 . ASN A 1 79  ? -14.321 0.096   -9.507  1.00 16.00 ? 121 ASN A ND2 1 
ATOM   674  N N   . ALA A 1 80  ? -13.338 -0.870  -4.800  1.00 10.35 ? 122 ALA A N   1 
ATOM   675  C CA  . ALA A 1 80  ? -12.383 -1.741  -4.121  1.00 9.89  ? 122 ALA A CA  1 
ATOM   676  C C   . ALA A 1 80  ? -11.220 -2.109  -5.010  1.00 10.05 ? 122 ALA A C   1 
ATOM   677  O O   . ALA A 1 80  ? -10.081 -2.171  -4.549  1.00 9.54  ? 122 ALA A O   1 
ATOM   678  C CB  . ALA A 1 80  ? -13.079 -2.998  -3.630  1.00 13.07 ? 122 ALA A CB  1 
ATOM   679  N N   . GLN A 1 81  ? -11.489 -2.345  -6.285  1.00 10.61 ? 123 GLN A N   1 
ATOM   680  C CA  . GLN A 1 81  ? -10.435 -2.742  -7.203  1.00 11.78 ? 123 GLN A CA  1 
ATOM   681  C C   . GLN A 1 81  ? -9.322  -1.693  -7.275  1.00 10.70 ? 123 GLN A C   1 
ATOM   682  O O   . GLN A 1 81  ? -8.143  -2.031  -7.347  1.00 11.08 ? 123 GLN A O   1 
ATOM   683  C CB  . GLN A 1 81  ? -10.994 -3.045  -8.599  1.00 13.86 ? 123 GLN A CB  1 
ATOM   684  C CG  . GLN A 1 81  ? -9.942  -3.593  -9.555  1.00 20.51 ? 123 GLN A CG  1 
ATOM   685  C CD  . GLN A 1 81  ? -9.160  -4.760  -8.954  1.00 24.70 ? 123 GLN A CD  1 
ATOM   686  O OE1 . GLN A 1 81  ? -9.747  -5.716  -8.434  1.00 29.30 ? 123 GLN A OE1 1 
ATOM   687  N NE2 . GLN A 1 81  ? -7.830  -4.676  -9.008  1.00 28.37 ? 123 GLN A NE2 1 
ATOM   688  N N   . GLU A 1 82  ? -9.696  -0.420  -7.229  1.00 10.58 ? 124 GLU A N   1 
ATOM   689  C CA  . GLU A 1 82  ? -8.715  0.643   -7.304  1.00 11.20 ? 124 GLU A CA  1 
ATOM   690  C C   . GLU A 1 82  ? -7.805  0.612   -6.078  1.00 9.12  ? 124 GLU A C   1 
ATOM   691  O O   . GLU A 1 82  ? -6.597  0.803   -6.184  1.00 10.49 ? 124 GLU A O   1 
ATOM   692  C CB  . GLU A 1 82  ? -9.433  1.987   -7.406  1.00 12.47 ? 124 GLU A CB  1 
ATOM   693  C CG  . GLU A 1 82  ? -8.519  3.146   -7.656  1.00 14.46 ? 124 GLU A CG  1 
ATOM   694  C CD  . GLU A 1 82  ? -9.246  4.478   -7.666  1.00 16.92 ? 124 GLU A CD  1 
ATOM   695  O OE1 . GLU A 1 82  ? -10.495 4.500   -7.612  1.00 13.34 ? 124 GLU A OE1 1 
ATOM   696  O OE2 . GLU A 1 82  ? -8.556  5.512   -7.716  1.00 18.60 ? 124 GLU A OE2 1 
ATOM   697  N N   . CYS A 1 83  ? -8.396  0.351   -4.919  1.00 10.29 ? 125 CYS A N   1 
ATOM   698  C CA  . CYS A 1 83  ? -7.617  0.224   -3.693  1.00 9.32  ? 125 CYS A CA  1 
ATOM   699  C C   . CYS A 1 83  ? -6.711  -1.014  -3.711  1.00 7.88  ? 125 CYS A C   1 
ATOM   700  O O   . CYS A 1 83  ? -5.532  -0.954  -3.333  1.00 9.20  ? 125 CYS A O   1 
ATOM   701  C CB  . CYS A 1 83  ? -8.551  0.206   -2.480  1.00 10.52 ? 125 CYS A CB  1 
ATOM   702  S SG  . CYS A 1 83  ? -7.717  -0.109  -0.912  1.00 12.15 ? 125 CYS A SG  1 
ATOM   703  N N   . ILE A 1 84  ? -7.258  -2.131  -4.174  1.00 8.70  ? 126 ILE A N   1 
ATOM   704  C CA  . ILE A 1 84  ? -6.497  -3.371  -4.288  1.00 9.25  ? 126 ILE A CA  1 
ATOM   705  C C   . ILE A 1 84  ? -5.286  -3.179  -5.203  1.00 10.11 ? 126 ILE A C   1 
ATOM   706  O O   . ILE A 1 84  ? -4.196  -3.668  -4.904  1.00 9.47  ? 126 ILE A O   1 
ATOM   707  C CB  . ILE A 1 84  ? -7.409  -4.536  -4.733  1.00 9.41  ? 126 ILE A CB  1 
ATOM   708  C CG1 . ILE A 1 84  ? -8.359  -4.885  -3.580  1.00 10.00 ? 126 ILE A CG1 1 
ATOM   709  C CG2 . ILE A 1 84  ? -6.579  -5.742  -5.192  1.00 11.19 ? 126 ILE A CG2 1 
ATOM   710  C CD1 . ILE A 1 84  ? -9.561  -5.730  -3.969  1.00 11.13 ? 126 ILE A CD1 1 
ATOM   711  N N   . GLN A 1 85  ? -5.449  -2.406  -6.277  1.00 9.28  ? 127 GLN A N   1 
ATOM   712  C CA  . GLN A 1 85  ? -4.325  -2.092  -7.148  1.00 10.54 ? 127 GLN A CA  1 
ATOM   713  C C   . GLN A 1 85  ? -3.212  -1.348  -6.413  1.00 9.24  ? 127 GLN A C   1 
ATOM   714  O O   . GLN A 1 85  ? -2.037  -1.583  -6.678  1.00 11.08 ? 127 GLN A O   1 
ATOM   715  C CB  . GLN A 1 85  ? -4.778  -1.266  -8.356  1.00 12.33 ? 127 GLN A CB  1 
ATOM   716  C CG  . GLN A 1 85  ? -3.622  -0.879  -9.294  1.00 20.14 ? 127 GLN A CG  1 
ATOM   717  C CD  . GLN A 1 85  ? -2.867  -2.093  -9.852  1.00 26.12 ? 127 GLN A CD  1 
ATOM   718  O OE1 . GLN A 1 85  ? -1.724  -2.385  -9.457  1.00 24.71 ? 127 GLN A OE1 1 
ATOM   719  N NE2 . GLN A 1 85  ? -3.504  -2.799  -10.781 1.00 31.15 ? 127 GLN A NE2 1 
ATOM   720  N N   . ASP A 1 86  ? -3.565  -0.467  -5.480  1.00 8.88  ? 128 ASP A N   1 
ATOM   721  C CA  . ASP A 1 86  ? -2.535  0.221   -4.695  1.00 9.19  ? 128 ASP A CA  1 
ATOM   722  C C   . ASP A 1 86  ? -1.761  -0.750  -3.799  1.00 7.98  ? 128 ASP A C   1 
ATOM   723  O O   . ASP A 1 86  ? -0.541  -0.652  -3.699  1.00 8.38  ? 128 ASP A O   1 
ATOM   724  C CB  . ASP A 1 86  ? -3.125  1.359   -3.856  1.00 8.50  ? 128 ASP A CB  1 
ATOM   725  C CG  . ASP A 1 86  ? -3.379  2.630   -4.657  1.00 10.23 ? 128 ASP A CG  1 
ATOM   726  O OD1 . ASP A 1 86  ? -2.933  2.722   -5.816  1.00 11.29 ? 128 ASP A OD1 1 
ATOM   727  O OD2 . ASP A 1 86  ? -4.012  3.539   -4.088  1.00 10.40 ? 128 ASP A OD2 1 
ATOM   728  N N   . PHE A 1 87  ? -2.453  -1.703  -3.168  1.00 8.24  ? 129 PHE A N   1 
ATOM   729  C CA  . PHE A 1 87  ? -1.746  -2.715  -2.387  1.00 8.15  ? 129 PHE A CA  1 
ATOM   730  C C   . PHE A 1 87  ? -0.796  -3.498  -3.282  1.00 9.52  ? 129 PHE A C   1 
ATOM   731  O O   . PHE A 1 87  ? 0.353   -3.741  -2.922  1.00 8.88  ? 129 PHE A O   1 
ATOM   732  C CB  . PHE A 1 87  ? -2.716  -3.697  -1.742  1.00 8.41  ? 129 PHE A CB  1 
ATOM   733  C CG  . PHE A 1 87  ? -3.290  -3.240  -0.429  1.00 8.89  ? 129 PHE A CG  1 
ATOM   734  C CD1 . PHE A 1 87  ? -2.606  -3.460  0.760   1.00 9.70  ? 129 PHE A CD1 1 
ATOM   735  C CD2 . PHE A 1 87  ? -4.537  -2.633  -0.379  1.00 9.46  ? 129 PHE A CD2 1 
ATOM   736  C CE1 . PHE A 1 87  ? -3.142  -3.055  1.973   1.00 11.53 ? 129 PHE A CE1 1 
ATOM   737  C CE2 . PHE A 1 87  ? -5.088  -2.238  0.838   1.00 10.03 ? 129 PHE A CE2 1 
ATOM   738  C CZ  . PHE A 1 87  ? -4.381  -2.447  2.013   1.00 11.33 ? 129 PHE A CZ  1 
ATOM   739  N N   . ASN A 1 88  ? -1.272  -3.888  -4.455  1.00 9.29  ? 130 ASN A N   1 
ATOM   740  C CA  . ASN A 1 88  ? -0.443  -4.675  -5.357  1.00 9.35  ? 130 ASN A CA  1 
ATOM   741  C C   . ASN A 1 88  ? 0.766   -3.902  -5.864  1.00 10.10 ? 130 ASN A C   1 
ATOM   742  O O   . ASN A 1 88  ? 1.855   -4.465  -5.982  1.00 11.17 ? 130 ASN A O   1 
ATOM   743  C CB  . ASN A 1 88  ? -1.280  -5.297  -6.481  1.00 11.78 ? 130 ASN A CB  1 
ATOM   744  C CG  . ASN A 1 88  ? -2.057  -6.519  -6.004  1.00 16.94 ? 130 ASN A CG  1 
ATOM   745  O OD1 . ASN A 1 88  ? -1.539  -7.330  -5.229  1.00 21.32 ? 130 ASN A OD1 1 
ATOM   746  N ND2 . ASN A 1 88  ? -3.290  -6.655  -6.458  1.00 20.20 ? 130 ASN A ND2 1 
ATOM   747  N N   . THR A 1 89  ? 0.594   -2.604  -6.103  1.00 8.97  ? 131 THR A N   1 
ATOM   748  C CA  . THR A 1 89  ? 1.713   -1.749  -6.473  1.00 9.58  ? 131 THR A CA  1 
ATOM   749  C C   . THR A 1 89  ? 2.750   -1.707  -5.345  1.00 8.81  ? 131 THR A C   1 
ATOM   750  O O   . THR A 1 89  ? 3.957   -1.806  -5.584  1.00 9.32  ? 131 THR A O   1 
ATOM   751  C CB  . THR A 1 89  ? 1.212   -0.336  -6.771  1.00 9.38  ? 131 THR A CB  1 
ATOM   752  O OG1 . THR A 1 89  ? 0.401   -0.370  -7.950  1.00 12.55 ? 131 THR A OG1 1 
ATOM   753  C CG2 . THR A 1 89  ? 2.383   0.626   -6.994  1.00 11.22 ? 131 THR A CG2 1 
ATOM   754  N N   . MET A 1 90  ? 2.276   -1.583  -4.111  1.00 8.69  ? 132 MET A N   1 
ATOM   755  C CA  . MET A 1 90  ? 3.163   -1.584  -2.958  1.00 9.16  ? 132 MET A CA  1 
ATOM   756  C C   . MET A 1 90  ? 3.997   -2.863  -2.897  1.00 8.54  ? 132 MET A C   1 
ATOM   757  O O   . MET A 1 90  ? 5.216   -2.810  -2.737  1.00 8.75  ? 132 MET A O   1 
ATOM   758  C CB  . MET A 1 90  ? 2.351   -1.415  -1.680  1.00 8.44  ? 132 MET A CB  1 
ATOM   759  C CG  . MET A 1 90  ? 3.186   -1.435  -0.419  1.00 9.17  ? 132 MET A CG  1 
ATOM   760  S SD  . MET A 1 90  ? 2.177   -1.320  1.063   1.00 10.33 ? 132 MET A SD  1 
ATOM   761  C CE  . MET A 1 90  ? 1.486   -2.968  1.129   1.00 12.00 ? 132 MET A CE  1 
ATOM   762  N N   . PHE A 1 91  ? 3.345   -4.012  -3.044  1.00 8.88  ? 133 PHE A N   1 
ATOM   763  C CA  . PHE A 1 91  ? 4.080   -5.266  -2.992  1.00 8.74  ? 133 PHE A CA  1 
ATOM   764  C C   . PHE A 1 91  ? 5.074   -5.392  -4.141  1.00 8.09  ? 133 PHE A C   1 
ATOM   765  O O   . PHE A 1 91  ? 6.251   -5.719  -3.926  1.00 9.14  ? 133 PHE A O   1 
ATOM   766  C CB  . PHE A 1 91  ? 3.115   -6.456  -2.991  1.00 9.98  ? 133 PHE A CB  1 
ATOM   767  C CG  . PHE A 1 91  ? 2.256   -6.535  -1.766  1.00 10.25 ? 133 PHE A CG  1 
ATOM   768  C CD1 . PHE A 1 91  ? 2.825   -6.484  -0.508  1.00 11.62 ? 133 PHE A CD1 1 
ATOM   769  C CD2 . PHE A 1 91  ? 0.878   -6.647  -1.874  1.00 10.10 ? 133 PHE A CD2 1 
ATOM   770  C CE1 . PHE A 1 91  ? 2.041   -6.554  0.631   1.00 12.75 ? 133 PHE A CE1 1 
ATOM   771  C CE2 . PHE A 1 91  ? 0.087   -6.714  -0.736  1.00 10.99 ? 133 PHE A CE2 1 
ATOM   772  C CZ  . PHE A 1 91  ? 0.668   -6.661  0.509   1.00 11.17 ? 133 PHE A CZ  1 
ATOM   773  N N   . THR A 1 92  ? 4.610   -5.142  -5.360  1.00 8.78  ? 134 THR A N   1 
ATOM   774  C CA  A THR A 1 92  ? 5.445   -5.235  -6.550  0.50 10.24 ? 134 THR A CA  1 
ATOM   775  C CA  B THR A 1 92  ? 5.499   -5.304  -6.496  0.50 10.23 ? 134 THR A CA  1 
ATOM   776  C C   . THR A 1 92  ? 6.664   -4.315  -6.457  1.00 10.08 ? 134 THR A C   1 
ATOM   777  O O   . THR A 1 92  ? 7.767   -4.678  -6.856  1.00 11.01 ? 134 THR A O   1 
ATOM   778  C CB  A THR A 1 92  ? 4.630   -4.891  -7.822  0.50 12.23 ? 134 THR A CB  1 
ATOM   779  C CB  B THR A 1 92  ? 4.765   -5.254  -7.845  0.50 11.80 ? 134 THR A CB  1 
ATOM   780  O OG1 A THR A 1 92  ? 3.534   -5.803  -7.953  0.50 13.61 ? 134 THR A OG1 1 
ATOM   781  O OG1 B THR A 1 92  ? 4.000   -4.049  -7.922  0.50 11.45 ? 134 THR A OG1 1 
ATOM   782  C CG2 A THR A 1 92  ? 5.496   -4.987  -9.062  0.50 14.14 ? 134 THR A CG2 1 
ATOM   783  C CG2 B THR A 1 92  ? 3.850   -6.467  -8.005  0.50 11.87 ? 134 THR A CG2 1 
ATOM   784  N N   . ASN A 1 93  ? 6.455   -3.098  -5.947  1.00 8.51  ? 135 ASN A N   1 
ATOM   785  C CA  . ASN A 1 93  ? 7.581   -2.161  -5.789  1.00 9.14  ? 135 ASN A CA  1 
ATOM   786  C C   . ASN A 1 93  ? 8.670   -2.781  -4.939  1.00 9.68  ? 135 ASN A C   1 
ATOM   787  O O   . ASN A 1 93  ? 9.859   -2.648  -5.227  1.00 9.60  ? 135 ASN A O   1 
ATOM   788  C CB  . ASN A 1 93  ? 7.159   -0.843  -5.134  1.00 9.90  ? 135 ASN A CB  1 
ATOM   789  C CG  . ASN A 1 93  ? 6.374   0.049   -6.060  1.00 10.47 ? 135 ASN A CG  1 
ATOM   790  O OD1 . ASN A 1 93  ? 6.364   -0.146  -7.271  1.00 11.19 ? 135 ASN A OD1 1 
ATOM   791  N ND2 . ASN A 1 93  ? 5.710   1.045   -5.488  1.00 9.69  ? 135 ASN A ND2 1 
ATOM   792  N N   . CYS A 1 94  ? 8.265   -3.466  -3.879  1.00 8.29  ? 136 CYS A N   1 
ATOM   793  C CA  . CYS A 1 94  ? 9.230   -4.099  -3.012  1.00 10.07 ? 136 CYS A CA  1 
ATOM   794  C C   . CYS A 1 94  ? 10.019  -5.176  -3.762  1.00 10.50 ? 136 CYS A C   1 
ATOM   795  O O   . CYS A 1 94  ? 11.240  -5.265  -3.629  1.00 10.30 ? 136 CYS A O   1 
ATOM   796  C CB  . CYS A 1 94  ? 8.528   -4.667  -1.787  1.00 9.71  ? 136 CYS A CB  1 
ATOM   797  S SG  . CYS A 1 94  ? 9.651   -5.302  -0.531  1.00 11.38 ? 136 CYS A SG  1 
ATOM   798  N N   . TYR A 1 95  ? 9.330   -5.973  -4.570  1.00 9.78  ? 137 TYR A N   1 
ATOM   799  C CA  . TYR A 1 95  ? 9.991   -7.040  -5.318  1.00 10.63 ? 137 TYR A CA  1 
ATOM   800  C C   . TYR A 1 95  ? 10.905  -6.464  -6.395  1.00 14.13 ? 137 TYR A C   1 
ATOM   801  O O   . TYR A 1 95  ? 11.959  -7.029  -6.694  1.00 15.71 ? 137 TYR A O   1 
ATOM   802  C CB  . TYR A 1 95  ? 8.959   -7.987  -5.931  1.00 11.22 ? 137 TYR A CB  1 
ATOM   803  C CG  . TYR A 1 95  ? 7.969   -8.503  -4.923  1.00 9.82  ? 137 TYR A CG  1 
ATOM   804  C CD1 . TYR A 1 95  ? 8.348   -8.746  -3.610  1.00 11.27 ? 137 TYR A CD1 1 
ATOM   805  C CD2 . TYR A 1 95  ? 6.644   -8.711  -5.268  1.00 11.10 ? 137 TYR A CD2 1 
ATOM   806  C CE1 . TYR A 1 95  ? 7.435   -9.207  -2.677  1.00 11.59 ? 137 TYR A CE1 1 
ATOM   807  C CE2 . TYR A 1 95  ? 5.729   -9.173  -4.346  1.00 11.57 ? 137 TYR A CE2 1 
ATOM   808  C CZ  . TYR A 1 95  ? 6.120   -9.413  -3.055  1.00 12.32 ? 137 TYR A CZ  1 
ATOM   809  O OH  . TYR A 1 95  ? 5.197   -9.867  -2.140  1.00 13.85 ? 137 TYR A OH  1 
ATOM   810  N N   . ILE A 1 96  ? 10.511  -5.326  -6.957  1.00 11.57 ? 138 ILE A N   1 
ATOM   811  C CA  . ILE A 1 96  ? 11.303  -4.657  -7.985  1.00 13.11 ? 138 ILE A CA  1 
ATOM   812  C C   . ILE A 1 96  ? 12.577  -4.032  -7.418  1.00 14.78 ? 138 ILE A C   1 
ATOM   813  O O   . ILE A 1 96  ? 13.665  -4.192  -7.987  1.00 16.85 ? 138 ILE A O   1 
ATOM   814  C CB  . ILE A 1 96  ? 10.474  -3.567  -8.708  1.00 11.40 ? 138 ILE A CB  1 
ATOM   815  C CG1 . ILE A 1 96  ? 9.395   -4.212  -9.580  1.00 14.05 ? 138 ILE A CG1 1 
ATOM   816  C CG2 . ILE A 1 96  ? 11.381  -2.665  -9.546  1.00 12.92 ? 138 ILE A CG2 1 
ATOM   817  C CD1 . ILE A 1 96  ? 8.390   -3.218  -10.129 1.00 16.29 ? 138 ILE A CD1 1 
ATOM   818  N N   . TYR A 1 97  ? 12.450  -3.313  -6.306  1.00 12.02 ? 139 TYR A N   1 
ATOM   819  C CA  . TYR A 1 97  ? 13.585  -2.576  -5.763  1.00 12.59 ? 139 TYR A CA  1 
ATOM   820  C C   . TYR A 1 97  ? 14.626  -3.492  -5.123  1.00 13.99 ? 139 TYR A C   1 
ATOM   821  O O   . TYR A 1 97  ? 15.820  -3.155  -5.072  1.00 17.06 ? 139 TYR A O   1 
ATOM   822  C CB  . TYR A 1 97  ? 13.136  -1.510  -4.756  1.00 12.62 ? 139 TYR A CB  1 
ATOM   823  C CG  . TYR A 1 97  ? 14.311  -0.780  -4.152  1.00 14.19 ? 139 TYR A CG  1 
ATOM   824  C CD1 . TYR A 1 97  ? 15.094  0.056   -4.930  1.00 13.95 ? 139 TYR A CD1 1 
ATOM   825  C CD2 . TYR A 1 97  ? 14.649  -0.942  -2.814  1.00 13.36 ? 139 TYR A CD2 1 
ATOM   826  C CE1 . TYR A 1 97  ? 16.186  0.715   -4.398  1.00 14.71 ? 139 TYR A CE1 1 
ATOM   827  C CE2 . TYR A 1 97  ? 15.734  -0.284  -2.271  1.00 15.94 ? 139 TYR A CE2 1 
ATOM   828  C CZ  . TYR A 1 97  ? 16.495  0.546   -3.067  1.00 14.63 ? 139 TYR A CZ  1 
ATOM   829  O OH  . TYR A 1 97  ? 17.582  1.198   -2.529  1.00 15.19 ? 139 TYR A OH  1 
ATOM   830  N N   . ASN A 1 98  ? 14.183  -4.645  -4.645  1.00 13.45 ? 140 ASN A N   1 
ATOM   831  C CA  . ASN A 1 98  ? 15.068  -5.528  -3.907  1.00 14.22 ? 140 ASN A CA  1 
ATOM   832  C C   . ASN A 1 98  ? 15.421  -6.791  -4.689  1.00 18.17 ? 140 ASN A C   1 
ATOM   833  O O   . ASN A 1 98  ? 15.407  -6.776  -5.925  1.00 25.37 ? 140 ASN A O   1 
ATOM   834  C CB  . ASN A 1 98  ? 14.466  -5.817  -2.531  1.00 13.21 ? 140 ASN A CB  1 
ATOM   835  C CG  . ASN A 1 98  ? 14.222  -4.540  -1.737  1.00 12.42 ? 140 ASN A CG  1 
ATOM   836  O OD1 . ASN A 1 98  ? 15.159  -3.950  -1.206  1.00 12.26 ? 140 ASN A OD1 1 
ATOM   837  N ND2 . ASN A 1 98  ? 12.968  -4.092  -1.681  1.00 11.84 ? 140 ASN A ND2 1 
ATOM   838  N N   . LYS A 1 99  ? 15.781  -7.858  -3.984  1.00 17.10 ? 141 LYS A N   1 
ATOM   839  C CA  . LYS A 1 99  ? 16.167  -9.113  -4.625  1.00 18.17 ? 141 LYS A CA  1 
ATOM   840  C C   . LYS A 1 99  ? 15.408  -10.244 -3.965  1.00 15.96 ? 141 LYS A C   1 
ATOM   841  O O   . LYS A 1 99  ? 15.025  -10.128 -2.806  1.00 15.78 ? 141 LYS A O   1 
ATOM   842  C CB  . LYS A 1 99  ? 17.673  -9.365  -4.451  1.00 20.16 ? 141 LYS A CB  1 
ATOM   843  C CG  . LYS A 1 99  ? 18.561  -8.180  -4.779  1.00 23.65 ? 141 LYS A CG  1 
ATOM   844  C CD  . LYS A 1 99  ? 20.040  -8.496  -4.556  1.00 24.15 ? 141 LYS A CD  1 
ATOM   845  C CE  . LYS A 1 99  ? 20.546  -9.517  -5.557  1.00 26.15 ? 141 LYS A CE  1 
ATOM   846  N NZ  . LYS A 1 99  ? 22.022  -9.695  -5.449  1.00 25.41 ? 141 LYS A NZ  1 
ATOM   847  N N   . PRO A 1 100 ? 15.198  -11.358 -4.689  1.00 15.14 ? 142 PRO A N   1 
ATOM   848  C CA  . PRO A 1 100 ? 14.539  -12.492 -4.045  1.00 16.60 ? 142 PRO A CA  1 
ATOM   849  C C   . PRO A 1 100 ? 15.337  -12.928 -2.821  1.00 16.23 ? 142 PRO A C   1 
ATOM   850  O O   . PRO A 1 100 ? 16.569  -12.958 -2.857  1.00 20.27 ? 142 PRO A O   1 
ATOM   851  C CB  . PRO A 1 100 ? 14.587  -13.582 -5.121  1.00 19.58 ? 142 PRO A CB  1 
ATOM   852  C CG  . PRO A 1 100 ? 14.678  -12.835 -6.405  1.00 19.48 ? 142 PRO A CG  1 
ATOM   853  C CD  . PRO A 1 100 ? 15.504  -11.624 -6.105  1.00 18.74 ? 142 PRO A CD  1 
ATOM   854  N N   . GLY A 1 101 ? 14.634  -13.224 -1.738  1.00 16.53 ? 143 GLY A N   1 
ATOM   855  C CA  . GLY A 1 101 ? 15.275  -13.700 -0.531  1.00 17.53 ? 143 GLY A CA  1 
ATOM   856  C C   . GLY A 1 101 ? 15.669  -12.626 0.466   1.00 14.85 ? 143 GLY A C   1 
ATOM   857  O O   . GLY A 1 101 ? 15.972  -12.956 1.611   1.00 16.54 ? 143 GLY A O   1 
ATOM   858  N N   . ASP A 1 102 ? 15.681  -11.358 0.049   1.00 12.71 ? 144 ASP A N   1 
ATOM   859  C CA  . ASP A 1 102 ? 16.005  -10.264 0.967   1.00 12.37 ? 144 ASP A CA  1 
ATOM   860  C C   . ASP A 1 102 ? 14.998  -10.246 2.108   1.00 11.34 ? 144 ASP A C   1 
ATOM   861  O O   . ASP A 1 102 ? 13.825  -10.577 1.912   1.00 10.59 ? 144 ASP A O   1 
ATOM   862  C CB  . ASP A 1 102 ? 15.958  -8.898  0.269   1.00 13.87 ? 144 ASP A CB  1 
ATOM   863  C CG  . ASP A 1 102 ? 17.153  -8.637  -0.626  1.00 15.94 ? 144 ASP A CG  1 
ATOM   864  O OD1 . ASP A 1 102 ? 18.122  -9.434  -0.615  1.00 18.49 ? 144 ASP A OD1 1 
ATOM   865  O OD2 . ASP A 1 102 ? 17.124  -7.612  -1.341  1.00 16.90 ? 144 ASP A OD2 1 
ATOM   866  N N   . ASP A 1 103 ? 15.450  -9.841  3.291   1.00 11.33 ? 145 ASP A N   1 
ATOM   867  C CA  . ASP A 1 103 ? 14.572  -9.763  4.452   1.00 9.56  ? 145 ASP A CA  1 
ATOM   868  C C   . ASP A 1 103 ? 13.297  -8.944  4.177   1.00 9.56  ? 145 ASP A C   1 
ATOM   869  O O   . ASP A 1 103 ? 12.191  -9.343  4.544   1.00 10.02 ? 145 ASP A O   1 
ATOM   870  C CB  . ASP A 1 103 ? 15.316  -9.211  5.672   1.00 9.12  ? 145 ASP A CB  1 
ATOM   871  C CG  . ASP A 1 103 ? 16.141  -10.273 6.388   1.00 10.73 ? 145 ASP A CG  1 
ATOM   872  O OD1 . ASP A 1 103 ? 16.028  -11.471 6.047   1.00 11.47 ? 145 ASP A OD1 1 
ATOM   873  O OD2 . ASP A 1 103 ? 16.883  -9.899  7.318   1.00 12.02 ? 145 ASP A OD2 1 
ATOM   874  N N   . ILE A 1 104 ? 13.449  -7.798  3.519   1.00 10.32 ? 146 ILE A N   1 
ATOM   875  C CA  . ILE A 1 104 ? 12.306  -6.943  3.245   1.00 10.05 ? 146 ILE A CA  1 
ATOM   876  C C   . ILE A 1 104 ? 11.319  -7.627  2.283   1.00 9.64  ? 146 ILE A C   1 
ATOM   877  O O   . ILE A 1 104 ? 10.102  -7.466  2.395   1.00 9.37  ? 146 ILE A O   1 
ATOM   878  C CB  . ILE A 1 104 ? 12.772  -5.566  2.718   1.00 10.26 ? 146 ILE A CB  1 
ATOM   879  C CG1 . ILE A 1 104 ? 11.602  -4.590  2.645   1.00 12.05 ? 146 ILE A CG1 1 
ATOM   880  C CG2 . ILE A 1 104 ? 13.472  -5.696  1.374   1.00 12.54 ? 146 ILE A CG2 1 
ATOM   881  C CD1 . ILE A 1 104 ? 11.087  -4.214  3.993   1.00 14.73 ? 146 ILE A CD1 1 
ATOM   882  N N   . VAL A 1 105 ? 11.861  -8.409  1.354   1.00 10.47 ? 147 VAL A N   1 
ATOM   883  C CA  . VAL A 1 105 ? 11.047  -9.173  0.424   1.00 9.90  ? 147 VAL A CA  1 
ATOM   884  C C   . VAL A 1 105 ? 10.290  -10.286 1.149   1.00 12.03 ? 147 VAL A C   1 
ATOM   885  O O   . VAL A 1 105 ? 9.110   -10.510 0.876   1.00 11.61 ? 147 VAL A O   1 
ATOM   886  C CB  . VAL A 1 105 ? 11.899  -9.711  -0.736  1.00 10.86 ? 147 VAL A CB  1 
ATOM   887  C CG1 . VAL A 1 105 ? 11.137  -10.753 -1.542  1.00 12.15 ? 147 VAL A CG1 1 
ATOM   888  C CG2 . VAL A 1 105 ? 12.350  -8.545  -1.618  1.00 12.45 ? 147 VAL A CG2 1 
ATOM   889  N N   . LEU A 1 106 ? 10.941  -10.970 2.090   1.00 9.74  ? 148 LEU A N   1 
ATOM   890  C CA  . LEU A 1 106 ? 10.246  -11.972 2.902   1.00 11.25 ? 148 LEU A CA  1 
ATOM   891  C C   . LEU A 1 106 ? 9.081   -11.347 3.664   1.00 10.67 ? 148 LEU A C   1 
ATOM   892  O O   . LEU A 1 106 ? 8.011   -11.953 3.804   1.00 11.97 ? 148 LEU A O   1 
ATOM   893  C CB  . LEU A 1 106 ? 11.208  -12.652 3.876   1.00 11.13 ? 148 LEU A CB  1 
ATOM   894  C CG  . LEU A 1 106 ? 12.364  -13.408 3.223   1.00 13.86 ? 148 LEU A CG  1 
ATOM   895  C CD1 . LEU A 1 106 ? 13.299  -13.955 4.294   1.00 13.38 ? 148 LEU A CD1 1 
ATOM   896  C CD2 . LEU A 1 106 ? 11.856  -14.531 2.351   1.00 16.08 ? 148 LEU A CD2 1 
ATOM   897  N N   . MET A 1 107 ? 9.264   -10.115 4.127   1.00 10.13 ? 149 MET A N   1 
ATOM   898  C CA  . MET A 1 107 ? 8.205   -9.406  4.824   1.00 10.16 ? 149 MET A CA  1 
ATOM   899  C C   . MET A 1 107 ? 7.038   -9.104  3.890   1.00 10.20 ? 149 MET A C   1 
ATOM   900  O O   . MET A 1 107 ? 5.881   -9.390  4.215   1.00 10.60 ? 149 MET A O   1 
ATOM   901  C CB  . MET A 1 107 ? 8.754   -8.120  5.438   1.00 10.72 ? 149 MET A CB  1 
ATOM   902  C CG  . MET A 1 107 ? 9.798   -8.387  6.509   1.00 8.53  ? 149 MET A CG  1 
ATOM   903  S SD  . MET A 1 107 ? 10.575  -6.887  7.089   1.00 17.36 ? 149 MET A SD  1 
ATOM   904  C CE  . MET A 1 107 ? 9.494   -6.443  8.389   1.00 14.65 ? 149 MET A CE  1 
ATOM   905  N N   . ALA A 1 108 ? 7.343   -8.545  2.724   1.00 10.48 ? 150 ALA A N   1 
ATOM   906  C CA  . ALA A 1 108 ? 6.298   -8.243  1.745   1.00 10.81 ? 150 ALA A CA  1 
ATOM   907  C C   . ALA A 1 108 ? 5.559   -9.512  1.299   1.00 11.88 ? 150 ALA A C   1 
ATOM   908  O O   . ALA A 1 108 ? 4.334   -9.498  1.170   1.00 11.46 ? 150 ALA A O   1 
ATOM   909  C CB  . ALA A 1 108 ? 6.878   -7.497  0.543   1.00 11.00 ? 150 ALA A CB  1 
ATOM   910  N N   . GLU A 1 109 ? 6.295   -10.604 1.085   1.00 10.83 ? 151 GLU A N   1 
ATOM   911  C CA  . GLU A 1 109 ? 5.683   -11.868 0.664   1.00 12.05 ? 151 GLU A CA  1 
ATOM   912  C C   . GLU A 1 109 ? 4.679   -12.379 1.699   1.00 12.37 ? 151 GLU A C   1 
ATOM   913  O O   . GLU A 1 109 ? 3.593   -12.869 1.347   1.00 12.62 ? 151 GLU A O   1 
ATOM   914  C CB  . GLU A 1 109 ? 6.748   -12.936 0.393   1.00 13.22 ? 151 GLU A CB  1 
ATOM   915  C CG  . GLU A 1 109 ? 7.544   -12.748 -0.900  1.00 15.45 ? 151 GLU A CG  1 
ATOM   916  C CD  . GLU A 1 109 ? 8.818   -13.577 -0.941  1.00 19.23 ? 151 GLU A CD  1 
ATOM   917  O OE1 . GLU A 1 109 ? 9.157   -14.205 0.077   1.00 20.65 ? 151 GLU A OE1 1 
ATOM   918  O OE2 . GLU A 1 109 ? 9.490   -13.596 -1.993  1.00 24.80 ? 151 GLU A OE2 1 
ATOM   919  N N   . ALA A 1 110 ? 5.027   -12.273 2.978   1.00 12.27 ? 152 ALA A N   1 
ATOM   920  C CA  . ALA A 1 110 ? 4.118   -12.699 4.035   1.00 12.70 ? 152 ALA A CA  1 
ATOM   921  C C   . ALA A 1 110 ? 2.864   -11.823 4.093   1.00 13.05 ? 152 ALA A C   1 
ATOM   922  O O   . ALA A 1 110 ? 1.753   -12.325 4.254   1.00 13.24 ? 152 ALA A O   1 
ATOM   923  C CB  . ALA A 1 110 ? 4.831   -12.722 5.384   1.00 15.14 ? 152 ALA A CB  1 
ATOM   924  N N   . LEU A 1 111 ? 3.040   -10.513 3.969   1.00 11.55 ? 153 LEU A N   1 
ATOM   925  C CA  . LEU A 1 111 ? 1.913   -9.601  3.995   1.00 11.67 ? 153 LEU A CA  1 
ATOM   926  C C   . LEU A 1 111 ? 1.022   -9.814  2.786   1.00 11.67 ? 153 LEU A C   1 
ATOM   927  O O   . LEU A 1 111 ? -0.201  -9.722  2.896   1.00 11.04 ? 153 LEU A O   1 
ATOM   928  C CB  . LEU A 1 111 ? 2.385   -8.149  4.025   1.00 12.44 ? 153 LEU A CB  1 
ATOM   929  C CG  . LEU A 1 111 ? 3.076   -7.739  5.317   1.00 13.44 ? 153 LEU A CG  1 
ATOM   930  C CD1 . LEU A 1 111 ? 3.684   -6.390  5.092   1.00 14.00 ? 153 LEU A CD1 1 
ATOM   931  C CD2 . LEU A 1 111 ? 2.096   -7.697  6.482   1.00 16.89 ? 153 LEU A CD2 1 
ATOM   932  N N   . GLU A 1 112 ? 1.631   -10.074 1.630   1.00 10.77 ? 154 GLU A N   1 
ATOM   933  C CA  . GLU A 1 112 ? 0.853   -10.287 0.413   1.00 11.92 ? 154 GLU A CA  1 
ATOM   934  C C   . GLU A 1 112 ? -0.044  -11.512 0.552   1.00 11.61 ? 154 GLU A C   1 
ATOM   935  O O   . GLU A 1 112 ? -1.208  -11.489 0.137   1.00 10.45 ? 154 GLU A O   1 
ATOM   936  C CB  . GLU A 1 112 ? 1.747   -10.405 -0.822  1.00 11.22 ? 154 GLU A CB  1 
ATOM   937  C CG  . GLU A 1 112 ? 0.956   -10.554 -2.119  1.00 12.19 ? 154 GLU A CG  1 
ATOM   938  C CD  . GLU A 1 112 ? 1.833   -10.784 -3.329  1.00 17.86 ? 154 GLU A CD  1 
ATOM   939  O OE1 . GLU A 1 112 ? 3.069   -10.835 -3.173  1.00 20.46 ? 154 GLU A OE1 1 
ATOM   940  O OE2 . GLU A 1 112 ? 1.285   -10.928 -4.441  1.00 20.18 ? 154 GLU A OE2 1 
ATOM   941  N N   . LYS A 1 113 ? 0.481   -12.578 1.149   1.00 10.99 ? 155 LYS A N   1 
ATOM   942  C CA  . LYS A 1 113 ? -0.320  -13.782 1.371   1.00 10.93 ? 155 LYS A CA  1 
ATOM   943  C C   . LYS A 1 113 ? -1.499  -13.503 2.287   1.00 10.59 ? 155 LYS A C   1 
ATOM   944  O O   . LYS A 1 113 ? -2.618  -13.955 2.029   1.00 11.60 ? 155 LYS A O   1 
ATOM   945  C CB  . LYS A 1 113 ? 0.542   -14.897 1.959   1.00 11.73 ? 155 LYS A CB  1 
ATOM   946  C CG  . LYS A 1 113 ? 1.407   -15.599 0.929   1.00 13.62 ? 155 LYS A CG  1 
ATOM   947  C CD  . LYS A 1 113 ? 2.332   -16.633 1.574   1.00 16.91 ? 155 LYS A CD  1 
ATOM   948  C CE  . LYS A 1 113 ? 3.246   -17.274 0.541   1.00 22.44 ? 155 LYS A CE  1 
ATOM   949  N NZ  . LYS A 1 113 ? 4.250   -18.191 1.167   1.00 26.01 ? 155 LYS A NZ  1 
ATOM   950  N N   . LEU A 1 114 ? -1.259  -12.766 3.366   1.00 10.56 ? 156 LEU A N   1 
ATOM   951  C CA  . LEU A 1 114 ? -2.320  -12.411 4.300   1.00 11.56 ? 156 LEU A CA  1 
ATOM   952  C C   . LEU A 1 114 ? -3.364  -11.517 3.615   1.00 10.42 ? 156 LEU A C   1 
ATOM   953  O O   . LEU A 1 114 ? -4.578  -11.689 3.797   1.00 11.58 ? 156 LEU A O   1 
ATOM   954  C CB  . LEU A 1 114 ? -1.736  -11.711 5.527   1.00 13.20 ? 156 LEU A CB  1 
ATOM   955  C CG  . LEU A 1 114 ? -2.678  -11.412 6.690   1.00 18.43 ? 156 LEU A CG  1 
ATOM   956  C CD1 . LEU A 1 114 ? -3.336  -12.694 7.182   1.00 20.40 ? 156 LEU A CD1 1 
ATOM   957  C CD2 . LEU A 1 114 ? -1.923  -10.729 7.832   1.00 22.05 ? 156 LEU A CD2 1 
ATOM   958  N N   . PHE A 1 115 ? -2.883  -10.556 2.828   1.00 9.68  ? 157 PHE A N   1 
ATOM   959  C CA  . PHE A 1 115 ? -3.739  -9.674  2.052   1.00 10.46 ? 157 PHE A CA  1 
ATOM   960  C C   . PHE A 1 115 ? -4.648  -10.475 1.126   1.00 9.53  ? 157 PHE A C   1 
ATOM   961  O O   . PHE A 1 115 ? -5.862  -10.267 1.105   1.00 9.19  ? 157 PHE A O   1 
ATOM   962  C CB  . PHE A 1 115 ? -2.868  -8.723  1.240   1.00 10.36 ? 157 PHE A CB  1 
ATOM   963  C CG  . PHE A 1 115 ? -3.635  -7.855  0.291   1.00 9.15  ? 157 PHE A CG  1 
ATOM   964  C CD1 . PHE A 1 115 ? -4.442  -6.830  0.760   1.00 9.95  ? 157 PHE A CD1 1 
ATOM   965  C CD2 . PHE A 1 115 ? -3.532  -8.054  -1.077  1.00 11.30 ? 157 PHE A CD2 1 
ATOM   966  C CE1 . PHE A 1 115 ? -5.148  -6.024  -0.119  1.00 11.36 ? 157 PHE A CE1 1 
ATOM   967  C CE2 . PHE A 1 115 ? -4.232  -7.241  -1.958  1.00 11.21 ? 157 PHE A CE2 1 
ATOM   968  C CZ  . PHE A 1 115 ? -5.039  -6.236  -1.474  1.00 11.50 ? 157 PHE A CZ  1 
ATOM   969  N N   . LEU A 1 116 ? -4.067  -11.408 0.376   1.00 9.77  ? 158 LEU A N   1 
ATOM   970  C CA  . LEU A 1 116 ? -4.862  -12.228 -0.534  1.00 10.41 ? 158 LEU A CA  1 
ATOM   971  C C   . LEU A 1 116 ? -5.904  -13.050 0.212   1.00 11.06 ? 158 LEU A C   1 
ATOM   972  O O   . LEU A 1 116 ? -7.036  -13.183 -0.251  1.00 11.13 ? 158 LEU A O   1 
ATOM   973  C CB  . LEU A 1 116 ? -3.970  -13.141 -1.377  1.00 11.72 ? 158 LEU A CB  1 
ATOM   974  C CG  . LEU A 1 116 ? -3.187  -12.448 -2.488  1.00 11.06 ? 158 LEU A CG  1 
ATOM   975  C CD1 . LEU A 1 116 ? -2.154  -13.383 -3.099  1.00 15.31 ? 158 LEU A CD1 1 
ATOM   976  C CD2 . LEU A 1 116 ? -4.123  -11.899 -3.561  1.00 14.27 ? 158 LEU A CD2 1 
ATOM   977  N N   . GLN A 1 117 ? -5.535  -13.593 1.369   1.00 11.36 ? 159 GLN A N   1 
ATOM   978  C CA  . GLN A 1 117 ? -6.486  -14.359 2.180   1.00 12.92 ? 159 GLN A CA  1 
ATOM   979  C C   . GLN A 1 117 ? -7.703  -13.512 2.530   1.00 12.43 ? 159 GLN A C   1 
ATOM   980  O O   . GLN A 1 117 ? -8.845  -13.965 2.443   1.00 13.13 ? 159 GLN A O   1 
ATOM   981  C CB  . GLN A 1 117 ? -5.843  -14.855 3.478   1.00 14.31 ? 159 GLN A CB  1 
ATOM   982  C CG  . GLN A 1 117 ? -4.888  -16.007 3.318   1.00 18.06 ? 159 GLN A CG  1 
ATOM   983  C CD  . GLN A 1 117 ? -4.125  -16.306 4.596   1.00 23.10 ? 159 GLN A CD  1 
ATOM   984  O OE1 . GLN A 1 117 ? -3.026  -16.855 4.557   1.00 27.54 ? 159 GLN A OE1 1 
ATOM   985  N NE2 . GLN A 1 117 ? -4.701  -15.938 5.735   1.00 21.78 ? 159 GLN A NE2 1 
ATOM   986  N N   . LYS A 1 118 ? -7.445  -12.268 2.909   1.00 11.98 ? 160 LYS A N   1 
ATOM   987  C CA  . LYS A 1 118 ? -8.491  -11.376 3.389   1.00 11.86 ? 160 LYS A CA  1 
ATOM   988  C C   . LYS A 1 118 ? -9.369  -10.819 2.266   1.00 10.29 ? 160 LYS A C   1 
ATOM   989  O O   . LYS A 1 118 ? -10.549 -10.555 2.485   1.00 12.32 ? 160 LYS A O   1 
ATOM   990  C CB  . LYS A 1 118 ? -7.883  -10.227 4.208   1.00 13.83 ? 160 LYS A CB  1 
ATOM   991  C CG  . LYS A 1 118 ? -7.293  -10.657 5.559   1.00 18.45 ? 160 LYS A CG  1 
ATOM   992  C CD  . LYS A 1 118 ? -8.364  -10.697 6.645   1.00 25.75 ? 160 LYS A CD  1 
ATOM   993  C CE  . LYS A 1 118 ? -7.766  -10.922 8.030   1.00 25.15 ? 160 LYS A CE  1 
ATOM   994  N NZ  . LYS A 1 118 ? -8.788  -10.738 9.111   1.00 26.82 ? 160 LYS A NZ  1 
ATOM   995  N N   . ILE A 1 119 ? -8.807  -10.637 1.072   1.00 10.94 ? 161 ILE A N   1 
ATOM   996  C CA  . ILE A 1 119 ? -9.618  -10.117 -0.029  1.00 11.90 ? 161 ILE A CA  1 
ATOM   997  C C   . ILE A 1 119 ? -10.274 -11.193 -0.887  1.00 13.39 ? 161 ILE A C   1 
ATOM   998  O O   . ILE A 1 119 ? -11.043 -10.875 -1.800  1.00 13.49 ? 161 ILE A O   1 
ATOM   999  C CB  . ILE A 1 119 ? -8.874  -9.100  -0.934  1.00 11.17 ? 161 ILE A CB  1 
ATOM   1000 C CG1 . ILE A 1 119 ? -7.792  -9.784  -1.763  1.00 11.38 ? 161 ILE A CG1 1 
ATOM   1001 C CG2 . ILE A 1 119 ? -8.328  -7.935  -0.113  1.00 11.64 ? 161 ILE A CG2 1 
ATOM   1002 C CD1 . ILE A 1 119 ? -7.335  -8.941  -2.956  1.00 12.80 ? 161 ILE A CD1 1 
ATOM   1003 N N   . ASN A 1 120 ? -9.992  -12.457 -0.582  1.00 13.35 ? 162 ASN A N   1 
ATOM   1004 C CA  . ASN A 1 120 ? -10.607 -13.574 -1.292  1.00 15.03 ? 162 ASN A CA  1 
ATOM   1005 C C   . ASN A 1 120 ? -12.128 -13.447 -1.283  1.00 17.98 ? 162 ASN A C   1 
ATOM   1006 O O   . ASN A 1 120 ? -12.789 -13.628 -2.310  1.00 20.55 ? 162 ASN A O   1 
ATOM   1007 C CB  . ASN A 1 120 ? -10.169 -14.896 -0.660  1.00 16.22 ? 162 ASN A CB  1 
ATOM   1008 C CG  . ASN A 1 120 ? -10.543 -16.101 -1.497  1.00 21.10 ? 162 ASN A CG  1 
ATOM   1009 O OD1 . ASN A 1 120 ? -9.868  -16.427 -2.475  1.00 28.07 ? 162 ASN A OD1 1 
ATOM   1010 N ND2 . ASN A 1 120 ? -11.594 -16.792 -1.093  1.00 23.30 ? 162 ASN A ND2 1 
ATOM   1011 N N   . GLU A 1 121 ? -12.675 -13.113 -0.121  1.00 16.40 ? 163 GLU A N   1 
ATOM   1012 C CA  . GLU A 1 121 ? -14.099 -12.827 0.000   1.00 17.14 ? 163 GLU A CA  1 
ATOM   1013 C C   . GLU A 1 121 ? -14.307 -11.432 0.554   1.00 16.62 ? 163 GLU A C   1 
ATOM   1014 O O   . GLU A 1 121 ? -13.851 -11.125 1.654   1.00 14.57 ? 163 GLU A O   1 
ATOM   1015 C CB  . GLU A 1 121 ? -14.781 -13.823 0.936   1.00 19.77 ? 163 GLU A CB  1 
ATOM   1016 C CG  . GLU A 1 121 ? -14.752 -15.258 0.486   1.00 23.13 ? 163 GLU A CG  1 
ATOM   1017 C CD  . GLU A 1 121 ? -15.454 -16.174 1.473   1.00 26.67 ? 163 GLU A CD  1 
ATOM   1018 O OE1 . GLU A 1 121 ? -16.206 -15.661 2.335   1.00 24.60 ? 163 GLU A OE1 1 
ATOM   1019 O OE2 . GLU A 1 121 ? -15.252 -17.407 1.394   1.00 33.16 ? 163 GLU A OE2 1 
ATOM   1020 N N   . LEU A 1 122 ? -15.017 -10.603 -0.202  1.00 15.95 ? 164 LEU A N   1 
ATOM   1021 C CA  . LEU A 1 122 ? -15.416 -9.281  0.245   1.00 17.19 ? 164 LEU A CA  1 
ATOM   1022 C C   . LEU A 1 122 ? -16.918 -9.278  0.479   1.00 17.52 ? 164 LEU A C   1 
ATOM   1023 O O   . LEU A 1 122 ? -17.629 -10.106 -0.085  1.00 17.44 ? 164 LEU A O   1 
ATOM   1024 C CB  . LEU A 1 122 ? -15.062 -8.243  -0.825  1.00 16.93 ? 164 LEU A CB  1 
ATOM   1025 C CG  . LEU A 1 122 ? -13.579 -8.175  -1.206  1.00 15.37 ? 164 LEU A CG  1 
ATOM   1026 C CD1 . LEU A 1 122 ? -13.371 -7.189  -2.349  1.00 19.18 ? 164 LEU A CD1 1 
ATOM   1027 C CD2 . LEU A 1 122 ? -12.723 -7.792  -0.004  1.00 17.09 ? 164 LEU A CD2 1 
ATOM   1028 N N   . PRO A 1 123 ? -17.417 -8.338  1.295   1.00 16.75 ? 165 PRO A N   1 
ATOM   1029 C CA  . PRO A 1 123 ? -18.880 -8.237  1.418   1.00 17.65 ? 165 PRO A CA  1 
ATOM   1030 C C   . PRO A 1 123 ? -19.564 -7.895  0.092   1.00 21.91 ? 165 PRO A C   1 
ATOM   1031 O O   . PRO A 1 123 ? -18.925 -7.403  -0.839  1.00 18.53 ? 165 PRO A O   1 
ATOM   1032 C CB  . PRO A 1 123 ? -19.080 -7.108  2.435   1.00 21.33 ? 165 PRO A CB  1 
ATOM   1033 C CG  . PRO A 1 123 ? -17.783 -6.371  2.467   1.00 19.38 ? 165 PRO A CG  1 
ATOM   1034 C CD  . PRO A 1 123 ? -16.711 -7.353  2.131   1.00 16.84 ? 165 PRO A CD  1 
ATOM   1035 N N   . THR A 1 124 ? -20.861 -8.176  0.005   1.00 21.26 ? 166 THR A N   1 
ATOM   1036 C CA  . THR A 1 124 ? -21.621 -7.876  -1.208  1.00 26.38 ? 166 THR A CA  1 
ATOM   1037 C C   . THR A 1 124 ? -22.100 -6.426  -1.242  1.00 27.36 ? 166 THR A C   1 
ATOM   1038 O O   . THR A 1 124 ? -22.313 -5.807  -0.197  1.00 29.68 ? 166 THR A O   1 
ATOM   1039 C CB  . THR A 1 124 ? -22.839 -8.802  -1.344  1.00 30.17 ? 166 THR A CB  1 
ATOM   1040 O OG1 . THR A 1 124 ? -23.625 -8.730  -0.148  1.00 34.69 ? 166 THR A OG1 1 
ATOM   1041 C CG2 . THR A 1 124 ? -22.392 -10.237 -1.564  1.00 30.97 ? 166 THR A CG2 1 
HETATM 1042 C CAH . 1A3 B 2 .   ? 10.458  1.864   11.692  0.50 19.95 ? 201 1A3 A CAH 1 
HETATM 1043 C CAE . 1A3 B 2 .   ? 9.449   1.516   12.579  0.50 18.93 ? 201 1A3 A CAE 1 
HETATM 1044 C CAD . 1A3 B 2 .   ? 8.125   1.803   12.289  0.50 18.65 ? 201 1A3 A CAD 1 
HETATM 1045 C CAF . 1A3 B 2 .   ? 7.809   2.447   11.105  0.50 19.66 ? 201 1A3 A CAF 1 
HETATM 1046 C CAI . 1A3 B 2 .   ? 8.820   2.801   10.221  0.50 19.83 ? 201 1A3 A CAI 1 
HETATM 1047 C CAR . 1A3 B 2 .   ? 10.146  2.502   10.498  0.50 21.17 ? 201 1A3 A CAR 1 
HETATM 1048 C CAN . 1A3 B 2 .   ? 11.234  2.892   9.543   0.50 23.69 ? 201 1A3 A CAN 1 
HETATM 1049 S SAW . 1A3 B 2 .   ? 11.102  2.179   7.922   0.50 25.76 ? 201 1A3 A SAW 1 
HETATM 1050 O OAB . 1A3 B 2 .   ? 9.859   1.462   7.802   0.50 22.68 ? 201 1A3 A OAB 1 
HETATM 1051 O OAC . 1A3 B 2 .   ? 11.135  3.284   6.955   0.50 28.67 ? 201 1A3 A OAC 1 
HETATM 1052 N NAO . 1A3 B 2 .   ? 12.371  1.192   7.601   0.50 20.30 ? 201 1A3 A NAO 1 
HETATM 1053 C CAS . 1A3 B 2 .   ? 12.720  0.502   6.376   1.00 22.53 ? 201 1A3 A CAS 1 
HETATM 1054 C CAM . 1A3 B 2 .   ? 11.897  0.356   5.247   1.00 19.08 ? 201 1A3 A CAM 1 
HETATM 1055 C CAJ . 1A3 B 2 .   ? 13.984  -0.073  6.358   1.00 21.65 ? 201 1A3 A CAJ 1 
HETATM 1056 C CAG . 1A3 B 2 .   ? 14.453  -0.773  5.259   1.00 25.07 ? 201 1A3 A CAG 1 
HETATM 1057 C CAK . 1A3 B 2 .   ? 13.641  -0.909  4.147   1.00 21.87 ? 201 1A3 A CAK 1 
HETATM 1058 C CAT . 1A3 B 2 .   ? 12.375  -0.346  4.130   1.00 19.26 ? 201 1A3 A CAT 1 
HETATM 1059 C CAU . 1A3 B 2 .   ? 11.587  -0.568  2.883   1.00 16.62 ? 201 1A3 A CAU 1 
HETATM 1060 C CAL . 1A3 B 2 .   ? 10.175  -0.352  2.681   1.00 16.80 ? 201 1A3 A CAL 1 
HETATM 1061 S SAQ . 1A3 B 2 .   ? 9.811   -0.757  1.199   1.00 17.08 ? 201 1A3 A SAQ 1 
HETATM 1062 C CAV . 1A3 B 2 .   ? 11.232  -1.257  0.629   1.00 13.66 ? 201 1A3 A CAV 1 
HETATM 1063 O OAA . 1A3 B 2 .   ? 11.500  -1.722  -0.619  1.00 12.92 ? 201 1A3 A OAA 1 
HETATM 1064 N NAP . 1A3 B 2 .   ? 12.214  -1.122  1.636   1.00 14.69 ? 201 1A3 A NAP 1 
HETATM 1065 O O   . HOH C 3 .   ? -11.729 13.396  -4.932  1.00 6.48  ? 301 HOH A O   1 
HETATM 1066 O O   . HOH C 3 .   ? 17.610  -13.059 7.688   1.00 12.18 ? 302 HOH A O   1 
HETATM 1067 O O   . HOH C 3 .   ? -12.414 -11.518 3.440   1.00 9.38  ? 303 HOH A O   1 
HETATM 1068 O O   . HOH C 3 .   ? 6.769   2.036   -2.682  1.00 12.57 ? 304 HOH A O   1 
HETATM 1069 O O   . HOH C 3 .   ? 7.044   1.906   2.523   1.00 13.10 ? 305 HOH A O   1 
HETATM 1070 O O   . HOH C 3 .   ? -7.597  -13.512 -2.851  1.00 14.31 ? 306 HOH A O   1 
HETATM 1071 O O   . HOH C 3 .   ? -11.537 11.070  -5.201  1.00 12.91 ? 307 HOH A O   1 
HETATM 1072 O O   . HOH C 3 .   ? -17.186 13.173  -5.196  1.00 13.72 ? 308 HOH A O   1 
HETATM 1073 O O   . HOH C 3 .   ? 14.877  -1.997  0.785   1.00 17.01 ? 309 HOH A O   1 
HETATM 1074 O O   . HOH C 3 .   ? -16.185 -1.293  -4.265  1.00 14.58 ? 310 HOH A O   1 
HETATM 1075 O O   . HOH C 3 .   ? 6.897   -1.185  -1.250  1.00 16.68 ? 311 HOH A O   1 
HETATM 1076 O O   . HOH C 3 .   ? -11.514 -13.577 2.489   1.00 15.89 ? 312 HOH A O   1 
HETATM 1077 O O   . HOH C 3 .   ? 13.972  -7.014  -7.881  1.00 17.97 ? 313 HOH A O   1 
HETATM 1078 O O   . HOH C 3 .   ? 9.439   -0.909  -2.219  1.00 12.27 ? 314 HOH A O   1 
HETATM 1079 O O   . HOH C 3 .   ? 15.621  -5.249  -8.200  1.00 16.44 ? 315 HOH A O   1 
HETATM 1080 O O   . HOH C 3 .   ? -5.100  2.652   -7.584  1.00 16.81 ? 316 HOH A O   1 
HETATM 1081 O O   . HOH C 3 .   ? -12.583 8.047   -8.485  1.00 14.84 ? 317 HOH A O   1 
HETATM 1082 O O   . HOH C 3 .   ? 17.072  -12.809 3.909   1.00 15.55 ? 318 HOH A O   1 
HETATM 1083 O O   . HOH C 3 .   ? 6.472   8.204   -1.766  1.00 14.34 ? 319 HOH A O   1 
HETATM 1084 O O   . HOH C 3 .   ? 6.808   4.304   -0.645  1.00 16.12 ? 320 HOH A O   1 
HETATM 1085 O O   . HOH C 3 .   ? 6.122   0.790   0.273   1.00 16.08 ? 321 HOH A O   1 
HETATM 1086 O O   . HOH C 3 .   ? 6.907   1.694   -9.340  1.00 15.59 ? 322 HOH A O   1 
HETATM 1087 O O   . HOH C 3 .   ? 18.520  10.213  -11.181 1.00 15.06 ? 323 HOH A O   1 
HETATM 1088 O O   . HOH C 3 .   ? -14.225 -3.106  -7.266  1.00 16.30 ? 324 HOH A O   1 
HETATM 1089 O O   . HOH C 3 .   ? 10.241  5.219   5.115   1.00 19.05 ? 325 HOH A O   1 
HETATM 1090 O O   . HOH C 3 .   ? 4.629   5.930   -1.176  1.00 12.99 ? 326 HOH A O   1 
HETATM 1091 O O   . HOH C 3 .   ? -12.807 5.387   -1.288  1.00 13.71 ? 327 HOH A O   1 
HETATM 1092 O O   . HOH C 3 .   ? 7.561   10.637  -0.600  1.00 16.72 ? 328 HOH A O   1 
HETATM 1093 O O   . HOH C 3 .   ? 4.843   -1.796  -9.058  1.00 18.68 ? 329 HOH A O   1 
HETATM 1094 O O   . HOH C 3 .   ? 5.782   9.736   -4.129  1.00 16.33 ? 330 HOH A O   1 
HETATM 1095 O O   . HOH C 3 .   ? -18.498 -3.320  4.788   1.00 22.06 ? 331 HOH A O   1 
HETATM 1096 O O   . HOH C 3 .   ? 4.888   -3.947  12.322  1.00 17.73 ? 332 HOH A O   1 
HETATM 1097 O O   . HOH C 3 .   ? 1.628   -14.739 5.620   1.00 19.28 ? 333 HOH A O   1 
HETATM 1098 O O   . HOH C 3 .   ? 15.431  7.703   -13.159 1.00 20.77 ? 334 HOH A O   1 
HETATM 1099 O O   . HOH C 3 .   ? -3.119  14.903  -0.994  1.00 17.33 ? 335 HOH A O   1 
HETATM 1100 O O   . HOH C 3 .   ? -13.550 4.637   1.382   1.00 18.24 ? 336 HOH A O   1 
HETATM 1101 O O   . HOH C 3 .   ? 0.939   9.949   0.778   1.00 16.33 ? 337 HOH A O   1 
HETATM 1102 O O   . HOH C 3 .   ? 9.593   10.072  1.120   1.00 17.97 ? 338 HOH A O   1 
HETATM 1103 O O   . HOH C 3 .   ? -13.759 -12.819 5.158   1.00 21.53 ? 339 HOH A O   1 
HETATM 1104 O O   . HOH C 3 .   ? 7.855   -14.756 3.885   1.00 20.69 ? 340 HOH A O   1 
HETATM 1105 O O   . HOH C 3 .   ? -9.118  -14.667 5.527   1.00 22.24 ? 341 HOH A O   1 
HETATM 1106 O O   . HOH C 3 .   ? -2.479  5.085   -7.297  1.00 19.36 ? 342 HOH A O   1 
HETATM 1107 O O   . HOH C 3 .   ? -12.917 2.873   3.262   1.00 19.56 ? 343 HOH A O   1 
HETATM 1108 O O   . HOH C 3 .   ? -1.339  1.741   -7.883  1.00 19.49 ? 344 HOH A O   1 
HETATM 1109 O O   . HOH C 3 .   ? 7.802   8.684   5.223   1.00 21.01 ? 345 HOH A O   1 
HETATM 1110 O O   . HOH C 3 .   ? -11.066 -12.646 5.632   1.00 20.52 ? 346 HOH A O   1 
HETATM 1111 O O   . HOH C 3 .   ? 8.905   1.918   -11.342 1.00 24.16 ? 347 HOH A O   1 
HETATM 1112 O O   . HOH C 3 .   ? -20.657 6.894   -2.415  1.00 22.92 ? 348 HOH A O   1 
HETATM 1113 O O   . HOH C 3 .   ? -4.633  7.540   -8.075  1.00 25.78 ? 349 HOH A O   1 
HETATM 1114 O O   . HOH C 3 .   ? -4.132  16.312  -5.460  1.00 24.42 ? 350 HOH A O   1 
HETATM 1115 O O   . HOH C 3 .   ? 2.501   -10.898 13.262  1.00 17.46 ? 351 HOH A O   1 
HETATM 1116 O O   . HOH C 3 .   ? 12.271  15.090  -5.459  1.00 21.04 ? 352 HOH A O   1 
HETATM 1117 O O   . HOH C 3 .   ? 0.637   -4.586  16.405  1.00 24.77 ? 353 HOH A O   1 
HETATM 1118 O O   . HOH C 3 .   ? 0.006   11.412  -6.569  1.00 24.28 ? 354 HOH A O   1 
HETATM 1119 O O   . HOH C 3 .   ? 2.478   6.615   -6.825  1.00 23.21 ? 355 HOH A O   1 
HETATM 1120 O O   . HOH C 3 .   ? -11.123 -11.571 8.101   1.00 20.57 ? 356 HOH A O   1 
HETATM 1121 O O   . HOH C 3 .   ? -1.117  -13.220 10.242  1.00 27.08 ? 357 HOH A O   1 
HETATM 1122 O O   . HOH C 3 .   ? -6.791  -14.051 7.203   1.00 24.72 ? 358 HOH A O   1 
HETATM 1123 O O   . HOH C 3 .   ? -2.857  -0.729  15.039  1.00 27.08 ? 359 HOH A O   1 
HETATM 1124 O O   . HOH C 3 .   ? 1.364   -13.240 12.342  1.00 27.72 ? 360 HOH A O   1 
HETATM 1125 O O   . HOH C 3 .   ? 17.165  10.283  -6.566  1.00 23.83 ? 361 HOH A O   1 
HETATM 1126 O O   . HOH C 3 .   ? -4.471  8.069   8.647   1.00 24.85 ? 362 HOH A O   1 
HETATM 1127 O O   . HOH C 3 .   ? -16.766 -3.246  7.298   1.00 26.13 ? 363 HOH A O   1 
HETATM 1128 O O   . HOH C 3 .   ? 13.808  7.111   13.954  1.00 29.91 ? 364 HOH A O   1 
HETATM 1129 O O   . HOH C 3 .   ? 19.957  14.467  1.373   1.00 29.51 ? 365 HOH A O   1 
HETATM 1130 O O   . HOH C 3 .   ? 12.697  -9.741  -6.320  1.00 21.91 ? 366 HOH A O   1 
HETATM 1131 O O   . HOH C 3 .   ? 2.165   -0.979  -10.031 1.00 23.63 ? 367 HOH A O   1 
HETATM 1132 O O   . HOH C 3 .   ? 8.708   14.543  0.212   1.00 27.99 ? 368 HOH A O   1 
HETATM 1133 O O   . HOH C 3 .   ? 17.313  -1.928  1.867   1.00 28.70 ? 369 HOH A O   1 
HETATM 1134 O O   . HOH C 3 .   ? -2.229  6.956   7.383   1.00 23.28 ? 370 HOH A O   1 
HETATM 1135 O O   . HOH C 3 .   ? -13.822 6.341   4.928   1.00 24.67 ? 371 HOH A O   1 
HETATM 1136 O O   . HOH C 3 .   ? 9.810   -15.309 6.191   1.00 27.93 ? 372 HOH A O   1 
HETATM 1137 O O   . HOH C 3 .   ? -0.548  -16.439 5.363   1.00 26.98 ? 373 HOH A O   1 
HETATM 1138 O O   . HOH C 3 .   ? -14.351 -5.722  -6.142  1.00 27.59 ? 374 HOH A O   1 
HETATM 1139 O O   . HOH C 3 .   ? 15.634  8.435   -4.526  1.00 21.91 ? 375 HOH A O   1 
HETATM 1140 O O   . HOH C 3 .   ? -18.883 -12.418 -0.113  1.00 28.49 ? 376 HOH A O   1 
HETATM 1141 O O   . HOH C 3 .   ? -6.122  5.305   -7.867  1.00 23.00 ? 377 HOH A O   1 
HETATM 1142 O O   . HOH C 3 .   ? -9.327  -9.005  11.529  1.00 22.06 ? 378 HOH A O   1 
HETATM 1143 O O   . HOH C 3 .   ? -14.660 3.669   5.451   1.00 27.65 ? 379 HOH A O   1 
HETATM 1144 O O   . HOH C 3 .   ? 20.368  1.569   3.845   1.00 28.31 ? 380 HOH A O   1 
HETATM 1145 O O   . HOH C 3 .   ? -11.030 0.247   -10.406 1.00 24.22 ? 381 HOH A O   1 
HETATM 1146 O O   . HOH C 3 .   ? 6.871   11.811  1.973   1.00 27.26 ? 382 HOH A O   1 
HETATM 1147 O O   . HOH C 3 .   ? 18.678  -12.036 -1.111  1.00 24.52 ? 383 HOH A O   1 
HETATM 1148 O O   . HOH C 3 .   ? 12.013  -14.185 -1.837  1.00 25.18 ? 384 HOH A O   1 
HETATM 1149 O O   . HOH C 3 .   ? 2.049   6.262   8.552   1.00 27.61 ? 385 HOH A O   1 
HETATM 1150 O O   . HOH C 3 .   ? 4.021   -16.250 5.294   1.00 28.17 ? 386 HOH A O   1 
HETATM 1151 O O   . HOH C 3 .   ? -0.456  13.355  0.119   1.00 26.33 ? 387 HOH A O   1 
HETATM 1152 O O   . HOH C 3 .   ? -17.364 -0.180  -9.191  1.00 23.78 ? 388 HOH A O   1 
HETATM 1153 O O   . HOH C 3 .   ? 19.869  10.250  -5.080  1.00 23.44 ? 389 HOH A O   1 
HETATM 1154 O O   . HOH C 3 .   ? 8.949   10.760  3.630   1.00 26.46 ? 390 HOH A O   1 
HETATM 1155 O O   . HOH C 3 .   ? 5.135   0.513   13.650  1.00 28.05 ? 391 HOH A O   1 
HETATM 1156 O O   . HOH C 3 .   ? 16.952  -5.492  0.325   1.00 25.16 ? 392 HOH A O   1 
HETATM 1157 O O   . HOH C 3 .   ? 10.708  -12.927 -4.016  1.00 24.26 ? 393 HOH A O   1 
HETATM 1158 O O   . HOH C 3 .   ? 17.123  15.806  0.660   1.00 33.01 ? 394 HOH A O   1 
HETATM 1159 O O   . HOH C 3 .   ? -9.538  5.077   10.324  1.00 27.54 ? 395 HOH A O   1 
HETATM 1160 O O   . HOH C 3 .   ? 2.523   -3.408  13.305  1.00 26.38 ? 396 HOH A O   1 
HETATM 1161 O O   . HOH C 3 .   ? 2.447   -14.342 8.262   1.00 26.46 ? 397 HOH A O   1 
HETATM 1162 O O   . HOH C 3 .   ? 18.381  -13.606 -4.771  1.00 28.13 ? 398 HOH A O   1 
HETATM 1163 O O   . HOH C 3 .   ? 16.269  -15.905 1.926   1.00 27.53 ? 399 HOH A O   1 
HETATM 1164 O O   . HOH C 3 .   ? -0.090  -1.635  15.090  1.00 27.88 ? 400 HOH A O   1 
HETATM 1165 O O   . HOH C 3 .   ? -7.182  10.614  7.311   1.00 29.23 ? 401 HOH A O   1 
HETATM 1166 O O   . HOH C 3 .   ? 5.460   -16.125 3.096   1.00 27.66 ? 402 HOH A O   1 
HETATM 1167 O O   . HOH C 3 .   ? 4.200   9.671   -6.477  1.00 22.84 ? 403 HOH A O   1 
HETATM 1168 O O   . HOH C 3 .   ? -12.494 -15.994 3.506   1.00 22.54 ? 404 HOH A O   1 
HETATM 1169 O O   . HOH C 3 .   ? -19.159 -2.895  -2.186  1.00 21.74 ? 405 HOH A O   1 
HETATM 1170 O O   . HOH C 3 .   ? -21.628 -1.280  -1.482  1.00 25.46 ? 406 HOH A O   1 
HETATM 1171 O O   . HOH C 3 .   ? 6.301   -4.032  14.567  1.00 26.82 ? 407 HOH A O   1 
HETATM 1172 O O   . HOH C 3 .   ? -16.028 -11.436 -2.819  1.00 26.82 ? 408 HOH A O   1 
HETATM 1173 O O   . HOH C 3 .   ? -4.666  -0.977  12.811  1.00 24.81 ? 409 HOH A O   1 
HETATM 1174 O O   . HOH C 3 .   ? -4.398  1.267   11.238  1.00 26.05 ? 410 HOH A O   1 
HETATM 1175 O O   . HOH C 3 .   ? 19.531  -13.443 1.292   1.00 27.43 ? 411 HOH A O   1 
HETATM 1176 O O   . HOH C 3 .   ? 4.247   -12.614 14.025  1.00 29.47 ? 412 HOH A O   1 
HETATM 1177 O O   . HOH C 3 .   ? 20.730  12.101  1.735   1.00 25.75 ? 413 HOH A O   1 
HETATM 1178 O O   . HOH C 3 .   ? -17.782 -6.619  7.793   1.00 28.59 ? 414 HOH A O   1 
HETATM 1179 O O   . HOH C 3 .   ? 5.459   -1.879  -12.015 1.00 33.57 ? 415 HOH A O   1 
HETATM 1180 O O   . HOH C 3 .   ? -14.489 -15.538 -3.394  1.00 31.10 ? 416 HOH A O   1 
HETATM 1181 O O   . HOH C 3 .   ? 1.310   8.293   5.845   1.00 31.61 ? 417 HOH A O   1 
HETATM 1182 O O   . HOH C 3 .   ? 0.898   2.804   14.016  1.00 32.49 ? 418 HOH A O   1 
HETATM 1183 O O   . HOH C 3 .   ? -16.765 -18.840 0.378   1.00 23.48 ? 419 HOH A O   1 
HETATM 1184 O O   . HOH C 3 .   ? -14.242 -6.532  12.065  1.00 23.18 ? 420 HOH A O   1 
HETATM 1185 O O   . HOH C 3 .   ? 16.109  5.239   -13.341 1.00 25.77 ? 421 HOH A O   1 
HETATM 1186 O O   . HOH C 3 .   ? -12.500 19.427  -10.490 1.00 21.68 ? 422 HOH A O   1 
HETATM 1187 O O   . HOH C 3 .   ? -7.611  11.202  4.473   1.00 24.92 ? 423 HOH A O   1 
HETATM 1188 O O   . HOH C 3 .   ? -9.773  12.752  4.329   1.00 28.26 ? 424 HOH A O   1 
HETATM 1189 O O   . HOH C 3 .   ? 14.060  15.345  -0.454  1.00 30.07 ? 425 HOH A O   1 
HETATM 1190 O O   . HOH C 3 .   ? -17.189 -19.221 -1.865  1.00 27.15 ? 426 HOH A O   1 
HETATM 1191 O O   . HOH C 3 .   ? -4.841  -5.629  -8.401  1.00 26.99 ? 427 HOH A O   1 
HETATM 1192 O O   . HOH C 3 .   ? 10.994  8.919   7.893   1.00 29.79 ? 428 HOH A O   1 
HETATM 1193 O O   . HOH C 3 .   ? 9.485   2.684   5.781   1.00 20.92 ? 429 HOH A O   1 
HETATM 1194 O O   . HOH C 3 .   ? -20.652 -0.632  -8.397  1.00 28.08 ? 430 HOH A O   1 
HETATM 1195 O O   . HOH C 3 .   ? 16.134  -6.544  3.206   1.00 15.84 ? 431 HOH A O   1 
HETATM 1196 O O   . HOH C 3 .   ? -6.249  13.307  2.616   1.00 29.21 ? 432 HOH A O   1 
# 
